data_2KT8
#
_entry.id   2KT8
#
_entity_poly.entity_id   1
_entity_poly.type   'polypeptide(L)'
_entity_poly.pdbx_seq_one_letter_code
;AEKTGIVNVSSSLNVREGASTSSKVIGSLSGNTKVTIVGEEGAFYKIEYKGSHGYVAKEYIKDIKDEVLEHHHHHH
;
_entity_poly.pdbx_strand_id   A
#
# COMPACT_ATOMS: atom_id res chain seq x y z
N ALA A 1 6.72 7.02 -11.23
CA ALA A 1 7.61 6.22 -10.36
C ALA A 1 6.77 5.46 -9.32
N GLU A 2 6.59 4.19 -9.53
CA GLU A 2 5.76 3.39 -8.57
C GLU A 2 6.51 3.20 -7.26
N LYS A 3 5.79 3.07 -6.18
CA LYS A 3 6.42 2.89 -4.84
C LYS A 3 5.85 1.63 -4.18
N THR A 4 6.68 0.91 -3.45
CA THR A 4 6.21 -0.34 -2.77
C THR A 4 6.34 -0.18 -1.25
N GLY A 5 5.24 -0.31 -0.56
CA GLY A 5 5.26 -0.17 0.93
C GLY A 5 5.22 -1.55 1.59
N ILE A 6 6.01 -1.73 2.62
CA ILE A 6 6.02 -3.05 3.33
C ILE A 6 4.93 -3.08 4.40
N VAL A 7 4.05 -4.03 4.33
CA VAL A 7 2.94 -4.12 5.33
C VAL A 7 3.49 -4.63 6.67
N ASN A 8 3.11 -3.99 7.75
CA ASN A 8 3.59 -4.42 9.09
C ASN A 8 2.38 -4.59 10.02
N VAL A 9 1.96 -5.82 10.25
CA VAL A 9 0.78 -6.07 11.14
C VAL A 9 1.09 -7.26 12.06
N SER A 10 0.36 -7.37 13.13
CA SER A 10 0.58 -8.49 14.08
C SER A 10 -0.20 -9.73 13.61
N SER A 11 -1.04 -9.56 12.63
CA SER A 11 -1.84 -10.72 12.12
C SER A 11 -2.08 -10.54 10.62
N SER A 12 -2.85 -9.56 10.26
CA SER A 12 -3.14 -9.33 8.81
C SER A 12 -3.56 -7.88 8.59
N LEU A 13 -3.57 -7.43 7.36
CA LEU A 13 -3.96 -6.02 7.06
C LEU A 13 -5.27 -5.99 6.28
N ASN A 14 -6.22 -5.20 6.73
CA ASN A 14 -7.53 -5.11 6.02
C ASN A 14 -7.43 -4.07 4.89
N VAL A 15 -8.12 -4.32 3.81
CA VAL A 15 -8.09 -3.37 2.65
C VAL A 15 -9.46 -2.70 2.53
N ARG A 16 -9.47 -1.40 2.41
CA ARG A 16 -10.76 -0.65 2.29
C ARG A 16 -10.88 -0.06 0.88
N GLU A 17 -12.09 0.00 0.38
CA GLU A 17 -12.32 0.57 -0.97
C GLU A 17 -12.52 2.08 -0.85
N GLY A 18 -12.79 2.54 0.34
CA GLY A 18 -13.00 4.00 0.56
C GLY A 18 -11.70 4.64 1.05
N ALA A 19 -11.78 5.41 2.11
CA ALA A 19 -10.56 6.07 2.66
C ALA A 19 -10.76 6.29 4.16
N SER A 20 -11.93 6.00 4.66
CA SER A 20 -12.21 6.19 6.11
C SER A 20 -11.68 5.01 6.93
N THR A 21 -11.73 5.13 8.23
CA THR A 21 -11.24 4.03 9.12
C THR A 21 -12.14 2.80 8.97
N SER A 22 -13.41 2.99 8.70
CA SER A 22 -14.34 1.84 8.55
C SER A 22 -15.26 2.09 7.37
N SER A 23 -14.70 2.27 6.20
CA SER A 23 -15.52 2.52 4.98
C SER A 23 -16.14 1.21 4.49
N LYS A 24 -15.37 0.41 3.81
CA LYS A 24 -15.90 -0.88 3.29
C LYS A 24 -14.75 -1.86 3.05
N VAL A 25 -14.69 -2.91 3.82
CA VAL A 25 -13.61 -3.91 3.64
C VAL A 25 -13.94 -4.85 2.48
N ILE A 26 -13.03 -5.02 1.57
CA ILE A 26 -13.26 -5.92 0.40
C ILE A 26 -12.37 -7.16 0.52
N GLY A 27 -11.50 -7.17 1.50
CA GLY A 27 -10.60 -8.35 1.66
C GLY A 27 -9.45 -8.01 2.60
N SER A 28 -8.36 -8.74 2.51
CA SER A 28 -7.20 -8.47 3.41
C SER A 28 -5.91 -8.95 2.73
N LEU A 29 -4.79 -8.50 3.24
CA LEU A 29 -3.47 -8.91 2.66
C LEU A 29 -2.58 -9.48 3.77
N SER A 30 -1.69 -10.36 3.39
CA SER A 30 -0.79 -10.99 4.39
C SER A 30 0.25 -9.98 4.90
N GLY A 31 0.84 -10.26 6.03
CA GLY A 31 1.86 -9.33 6.59
C GLY A 31 3.12 -9.30 5.72
N ASN A 32 3.90 -8.25 5.88
CA ASN A 32 5.15 -8.11 5.08
C ASN A 32 4.82 -8.12 3.58
N THR A 33 3.56 -8.16 3.25
CA THR A 33 3.17 -8.17 1.81
C THR A 33 3.43 -6.80 1.18
N LYS A 34 3.99 -6.80 0.00
CA LYS A 34 4.30 -5.51 -0.68
C LYS A 34 3.07 -5.00 -1.42
N VAL A 35 2.85 -3.71 -1.38
CA VAL A 35 1.66 -3.11 -2.08
C VAL A 35 2.13 -1.99 -3.01
N THR A 36 1.69 -2.01 -4.23
CA THR A 36 2.11 -0.97 -5.21
C THR A 36 1.28 0.31 -4.98
N ILE A 37 1.96 1.43 -4.86
CA ILE A 37 1.26 2.72 -4.64
C ILE A 37 1.43 3.61 -5.88
N VAL A 38 0.35 4.12 -6.38
CA VAL A 38 0.40 5.02 -7.58
C VAL A 38 0.07 6.45 -7.16
N GLY A 39 -0.24 6.65 -5.91
CA GLY A 39 -0.55 8.02 -5.44
C GLY A 39 -0.91 8.02 -3.95
N GLU A 40 -1.18 9.18 -3.39
CA GLU A 40 -1.53 9.27 -1.94
C GLU A 40 -2.75 10.17 -1.79
N GLU A 41 -3.48 9.98 -0.73
CA GLU A 41 -4.69 10.81 -0.48
C GLU A 41 -5.01 10.83 1.01
N GLY A 42 -4.91 11.98 1.62
CA GLY A 42 -5.21 12.10 3.08
C GLY A 42 -4.22 11.29 3.91
N ALA A 43 -4.70 10.69 4.96
CA ALA A 43 -3.80 9.87 5.84
C ALA A 43 -3.81 8.43 5.35
N PHE A 44 -4.21 8.22 4.11
CA PHE A 44 -4.25 6.83 3.56
C PHE A 44 -3.53 6.78 2.22
N TYR A 45 -2.97 5.65 1.88
CA TYR A 45 -2.23 5.51 0.59
C TYR A 45 -3.09 4.77 -0.42
N LYS A 46 -3.06 5.19 -1.66
CA LYS A 46 -3.85 4.52 -2.71
C LYS A 46 -3.00 3.43 -3.36
N ILE A 47 -3.55 2.24 -3.47
CA ILE A 47 -2.79 1.12 -4.09
C ILE A 47 -3.62 0.45 -5.18
N GLU A 48 -2.96 -0.21 -6.10
CA GLU A 48 -3.68 -0.89 -7.21
C GLU A 48 -4.20 -2.25 -6.72
N TYR A 49 -5.45 -2.29 -6.33
CA TYR A 49 -6.03 -3.58 -5.84
C TYR A 49 -6.53 -4.40 -7.02
N LYS A 50 -6.41 -5.70 -6.94
CA LYS A 50 -6.86 -6.57 -8.05
C LYS A 50 -8.39 -6.51 -8.18
N GLY A 51 -8.86 -5.74 -9.14
CA GLY A 51 -10.33 -5.60 -9.36
C GLY A 51 -10.74 -4.14 -9.12
N SER A 52 -9.96 -3.42 -8.35
CA SER A 52 -10.31 -1.99 -8.09
C SER A 52 -9.15 -1.28 -7.41
N HIS A 53 -9.44 -0.22 -6.69
CA HIS A 53 -8.36 0.55 -5.98
C HIS A 53 -8.47 0.31 -4.47
N GLY A 54 -7.42 -0.17 -3.87
CA GLY A 54 -7.43 -0.45 -2.40
C GLY A 54 -6.90 0.77 -1.64
N TYR A 55 -7.39 0.98 -0.45
CA TYR A 55 -6.93 2.14 0.38
C TYR A 55 -6.50 1.64 1.75
N VAL A 56 -5.34 2.05 2.21
CA VAL A 56 -4.85 1.59 3.55
C VAL A 56 -4.23 2.76 4.31
N ALA A 57 -4.25 2.70 5.61
CA ALA A 57 -3.68 3.79 6.44
C ALA A 57 -2.14 3.77 6.41
N LYS A 58 -1.53 4.91 6.57
CA LYS A 58 -0.03 4.98 6.56
C LYS A 58 0.55 4.26 7.78
N GLU A 59 -0.23 4.07 8.80
CA GLU A 59 0.28 3.40 10.02
C GLU A 59 0.65 1.94 9.72
N TYR A 60 -0.06 1.30 8.84
CA TYR A 60 0.25 -0.11 8.52
C TYR A 60 1.32 -0.17 7.41
N ILE A 61 1.77 0.98 6.97
CA ILE A 61 2.81 1.01 5.89
C ILE A 61 4.14 1.46 6.48
N LYS A 62 5.17 0.69 6.25
CA LYS A 62 6.51 1.02 6.80
C LYS A 62 7.61 0.72 5.79
N ASP A 63 8.68 1.47 5.85
CA ASP A 63 9.82 1.27 4.90
C ASP A 63 9.32 1.32 3.45
N ILE A 64 8.99 2.48 2.98
CA ILE A 64 8.50 2.63 1.58
C ILE A 64 9.69 2.90 0.67
N LYS A 65 9.98 1.99 -0.23
CA LYS A 65 11.13 2.18 -1.17
C LYS A 65 10.78 1.64 -2.55
N ASP A 66 11.34 2.23 -3.57
CA ASP A 66 11.05 1.76 -4.96
C ASP A 66 11.62 0.36 -5.18
N GLU A 67 10.90 -0.46 -5.91
CA GLU A 67 11.39 -1.83 -6.18
C GLU A 67 10.54 -2.44 -7.30
N VAL A 68 10.78 -2.05 -8.53
CA VAL A 68 9.97 -2.59 -9.67
C VAL A 68 10.73 -3.77 -10.29
N LEU A 69 11.94 -3.99 -9.87
CA LEU A 69 12.75 -5.13 -10.41
C LEU A 69 12.97 -4.97 -11.93
N GLU A 70 14.21 -4.87 -12.33
CA GLU A 70 14.53 -4.72 -13.78
C GLU A 70 14.01 -5.92 -14.58
N HIS A 71 13.64 -5.68 -15.80
CA HIS A 71 13.11 -6.77 -16.67
C HIS A 71 14.21 -7.80 -16.97
N HIS A 72 13.82 -8.90 -17.57
CA HIS A 72 14.80 -9.96 -17.92
C HIS A 72 15.60 -10.35 -16.68
N HIS A 73 15.03 -11.18 -15.85
CA HIS A 73 15.74 -11.63 -14.61
C HIS A 73 16.95 -12.49 -14.99
N HIS A 74 16.80 -13.30 -16.00
CA HIS A 74 17.94 -14.18 -16.42
C HIS A 74 19.17 -13.34 -16.76
N HIS A 75 20.26 -13.61 -16.10
CA HIS A 75 21.51 -12.84 -16.36
C HIS A 75 22.21 -13.40 -17.59
N HIS A 76 22.58 -12.54 -18.51
CA HIS A 76 23.28 -12.98 -19.74
C HIS A 76 24.50 -13.84 -19.37
N ALA A 1 6.82 6.77 -11.30
CA ALA A 1 7.67 6.31 -10.17
C ALA A 1 6.78 5.68 -9.10
N GLU A 2 6.42 4.43 -9.29
CA GLU A 2 5.55 3.75 -8.29
C GLU A 2 6.33 3.43 -7.03
N LYS A 3 5.66 3.39 -5.90
CA LYS A 3 6.34 3.09 -4.61
C LYS A 3 5.73 1.83 -4.00
N THR A 4 6.51 1.09 -3.24
CA THR A 4 5.99 -0.17 -2.62
C THR A 4 6.06 -0.03 -1.09
N GLY A 5 4.92 -0.06 -0.45
CA GLY A 5 4.89 0.08 1.04
C GLY A 5 4.90 -1.31 1.69
N ILE A 6 5.82 -1.55 2.57
CA ILE A 6 5.89 -2.89 3.23
C ILE A 6 4.87 -2.95 4.37
N VAL A 7 3.99 -3.91 4.35
CA VAL A 7 2.96 -4.04 5.42
C VAL A 7 3.60 -4.64 6.67
N ASN A 8 3.35 -4.06 7.81
CA ASN A 8 3.91 -4.59 9.09
C ASN A 8 2.78 -4.79 10.10
N VAL A 9 2.29 -6.01 10.22
CA VAL A 9 1.18 -6.29 11.18
C VAL A 9 1.46 -7.60 11.93
N SER A 10 0.86 -7.78 13.06
CA SER A 10 1.08 -9.03 13.86
C SER A 10 0.11 -10.11 13.36
N SER A 11 -0.86 -9.74 12.57
CA SER A 11 -1.85 -10.73 12.06
C SER A 11 -2.05 -10.52 10.56
N SER A 12 -2.83 -9.54 10.19
CA SER A 12 -3.06 -9.29 8.73
C SER A 12 -3.53 -7.86 8.54
N LEU A 13 -3.49 -7.37 7.32
CA LEU A 13 -3.94 -5.97 7.03
C LEU A 13 -5.21 -6.00 6.18
N ASN A 14 -6.21 -5.25 6.57
CA ASN A 14 -7.48 -5.24 5.79
C ASN A 14 -7.44 -4.10 4.76
N VAL A 15 -8.02 -4.34 3.61
CA VAL A 15 -8.04 -3.30 2.54
C VAL A 15 -9.32 -2.47 2.66
N ARG A 16 -9.20 -1.17 2.63
CA ARG A 16 -10.40 -0.29 2.76
C ARG A 16 -10.83 0.23 1.39
N GLU A 17 -12.08 0.11 1.06
CA GLU A 17 -12.58 0.58 -0.25
C GLU A 17 -12.58 2.11 -0.27
N GLY A 18 -12.97 2.74 0.81
CA GLY A 18 -13.02 4.23 0.86
C GLY A 18 -11.87 4.77 1.73
N ALA A 19 -11.89 6.04 2.01
CA ALA A 19 -10.81 6.65 2.84
C ALA A 19 -11.35 6.88 4.26
N SER A 20 -11.80 5.85 4.91
CA SER A 20 -12.33 6.02 6.29
C SER A 20 -12.36 4.67 7.01
N THR A 21 -12.31 4.68 8.31
CA THR A 21 -12.34 3.41 9.09
C THR A 21 -13.69 2.71 8.92
N SER A 22 -14.74 3.47 8.77
CA SER A 22 -16.09 2.85 8.60
C SER A 22 -16.24 2.39 7.15
N SER A 23 -15.17 2.43 6.40
CA SER A 23 -15.24 2.01 4.97
C SER A 23 -15.46 0.50 4.86
N LYS A 24 -15.95 0.05 3.74
CA LYS A 24 -16.21 -1.41 3.56
C LYS A 24 -14.94 -2.15 3.12
N VAL A 25 -14.72 -3.31 3.68
CA VAL A 25 -13.51 -4.10 3.31
C VAL A 25 -13.83 -5.01 2.12
N ILE A 26 -12.98 -5.00 1.12
CA ILE A 26 -13.20 -5.86 -0.08
C ILE A 26 -12.26 -7.06 0.00
N GLY A 27 -11.37 -7.09 0.96
CA GLY A 27 -10.44 -8.24 1.07
C GLY A 27 -9.34 -7.93 2.09
N SER A 28 -8.44 -8.85 2.29
CA SER A 28 -7.33 -8.63 3.27
C SER A 28 -6.01 -9.07 2.63
N LEU A 29 -4.91 -8.55 3.11
CA LEU A 29 -3.57 -8.92 2.54
C LEU A 29 -2.68 -9.49 3.65
N SER A 30 -1.81 -10.39 3.30
CA SER A 30 -0.91 -11.02 4.30
C SER A 30 0.14 -10.00 4.79
N GLY A 31 0.57 -10.15 6.00
CA GLY A 31 1.58 -9.22 6.58
C GLY A 31 2.91 -9.31 5.83
N ASN A 32 3.75 -8.32 6.00
CA ASN A 32 5.08 -8.30 5.32
C ASN A 32 4.89 -8.14 3.81
N THR A 33 3.73 -8.44 3.30
CA THR A 33 3.50 -8.33 1.84
C THR A 33 3.54 -6.86 1.42
N LYS A 34 4.21 -6.56 0.33
CA LYS A 34 4.29 -5.15 -0.15
C LYS A 34 3.12 -4.86 -1.10
N VAL A 35 2.66 -3.64 -1.13
CA VAL A 35 1.53 -3.26 -2.03
C VAL A 35 1.97 -2.12 -2.94
N THR A 36 1.72 -2.25 -4.21
CA THR A 36 2.13 -1.20 -5.18
C THR A 36 1.31 0.07 -4.94
N ILE A 37 1.98 1.19 -4.84
CA ILE A 37 1.29 2.49 -4.61
C ILE A 37 1.38 3.35 -5.87
N VAL A 38 0.27 3.87 -6.32
CA VAL A 38 0.27 4.73 -7.54
C VAL A 38 -0.10 6.16 -7.14
N GLY A 39 -0.33 6.39 -5.87
CA GLY A 39 -0.68 7.77 -5.44
C GLY A 39 -0.91 7.81 -3.93
N GLU A 40 -1.24 8.96 -3.39
CA GLU A 40 -1.47 9.08 -1.92
C GLU A 40 -2.67 9.99 -1.66
N GLU A 41 -3.34 9.81 -0.54
CA GLU A 41 -4.50 10.68 -0.23
C GLU A 41 -4.69 10.74 1.29
N GLY A 42 -4.39 11.88 1.88
CA GLY A 42 -4.56 12.05 3.35
C GLY A 42 -3.70 11.04 4.12
N ALA A 43 -4.22 10.53 5.20
CA ALA A 43 -3.46 9.54 6.02
C ALA A 43 -3.63 8.15 5.42
N PHE A 44 -4.05 8.08 4.19
CA PHE A 44 -4.25 6.75 3.52
C PHE A 44 -3.54 6.74 2.18
N TYR A 45 -3.02 5.61 1.79
CA TYR A 45 -2.30 5.50 0.48
C TYR A 45 -3.15 4.71 -0.51
N LYS A 46 -3.05 5.04 -1.77
CA LYS A 46 -3.84 4.30 -2.79
C LYS A 46 -3.00 3.13 -3.32
N ILE A 47 -3.62 2.00 -3.52
CA ILE A 47 -2.87 0.80 -4.03
C ILE A 47 -3.64 0.13 -5.16
N GLU A 48 -2.96 -0.62 -5.96
CA GLU A 48 -3.63 -1.34 -7.09
C GLU A 48 -4.22 -2.65 -6.58
N TYR A 49 -5.47 -2.64 -6.19
CA TYR A 49 -6.12 -3.88 -5.67
C TYR A 49 -6.93 -4.53 -6.79
N LYS A 50 -6.81 -5.82 -6.95
CA LYS A 50 -7.56 -6.51 -8.03
C LYS A 50 -9.04 -6.12 -8.01
N GLY A 51 -9.44 -5.31 -8.97
CA GLY A 51 -10.87 -4.87 -9.06
C GLY A 51 -10.93 -3.35 -9.04
N SER A 52 -10.29 -2.72 -8.08
CA SER A 52 -10.32 -1.23 -8.02
C SER A 52 -9.14 -0.72 -7.20
N HIS A 53 -9.17 0.53 -6.82
CA HIS A 53 -8.06 1.10 -6.02
C HIS A 53 -8.35 0.95 -4.53
N GLY A 54 -7.52 0.20 -3.84
CA GLY A 54 -7.74 -0.03 -2.38
C GLY A 54 -7.10 1.11 -1.58
N TYR A 55 -7.50 1.28 -0.34
CA TYR A 55 -6.91 2.36 0.51
C TYR A 55 -6.36 1.74 1.79
N VAL A 56 -5.19 2.16 2.21
CA VAL A 56 -4.58 1.60 3.46
C VAL A 56 -3.98 2.74 4.28
N ALA A 57 -4.19 2.72 5.56
CA ALA A 57 -3.65 3.81 6.44
C ALA A 57 -2.12 3.80 6.41
N LYS A 58 -1.52 4.97 6.45
CA LYS A 58 -0.04 5.06 6.45
C LYS A 58 0.53 4.36 7.69
N GLU A 59 -0.31 4.06 8.63
CA GLU A 59 0.15 3.39 9.89
C GLU A 59 0.62 1.96 9.59
N TYR A 60 0.04 1.29 8.62
CA TYR A 60 0.46 -0.12 8.34
C TYR A 60 1.55 -0.11 7.26
N ILE A 61 1.78 1.00 6.61
CA ILE A 61 2.83 1.07 5.56
C ILE A 61 4.13 1.57 6.17
N LYS A 62 5.22 0.90 5.89
CA LYS A 62 6.54 1.32 6.45
C LYS A 62 7.60 1.26 5.35
N ASP A 63 8.65 2.03 5.50
CA ASP A 63 9.76 2.06 4.50
C ASP A 63 9.34 2.92 3.30
N ILE A 64 8.36 2.47 2.56
CA ILE A 64 7.91 3.24 1.37
C ILE A 64 9.09 3.47 0.43
N LYS A 65 9.38 2.50 -0.41
CA LYS A 65 10.52 2.65 -1.36
C LYS A 65 10.16 2.03 -2.71
N ASP A 66 10.73 2.51 -3.77
CA ASP A 66 10.43 1.95 -5.12
C ASP A 66 11.20 0.65 -5.33
N GLU A 67 10.51 -0.46 -5.35
CA GLU A 67 11.20 -1.77 -5.54
C GLU A 67 11.34 -2.07 -7.03
N VAL A 68 12.43 -2.67 -7.42
CA VAL A 68 12.63 -2.98 -8.87
C VAL A 68 11.78 -4.20 -9.26
N LEU A 69 11.29 -4.21 -10.47
CA LEU A 69 10.45 -5.35 -10.92
C LEU A 69 11.36 -6.47 -11.43
N GLU A 70 12.66 -6.23 -11.46
CA GLU A 70 13.60 -7.28 -11.95
C GLU A 70 14.26 -7.97 -10.76
N HIS A 71 14.10 -9.26 -10.65
CA HIS A 71 14.72 -10.01 -9.53
C HIS A 71 14.89 -11.46 -9.96
N HIS A 72 15.43 -11.69 -11.12
CA HIS A 72 15.62 -13.09 -11.59
C HIS A 72 16.88 -13.18 -12.47
N HIS A 73 17.56 -14.28 -12.41
CA HIS A 73 18.79 -14.46 -13.24
C HIS A 73 18.41 -14.64 -14.70
N HIS A 74 17.15 -14.91 -14.97
CA HIS A 74 16.68 -15.11 -16.38
C HIS A 74 15.43 -14.28 -16.63
N HIS A 75 15.30 -13.75 -17.82
CA HIS A 75 14.10 -12.93 -18.15
C HIS A 75 12.97 -13.81 -18.66
N HIS A 76 11.75 -13.51 -18.27
CA HIS A 76 10.58 -14.31 -18.72
C HIS A 76 10.82 -15.79 -18.44
N ALA A 1 7.28 6.38 -11.81
CA ALA A 1 7.79 6.44 -10.40
C ALA A 1 7.29 5.21 -9.64
N GLU A 2 6.06 5.25 -9.18
CA GLU A 2 5.48 4.10 -8.42
C GLU A 2 6.33 3.79 -7.19
N LYS A 3 5.71 3.39 -6.12
CA LYS A 3 6.46 3.06 -4.87
C LYS A 3 5.85 1.81 -4.24
N THR A 4 6.63 1.09 -3.47
CA THR A 4 6.11 -0.15 -2.81
C THR A 4 6.10 0.06 -1.30
N GLY A 5 4.97 -0.17 -0.68
CA GLY A 5 4.86 0.02 0.80
C GLY A 5 5.01 -1.33 1.52
N ILE A 6 5.69 -1.35 2.64
CA ILE A 6 5.87 -2.63 3.38
C ILE A 6 4.77 -2.74 4.44
N VAL A 7 3.91 -3.72 4.31
CA VAL A 7 2.81 -3.88 5.31
C VAL A 7 3.35 -4.57 6.56
N ASN A 8 3.03 -4.05 7.72
CA ASN A 8 3.51 -4.68 9.00
C ASN A 8 2.34 -4.77 9.98
N VAL A 9 1.84 -5.96 10.19
CA VAL A 9 0.71 -6.14 11.14
C VAL A 9 0.79 -7.55 11.72
N SER A 10 1.61 -8.39 11.14
CA SER A 10 1.76 -9.79 11.63
C SER A 10 0.38 -10.37 11.95
N SER A 11 -0.66 -9.78 11.42
CA SER A 11 -2.03 -10.29 11.67
C SER A 11 -2.92 -9.93 10.48
N SER A 12 -2.36 -9.96 9.30
CA SER A 12 -3.14 -9.63 8.06
C SER A 12 -3.67 -8.19 8.13
N LEU A 13 -3.73 -7.52 6.99
CA LEU A 13 -4.24 -6.11 6.96
C LEU A 13 -5.51 -6.05 6.12
N ASN A 14 -6.52 -5.39 6.63
CA ASN A 14 -7.80 -5.28 5.89
C ASN A 14 -7.69 -4.18 4.82
N VAL A 15 -8.19 -4.44 3.64
CA VAL A 15 -8.13 -3.42 2.55
C VAL A 15 -9.38 -2.56 2.60
N ARG A 16 -9.23 -1.26 2.56
CA ARG A 16 -10.41 -0.36 2.62
C ARG A 16 -10.84 0.05 1.22
N GLU A 17 -12.12 0.07 0.97
CA GLU A 17 -12.61 0.45 -0.39
C GLU A 17 -12.32 1.92 -0.65
N GLY A 18 -12.55 2.78 0.32
CA GLY A 18 -12.30 4.24 0.14
C GLY A 18 -11.27 4.73 1.14
N ALA A 19 -11.14 6.02 1.29
CA ALA A 19 -10.16 6.59 2.25
C ALA A 19 -10.88 7.01 3.53
N SER A 20 -11.58 6.10 4.16
CA SER A 20 -12.31 6.45 5.42
C SER A 20 -12.46 5.20 6.29
N THR A 21 -12.52 5.38 7.58
CA THR A 21 -12.66 4.21 8.49
C THR A 21 -14.05 3.59 8.31
N SER A 22 -14.99 4.35 7.81
CA SER A 22 -16.36 3.82 7.60
C SER A 22 -16.42 3.09 6.26
N SER A 23 -15.33 3.04 5.54
CA SER A 23 -15.34 2.36 4.22
C SER A 23 -15.58 0.86 4.40
N LYS A 24 -16.01 0.19 3.35
CA LYS A 24 -16.30 -1.27 3.45
C LYS A 24 -15.07 -2.07 3.02
N VAL A 25 -14.80 -3.15 3.72
CA VAL A 25 -13.61 -4.00 3.38
C VAL A 25 -13.99 -5.02 2.31
N ILE A 26 -13.19 -5.10 1.26
CA ILE A 26 -13.48 -6.09 0.17
C ILE A 26 -12.54 -7.27 0.32
N GLY A 27 -11.59 -7.20 1.21
CA GLY A 27 -10.64 -8.33 1.41
C GLY A 27 -9.52 -7.92 2.36
N SER A 28 -8.43 -8.65 2.36
CA SER A 28 -7.29 -8.30 3.26
C SER A 28 -5.99 -8.82 2.66
N LEU A 29 -4.87 -8.34 3.13
CA LEU A 29 -3.54 -8.78 2.58
C LEU A 29 -2.68 -9.33 3.72
N SER A 30 -1.84 -10.29 3.42
CA SER A 30 -0.97 -10.89 4.47
C SER A 30 0.10 -9.89 4.93
N GLY A 31 0.54 -10.01 6.15
CA GLY A 31 1.57 -9.08 6.70
C GLY A 31 2.88 -9.19 5.91
N ASN A 32 3.72 -8.19 6.00
CA ASN A 32 5.02 -8.20 5.28
C ASN A 32 4.76 -8.37 3.78
N THR A 33 3.67 -7.82 3.29
CA THR A 33 3.35 -7.95 1.83
C THR A 33 3.61 -6.62 1.12
N LYS A 34 4.21 -6.67 -0.03
CA LYS A 34 4.49 -5.42 -0.79
C LYS A 34 3.23 -4.95 -1.50
N VAL A 35 2.97 -3.67 -1.53
CA VAL A 35 1.74 -3.15 -2.23
C VAL A 35 2.15 -2.07 -3.24
N THR A 36 1.68 -2.19 -4.44
CA THR A 36 2.03 -1.18 -5.49
C THR A 36 1.31 0.13 -5.21
N ILE A 37 2.04 1.21 -5.13
CA ILE A 37 1.42 2.55 -4.86
C ILE A 37 1.43 3.39 -6.12
N VAL A 38 0.28 3.89 -6.51
CA VAL A 38 0.19 4.74 -7.75
C VAL A 38 -0.12 6.18 -7.32
N GLY A 39 -0.32 6.41 -6.05
CA GLY A 39 -0.62 7.79 -5.58
C GLY A 39 -0.88 7.79 -4.07
N GLU A 40 -1.27 8.90 -3.52
CA GLU A 40 -1.54 8.97 -2.05
C GLU A 40 -2.78 9.85 -1.80
N GLU A 41 -3.46 9.65 -0.70
CA GLU A 41 -4.67 10.47 -0.42
C GLU A 41 -4.85 10.59 1.10
N GLY A 42 -4.67 11.77 1.63
CA GLY A 42 -4.85 11.97 3.10
C GLY A 42 -3.87 11.13 3.90
N ALA A 43 -4.29 10.65 5.03
CA ALA A 43 -3.39 9.81 5.88
C ALA A 43 -3.45 8.36 5.40
N PHE A 44 -3.77 8.16 4.15
CA PHE A 44 -3.86 6.77 3.60
C PHE A 44 -3.11 6.71 2.27
N TYR A 45 -2.60 5.55 1.92
CA TYR A 45 -1.85 5.41 0.63
C TYR A 45 -2.75 4.72 -0.39
N LYS A 46 -2.72 5.18 -1.61
CA LYS A 46 -3.57 4.56 -2.67
C LYS A 46 -2.79 3.44 -3.34
N ILE A 47 -3.37 2.27 -3.46
CA ILE A 47 -2.67 1.12 -4.11
C ILE A 47 -3.59 0.48 -5.15
N GLU A 48 -3.01 -0.15 -6.13
CA GLU A 48 -3.85 -0.78 -7.20
C GLU A 48 -4.31 -2.16 -6.72
N TYR A 49 -5.54 -2.25 -6.26
CA TYR A 49 -6.06 -3.57 -5.77
C TYR A 49 -6.57 -4.40 -6.96
N LYS A 50 -6.44 -5.69 -6.88
CA LYS A 50 -6.90 -6.56 -8.00
C LYS A 50 -8.41 -6.43 -8.21
N GLY A 51 -8.81 -5.70 -9.23
CA GLY A 51 -10.27 -5.54 -9.52
C GLY A 51 -10.77 -4.17 -9.03
N SER A 52 -9.97 -3.46 -8.28
CA SER A 52 -10.42 -2.13 -7.79
C SER A 52 -9.26 -1.35 -7.18
N HIS A 53 -9.54 -0.30 -6.46
CA HIS A 53 -8.45 0.52 -5.83
C HIS A 53 -8.51 0.32 -4.31
N GLY A 54 -7.48 -0.26 -3.74
CA GLY A 54 -7.47 -0.49 -2.25
C GLY A 54 -6.81 0.68 -1.54
N TYR A 55 -7.20 0.93 -0.31
CA TYR A 55 -6.60 2.05 0.49
C TYR A 55 -6.07 1.51 1.81
N VAL A 56 -4.91 1.94 2.24
CA VAL A 56 -4.35 1.44 3.53
C VAL A 56 -3.78 2.61 4.34
N ALA A 57 -4.00 2.59 5.63
CA ALA A 57 -3.50 3.70 6.50
C ALA A 57 -1.97 3.69 6.56
N LYS A 58 -1.38 4.83 6.73
CA LYS A 58 0.12 4.91 6.81
C LYS A 58 0.61 4.13 8.03
N GLU A 59 -0.16 4.12 9.08
CA GLU A 59 0.26 3.40 10.32
C GLU A 59 0.57 1.94 9.98
N TYR A 60 -0.08 1.37 9.02
CA TYR A 60 0.19 -0.05 8.67
C TYR A 60 1.25 -0.12 7.57
N ILE A 61 1.67 1.02 7.07
CA ILE A 61 2.70 1.05 5.99
C ILE A 61 3.98 1.70 6.52
N LYS A 62 5.10 1.04 6.34
CA LYS A 62 6.39 1.62 6.82
C LYS A 62 7.49 1.33 5.80
N ASP A 63 8.72 1.67 6.14
CA ASP A 63 9.87 1.45 5.22
C ASP A 63 9.61 2.14 3.89
N ILE A 64 8.76 1.59 3.08
CA ILE A 64 8.44 2.20 1.75
C ILE A 64 9.72 2.35 0.93
N LYS A 65 9.60 2.29 -0.37
CA LYS A 65 10.79 2.43 -1.26
C LYS A 65 10.64 3.66 -2.13
N ASP A 66 11.41 4.68 -1.88
CA ASP A 66 11.33 5.92 -2.68
C ASP A 66 12.27 5.81 -3.88
N GLU A 67 11.73 5.76 -5.07
CA GLU A 67 12.59 5.65 -6.29
C GLU A 67 12.98 7.06 -6.75
N VAL A 68 12.50 8.07 -6.07
CA VAL A 68 12.85 9.47 -6.47
C VAL A 68 12.69 10.39 -5.25
N LEU A 69 13.77 10.96 -4.79
CA LEU A 69 13.70 11.86 -3.59
C LEU A 69 13.23 13.25 -4.01
N GLU A 70 12.40 13.87 -3.21
CA GLU A 70 11.88 15.22 -3.54
C GLU A 70 12.87 16.31 -3.13
N HIS A 71 12.72 17.49 -3.67
CA HIS A 71 13.63 18.62 -3.32
C HIS A 71 15.04 18.33 -3.83
N HIS A 72 15.27 17.14 -4.31
CA HIS A 72 16.63 16.79 -4.82
C HIS A 72 16.68 17.13 -6.31
N HIS A 73 15.58 17.49 -6.89
CA HIS A 73 15.56 17.83 -8.35
C HIS A 73 16.27 19.16 -8.59
N HIS A 74 17.00 19.27 -9.68
CA HIS A 74 17.72 20.54 -9.98
C HIS A 74 17.47 20.92 -11.45
N HIS A 75 16.42 21.67 -11.71
CA HIS A 75 16.08 22.10 -13.10
C HIS A 75 16.32 20.95 -14.08
N HIS A 76 15.33 20.11 -14.25
CA HIS A 76 15.47 18.95 -15.19
C HIS A 76 15.75 19.47 -16.59
N ALA A 1 3.62 9.40 -8.64
CA ALA A 1 4.97 8.80 -8.42
C ALA A 1 4.82 7.33 -7.99
N GLU A 2 5.57 6.45 -8.58
CA GLU A 2 5.47 5.01 -8.21
C GLU A 2 6.26 4.74 -6.93
N LYS A 3 5.62 4.14 -5.96
CA LYS A 3 6.32 3.83 -4.68
C LYS A 3 5.81 2.49 -4.15
N THR A 4 6.59 1.83 -3.31
CA THR A 4 6.16 0.50 -2.76
C THR A 4 6.11 0.58 -1.23
N GLY A 5 4.98 0.25 -0.66
CA GLY A 5 4.82 0.29 0.83
C GLY A 5 4.91 -1.12 1.40
N ILE A 6 5.61 -1.28 2.50
CA ILE A 6 5.73 -2.64 3.12
C ILE A 6 4.69 -2.78 4.22
N VAL A 7 3.82 -3.75 4.09
CA VAL A 7 2.75 -3.96 5.10
C VAL A 7 3.33 -4.62 6.35
N ASN A 8 2.98 -4.12 7.52
CA ASN A 8 3.49 -4.71 8.78
C ASN A 8 2.37 -4.77 9.82
N VAL A 9 1.76 -5.92 9.98
CA VAL A 9 0.65 -6.06 10.97
C VAL A 9 0.85 -7.34 11.78
N SER A 10 0.66 -7.26 13.07
CA SER A 10 0.83 -8.47 13.93
C SER A 10 -0.20 -9.53 13.54
N SER A 11 -1.41 -9.11 13.26
CA SER A 11 -2.48 -10.08 12.86
C SER A 11 -2.68 -10.06 11.34
N SER A 12 -3.39 -9.08 10.86
CA SER A 12 -3.62 -9.00 9.38
C SER A 12 -4.05 -7.59 9.01
N LEU A 13 -4.04 -7.28 7.73
CA LEU A 13 -4.45 -5.91 7.28
C LEU A 13 -5.70 -6.02 6.39
N ASN A 14 -6.70 -5.22 6.68
CA ASN A 14 -7.95 -5.25 5.87
C ASN A 14 -7.86 -4.25 4.73
N VAL A 15 -8.38 -4.59 3.58
CA VAL A 15 -8.31 -3.66 2.42
C VAL A 15 -9.54 -2.75 2.45
N ARG A 16 -9.34 -1.45 2.36
CA ARG A 16 -10.49 -0.50 2.39
C ARG A 16 -10.70 0.10 1.01
N GLU A 17 -11.92 0.13 0.56
CA GLU A 17 -12.21 0.70 -0.79
C GLU A 17 -12.03 2.22 -0.76
N GLY A 18 -12.36 2.84 0.35
CA GLY A 18 -12.24 4.33 0.46
C GLY A 18 -11.30 4.71 1.59
N ALA A 19 -11.55 5.83 2.21
CA ALA A 19 -10.68 6.28 3.33
C ALA A 19 -11.53 7.04 4.34
N SER A 20 -12.33 6.33 5.11
CA SER A 20 -13.18 6.99 6.14
C SER A 20 -13.21 6.11 7.39
N THR A 21 -12.07 5.63 7.81
CA THR A 21 -11.99 4.76 9.02
C THR A 21 -13.02 3.63 8.94
N SER A 22 -14.24 3.89 9.33
CA SER A 22 -15.28 2.84 9.28
C SER A 22 -15.66 2.57 7.82
N SER A 23 -14.68 2.47 6.97
CA SER A 23 -14.96 2.22 5.53
C SER A 23 -15.29 0.75 5.28
N LYS A 24 -15.84 0.45 4.14
CA LYS A 24 -16.21 -0.96 3.82
C LYS A 24 -14.96 -1.76 3.43
N VAL A 25 -14.87 -2.99 3.91
CA VAL A 25 -13.71 -3.85 3.58
C VAL A 25 -14.04 -4.71 2.36
N ILE A 26 -13.18 -4.72 1.38
CA ILE A 26 -13.42 -5.54 0.14
C ILE A 26 -12.47 -6.73 0.12
N GLY A 27 -11.53 -6.78 1.03
CA GLY A 27 -10.58 -7.93 1.03
C GLY A 27 -9.56 -7.77 2.15
N SER A 28 -8.58 -8.64 2.21
CA SER A 28 -7.55 -8.55 3.28
C SER A 28 -6.18 -8.95 2.72
N LEU A 29 -5.12 -8.46 3.33
CA LEU A 29 -3.75 -8.79 2.86
C LEU A 29 -2.93 -9.37 4.01
N SER A 30 -2.02 -10.24 3.70
CA SER A 30 -1.18 -10.88 4.76
C SER A 30 -0.07 -9.93 5.22
N GLY A 31 0.54 -10.23 6.33
CA GLY A 31 1.63 -9.38 6.86
C GLY A 31 2.86 -9.41 5.94
N ASN A 32 3.66 -8.37 5.98
CA ASN A 32 4.88 -8.30 5.13
C ASN A 32 4.48 -8.42 3.65
N THR A 33 3.32 -7.94 3.30
CA THR A 33 2.88 -8.02 1.87
C THR A 33 3.29 -6.74 1.13
N LYS A 34 3.92 -6.89 0.01
CA LYS A 34 4.35 -5.71 -0.79
C LYS A 34 3.16 -5.14 -1.57
N VAL A 35 2.96 -3.85 -1.54
CA VAL A 35 1.81 -3.24 -2.30
C VAL A 35 2.32 -2.09 -3.18
N THR A 36 1.89 -2.07 -4.42
CA THR A 36 2.34 -1.00 -5.35
C THR A 36 1.50 0.25 -5.13
N ILE A 37 2.13 1.38 -5.00
CA ILE A 37 1.38 2.66 -4.78
C ILE A 37 1.37 3.48 -6.06
N VAL A 38 0.20 3.87 -6.51
CA VAL A 38 0.08 4.69 -7.74
C VAL A 38 -0.35 6.10 -7.34
N GLY A 39 -0.57 6.32 -6.07
CA GLY A 39 -0.99 7.66 -5.61
C GLY A 39 -1.19 7.67 -4.09
N GLU A 40 -1.60 8.79 -3.53
CA GLU A 40 -1.82 8.87 -2.05
C GLU A 40 -3.05 9.71 -1.76
N GLU A 41 -3.61 9.58 -0.59
CA GLU A 41 -4.81 10.39 -0.23
C GLU A 41 -4.86 10.59 1.28
N GLY A 42 -4.69 11.80 1.72
CA GLY A 42 -4.74 12.11 3.19
C GLY A 42 -3.76 11.23 3.96
N ALA A 43 -4.20 10.68 5.06
CA ALA A 43 -3.31 9.82 5.89
C ALA A 43 -3.44 8.37 5.42
N PHE A 44 -3.80 8.18 4.17
CA PHE A 44 -3.96 6.80 3.62
C PHE A 44 -3.24 6.70 2.27
N TYR A 45 -2.77 5.53 1.93
CA TYR A 45 -2.05 5.34 0.63
C TYR A 45 -2.94 4.56 -0.34
N LYS A 46 -2.94 4.95 -1.59
CA LYS A 46 -3.75 4.24 -2.60
C LYS A 46 -2.90 3.17 -3.26
N ILE A 47 -3.42 1.97 -3.38
CA ILE A 47 -2.63 0.85 -4.00
C ILE A 47 -3.45 0.19 -5.10
N GLU A 48 -2.77 -0.45 -6.03
CA GLU A 48 -3.50 -1.12 -7.14
C GLU A 48 -4.00 -2.49 -6.68
N TYR A 49 -5.24 -2.57 -6.28
CA TYR A 49 -5.81 -3.87 -5.81
C TYR A 49 -6.31 -4.68 -7.01
N LYS A 50 -6.49 -5.96 -6.82
CA LYS A 50 -6.96 -6.81 -7.95
C LYS A 50 -8.44 -6.51 -8.26
N GLY A 51 -8.69 -5.85 -9.37
CA GLY A 51 -10.09 -5.52 -9.76
C GLY A 51 -10.40 -4.07 -9.37
N SER A 52 -9.58 -3.47 -8.54
CA SER A 52 -9.85 -2.06 -8.15
C SER A 52 -8.65 -1.49 -7.41
N HIS A 53 -8.85 -0.41 -6.68
CA HIS A 53 -7.73 0.23 -5.91
C HIS A 53 -8.03 0.16 -4.42
N GLY A 54 -7.16 -0.47 -3.66
CA GLY A 54 -7.39 -0.59 -2.19
C GLY A 54 -6.77 0.60 -1.45
N TYR A 55 -7.16 0.82 -0.23
CA TYR A 55 -6.61 1.94 0.58
C TYR A 55 -6.19 1.44 1.96
N VAL A 56 -5.05 1.87 2.45
CA VAL A 56 -4.58 1.43 3.79
C VAL A 56 -3.98 2.60 4.55
N ALA A 57 -3.96 2.53 5.85
CA ALA A 57 -3.40 3.63 6.67
C ALA A 57 -1.87 3.62 6.59
N LYS A 58 -1.27 4.78 6.62
CA LYS A 58 0.22 4.87 6.55
C LYS A 58 0.84 4.32 7.84
N GLU A 59 0.04 4.13 8.86
CA GLU A 59 0.59 3.60 10.14
C GLU A 59 1.06 2.15 9.97
N TYR A 60 0.36 1.39 9.17
CA TYR A 60 0.77 -0.04 8.97
C TYR A 60 1.70 -0.15 7.77
N ILE A 61 2.01 0.97 7.15
CA ILE A 61 2.93 0.94 5.97
C ILE A 61 4.23 1.66 6.31
N LYS A 62 5.35 1.00 6.12
CA LYS A 62 6.66 1.63 6.44
C LYS A 62 7.70 1.21 5.40
N ASP A 63 8.85 1.84 5.43
CA ASP A 63 9.94 1.49 4.47
C ASP A 63 9.47 1.76 3.03
N ILE A 64 8.99 2.94 2.79
CA ILE A 64 8.51 3.30 1.41
C ILE A 64 9.72 3.51 0.51
N LYS A 65 9.74 2.89 -0.65
CA LYS A 65 10.89 3.06 -1.59
C LYS A 65 10.45 3.79 -2.86
N ASP A 66 11.23 4.76 -3.28
CA ASP A 66 10.88 5.53 -4.51
C ASP A 66 11.77 5.06 -5.66
N GLU A 67 11.17 4.68 -6.76
CA GLU A 67 11.96 4.22 -7.93
C GLU A 67 12.08 5.36 -8.94
N VAL A 68 11.26 6.37 -8.80
CA VAL A 68 11.31 7.52 -9.75
C VAL A 68 12.20 8.63 -9.18
N LEU A 69 12.98 9.25 -10.04
CA LEU A 69 13.88 10.35 -9.57
C LEU A 69 13.09 11.66 -9.56
N GLU A 70 11.85 11.60 -9.96
CA GLU A 70 11.00 12.84 -9.98
C GLU A 70 11.70 13.95 -10.75
N HIS A 71 12.48 14.76 -10.08
CA HIS A 71 13.19 15.88 -10.77
C HIS A 71 14.57 16.07 -10.17
N HIS A 72 15.50 16.58 -10.94
CA HIS A 72 16.88 16.78 -10.43
C HIS A 72 16.96 18.03 -9.55
N HIS A 73 17.99 18.14 -8.77
CA HIS A 73 18.13 19.31 -7.86
C HIS A 73 18.45 20.57 -8.68
N HIS A 74 17.75 21.64 -8.40
CA HIS A 74 17.99 22.92 -9.13
C HIS A 74 19.14 23.68 -8.46
N HIS A 75 19.51 23.29 -7.28
CA HIS A 75 20.63 23.99 -6.58
C HIS A 75 21.92 23.75 -7.35
N HIS A 76 22.13 22.56 -7.85
CA HIS A 76 23.37 22.26 -8.60
C HIS A 76 23.23 22.74 -10.05
N ALA A 1 7.68 6.64 -10.17
CA ALA A 1 6.24 6.72 -9.83
C ALA A 1 5.83 5.47 -9.06
N GLU A 2 6.16 4.31 -9.58
CA GLU A 2 5.80 3.05 -8.89
C GLU A 2 6.54 2.95 -7.56
N LYS A 3 5.84 2.57 -6.51
CA LYS A 3 6.49 2.44 -5.17
C LYS A 3 5.98 1.17 -4.49
N THR A 4 6.80 0.56 -3.67
CA THR A 4 6.38 -0.69 -2.95
C THR A 4 6.50 -0.47 -1.45
N GLY A 5 5.39 -0.50 -0.75
CA GLY A 5 5.41 -0.28 0.73
C GLY A 5 5.39 -1.64 1.44
N ILE A 6 6.13 -1.76 2.52
CA ILE A 6 6.14 -3.05 3.28
C ILE A 6 5.12 -2.98 4.41
N VAL A 7 4.15 -3.86 4.39
CA VAL A 7 3.11 -3.85 5.46
C VAL A 7 3.66 -4.52 6.72
N ASN A 8 3.62 -3.83 7.83
CA ASN A 8 4.13 -4.41 9.11
C ASN A 8 2.94 -4.79 9.99
N VAL A 9 2.53 -6.03 9.94
CA VAL A 9 1.38 -6.50 10.79
C VAL A 9 1.64 -7.94 11.23
N SER A 10 1.40 -8.22 12.48
CA SER A 10 1.61 -9.60 13.00
C SER A 10 0.37 -10.45 12.72
N SER A 11 -0.72 -9.81 12.36
CA SER A 11 -1.98 -10.58 12.07
C SER A 11 -2.39 -10.38 10.62
N SER A 12 -3.17 -9.36 10.34
CA SER A 12 -3.60 -9.13 8.94
C SER A 12 -4.02 -7.67 8.77
N LEU A 13 -4.10 -7.21 7.54
CA LEU A 13 -4.51 -5.79 7.28
C LEU A 13 -5.78 -5.77 6.43
N ASN A 14 -6.75 -5.00 6.83
CA ASN A 14 -8.03 -4.92 6.06
C ASN A 14 -7.91 -3.85 4.97
N VAL A 15 -8.55 -4.06 3.85
CA VAL A 15 -8.48 -3.06 2.74
C VAL A 15 -9.80 -2.29 2.68
N ARG A 16 -9.72 -0.98 2.66
CA ARG A 16 -10.95 -0.15 2.62
C ARG A 16 -11.09 0.48 1.23
N GLU A 17 -12.27 0.51 0.70
CA GLU A 17 -12.50 1.10 -0.64
C GLU A 17 -12.89 2.57 -0.49
N GLY A 18 -13.39 2.94 0.65
CA GLY A 18 -13.80 4.36 0.88
C GLY A 18 -12.72 5.07 1.70
N ALA A 19 -11.61 4.40 1.93
CA ALA A 19 -10.51 5.01 2.73
C ALA A 19 -11.06 5.41 4.11
N SER A 20 -12.30 5.10 4.38
CA SER A 20 -12.89 5.46 5.69
C SER A 20 -12.48 4.44 6.77
N THR A 21 -12.51 4.84 8.00
CA THR A 21 -12.13 3.94 9.11
C THR A 21 -13.06 2.72 9.13
N SER A 22 -12.59 1.62 8.62
CA SER A 22 -13.41 0.36 8.59
C SER A 22 -14.42 0.43 7.45
N SER A 23 -14.10 1.16 6.41
CA SER A 23 -15.02 1.28 5.25
C SER A 23 -15.37 -0.11 4.68
N LYS A 24 -15.81 -0.13 3.46
CA LYS A 24 -16.19 -1.43 2.82
C LYS A 24 -14.95 -2.30 2.69
N VAL A 25 -15.04 -3.52 3.15
CA VAL A 25 -13.88 -4.46 3.05
C VAL A 25 -13.98 -5.26 1.75
N ILE A 26 -13.05 -5.07 0.86
CA ILE A 26 -13.07 -5.81 -0.43
C ILE A 26 -12.01 -6.92 -0.38
N GLY A 27 -11.26 -6.99 0.69
CA GLY A 27 -10.23 -8.05 0.79
C GLY A 27 -9.26 -7.75 1.94
N SER A 28 -8.12 -8.40 1.93
CA SER A 28 -7.11 -8.17 3.03
C SER A 28 -5.72 -8.48 2.49
N LEU A 29 -4.69 -8.03 3.17
CA LEU A 29 -3.29 -8.28 2.72
C LEU A 29 -2.49 -8.96 3.84
N SER A 30 -1.58 -9.82 3.47
CA SER A 30 -0.76 -10.54 4.48
C SER A 30 0.42 -9.67 4.92
N GLY A 31 1.01 -10.01 6.04
CA GLY A 31 2.15 -9.23 6.58
C GLY A 31 3.38 -9.32 5.66
N ASN A 32 4.26 -8.36 5.77
CA ASN A 32 5.50 -8.34 4.93
C ASN A 32 5.13 -8.29 3.45
N THR A 33 3.86 -8.28 3.15
CA THR A 33 3.42 -8.24 1.73
C THR A 33 3.69 -6.85 1.13
N LYS A 34 4.13 -6.82 -0.11
CA LYS A 34 4.42 -5.52 -0.78
C LYS A 34 3.15 -4.99 -1.43
N VAL A 35 2.96 -3.69 -1.44
CA VAL A 35 1.73 -3.08 -2.06
C VAL A 35 2.13 -2.03 -3.09
N THR A 36 1.54 -2.10 -4.25
CA THR A 36 1.87 -1.13 -5.33
C THR A 36 1.25 0.23 -4.98
N ILE A 37 2.06 1.16 -4.54
CA ILE A 37 1.57 2.50 -4.17
C ILE A 37 1.89 3.49 -5.29
N VAL A 38 0.90 4.26 -5.70
CA VAL A 38 1.12 5.25 -6.79
C VAL A 38 0.35 6.54 -6.44
N GLY A 39 -0.88 6.41 -6.03
CA GLY A 39 -1.69 7.60 -5.69
C GLY A 39 -1.64 7.88 -4.18
N GLU A 40 -2.04 9.05 -3.78
CA GLU A 40 -2.03 9.40 -2.32
C GLU A 40 -3.34 10.09 -1.94
N GLU A 41 -3.80 9.86 -0.75
CA GLU A 41 -5.07 10.49 -0.30
C GLU A 41 -5.06 10.63 1.23
N GLY A 42 -4.93 11.83 1.71
CA GLY A 42 -4.93 12.08 3.19
C GLY A 42 -3.98 11.13 3.90
N ALA A 43 -4.36 10.67 5.06
CA ALA A 43 -3.50 9.75 5.84
C ALA A 43 -3.69 8.33 5.31
N PHE A 44 -4.03 8.21 4.05
CA PHE A 44 -4.24 6.86 3.44
C PHE A 44 -3.53 6.81 2.09
N TYR A 45 -2.91 5.70 1.78
CA TYR A 45 -2.20 5.56 0.48
C TYR A 45 -3.07 4.77 -0.49
N LYS A 46 -3.05 5.15 -1.74
CA LYS A 46 -3.87 4.43 -2.75
C LYS A 46 -3.06 3.29 -3.35
N ILE A 47 -3.63 2.11 -3.36
CA ILE A 47 -2.90 0.93 -3.92
C ILE A 47 -3.77 0.24 -4.98
N GLU A 48 -3.12 -0.41 -5.92
CA GLU A 48 -3.90 -1.10 -6.99
C GLU A 48 -4.32 -2.50 -6.51
N TYR A 49 -5.49 -2.60 -5.94
CA TYR A 49 -5.97 -3.91 -5.43
C TYR A 49 -6.50 -4.77 -6.58
N LYS A 50 -6.25 -6.05 -6.54
CA LYS A 50 -6.71 -6.96 -7.62
C LYS A 50 -8.22 -6.88 -7.78
N GLY A 51 -8.68 -6.07 -8.72
CA GLY A 51 -10.15 -5.92 -8.98
C GLY A 51 -10.53 -4.45 -8.84
N SER A 52 -9.92 -3.74 -7.93
CA SER A 52 -10.26 -2.30 -7.75
C SER A 52 -9.12 -1.57 -7.04
N HIS A 53 -9.39 -0.41 -6.51
CA HIS A 53 -8.33 0.37 -5.78
C HIS A 53 -8.60 0.31 -4.28
N GLY A 54 -7.68 -0.25 -3.55
CA GLY A 54 -7.86 -0.37 -2.06
C GLY A 54 -7.14 0.79 -1.36
N TYR A 55 -7.49 1.04 -0.12
CA TYR A 55 -6.85 2.15 0.64
C TYR A 55 -6.30 1.61 1.97
N VAL A 56 -5.11 2.01 2.32
CA VAL A 56 -4.49 1.53 3.60
C VAL A 56 -3.89 2.72 4.36
N ALA A 57 -4.09 2.75 5.65
CA ALA A 57 -3.56 3.88 6.46
C ALA A 57 -2.02 3.80 6.53
N LYS A 58 -1.38 4.94 6.59
CA LYS A 58 0.10 4.97 6.64
C LYS A 58 0.59 4.29 7.94
N GLU A 59 -0.32 3.99 8.84
CA GLU A 59 0.07 3.34 10.12
C GLU A 59 0.56 1.92 9.86
N TYR A 60 -0.04 1.23 8.93
CA TYR A 60 0.39 -0.17 8.63
C TYR A 60 1.43 -0.15 7.51
N ILE A 61 1.84 1.02 7.10
CA ILE A 61 2.87 1.11 6.01
C ILE A 61 4.22 1.48 6.61
N LYS A 62 5.25 0.74 6.28
CA LYS A 62 6.60 1.03 6.83
C LYS A 62 7.68 0.61 5.85
N ASP A 63 8.84 1.20 5.97
CA ASP A 63 9.98 0.87 5.06
C ASP A 63 9.55 1.08 3.61
N ILE A 64 9.04 2.24 3.31
CA ILE A 64 8.59 2.53 1.92
C ILE A 64 9.81 2.64 1.00
N LYS A 65 9.79 1.96 -0.11
CA LYS A 65 10.94 2.00 -1.05
C LYS A 65 10.45 2.22 -2.48
N ASP A 66 11.12 3.07 -3.21
CA ASP A 66 10.72 3.36 -4.61
C ASP A 66 11.42 2.37 -5.56
N GLU A 67 10.66 1.54 -6.21
CA GLU A 67 11.24 0.54 -7.14
C GLU A 67 12.09 1.22 -8.21
N VAL A 68 13.02 0.50 -8.78
CA VAL A 68 13.90 1.06 -9.84
C VAL A 68 14.72 2.22 -9.26
N LEU A 69 15.75 1.90 -8.52
CA LEU A 69 16.60 2.95 -7.90
C LEU A 69 17.66 3.43 -8.90
N GLU A 70 18.17 4.61 -8.69
CA GLU A 70 19.21 5.16 -9.60
C GLU A 70 20.45 4.25 -9.60
N HIS A 71 21.04 4.07 -10.75
CA HIS A 71 22.26 3.22 -10.84
C HIS A 71 23.47 4.04 -10.40
N HIS A 72 23.32 5.33 -10.33
CA HIS A 72 24.44 6.22 -9.91
C HIS A 72 25.67 5.97 -10.79
N HIS A 73 25.98 6.87 -11.68
CA HIS A 73 27.17 6.69 -12.56
C HIS A 73 27.76 8.07 -12.90
N HIS A 74 29.01 8.10 -13.29
CA HIS A 74 29.67 9.39 -13.63
C HIS A 74 29.76 9.55 -15.16
N HIS A 75 29.40 10.71 -15.64
CA HIS A 75 29.46 10.96 -17.11
C HIS A 75 30.91 10.95 -17.58
N HIS A 76 31.78 11.57 -16.83
CA HIS A 76 33.22 11.61 -17.22
C HIS A 76 33.36 12.20 -18.63
N ALA A 1 8.01 4.88 -12.66
CA ALA A 1 8.53 5.17 -11.30
C ALA A 1 7.48 4.76 -10.26
N GLU A 2 7.15 3.51 -10.22
CA GLU A 2 6.11 3.03 -9.25
C GLU A 2 6.70 2.98 -7.85
N LYS A 3 5.86 3.13 -6.85
CA LYS A 3 6.34 3.11 -5.44
C LYS A 3 5.80 1.85 -4.74
N THR A 4 6.46 1.42 -3.69
CA THR A 4 5.99 0.21 -2.96
C THR A 4 6.02 0.48 -1.46
N GLY A 5 5.17 -0.19 -0.72
CA GLY A 5 5.11 0.01 0.76
C GLY A 5 5.03 -1.34 1.46
N ILE A 6 5.89 -1.57 2.42
CA ILE A 6 5.88 -2.86 3.15
C ILE A 6 4.81 -2.83 4.23
N VAL A 7 3.90 -3.77 4.22
CA VAL A 7 2.82 -3.80 5.25
C VAL A 7 3.32 -4.51 6.50
N ASN A 8 3.39 -3.81 7.61
CA ASN A 8 3.86 -4.43 8.88
C ASN A 8 2.69 -4.56 9.85
N VAL A 9 2.21 -5.75 10.07
CA VAL A 9 1.08 -5.97 11.02
C VAL A 9 1.33 -7.23 11.84
N SER A 10 0.72 -7.31 12.99
CA SER A 10 0.91 -8.52 13.85
C SER A 10 0.15 -9.69 13.24
N SER A 11 -0.72 -9.42 12.30
CA SER A 11 -1.50 -10.52 11.67
C SER A 11 -1.89 -10.12 10.24
N SER A 12 -3.17 -10.06 9.98
CA SER A 12 -3.66 -9.71 8.61
C SER A 12 -4.09 -8.24 8.56
N LEU A 13 -4.18 -7.69 7.38
CA LEU A 13 -4.60 -6.26 7.21
C LEU A 13 -5.85 -6.20 6.34
N ASN A 14 -6.83 -5.43 6.78
CA ASN A 14 -8.09 -5.29 5.99
C ASN A 14 -7.95 -4.14 4.99
N VAL A 15 -8.27 -4.38 3.75
CA VAL A 15 -8.17 -3.32 2.71
C VAL A 15 -9.50 -2.57 2.62
N ARG A 16 -9.45 -1.26 2.62
CA ARG A 16 -10.71 -0.46 2.57
C ARG A 16 -10.95 0.06 1.16
N GLU A 17 -12.16 -0.07 0.69
CA GLU A 17 -12.51 0.42 -0.68
C GLU A 17 -12.46 1.95 -0.70
N GLY A 18 -13.01 2.58 0.31
CA GLY A 18 -13.04 4.08 0.36
C GLY A 18 -11.94 4.61 1.28
N ALA A 19 -11.88 5.90 1.43
CA ALA A 19 -10.85 6.52 2.32
C ALA A 19 -11.44 6.72 3.71
N SER A 20 -12.68 6.38 3.91
CA SER A 20 -13.30 6.55 5.25
C SER A 20 -12.96 5.37 6.17
N THR A 21 -12.90 5.60 7.44
CA THR A 21 -12.58 4.51 8.40
C THR A 21 -13.69 3.46 8.38
N SER A 22 -14.92 3.90 8.41
CA SER A 22 -16.06 2.96 8.39
C SER A 22 -16.26 2.42 6.97
N SER A 23 -15.22 2.44 6.17
CA SER A 23 -15.33 1.95 4.77
C SER A 23 -15.49 0.43 4.75
N LYS A 24 -16.15 -0.07 3.74
CA LYS A 24 -16.36 -1.55 3.63
C LYS A 24 -15.07 -2.27 3.24
N VAL A 25 -14.80 -3.36 3.90
CA VAL A 25 -13.57 -4.15 3.59
C VAL A 25 -13.84 -5.10 2.43
N ILE A 26 -12.96 -5.12 1.45
CA ILE A 26 -13.12 -6.02 0.28
C ILE A 26 -11.86 -6.87 0.11
N GLY A 27 -10.71 -6.27 0.23
CA GLY A 27 -9.43 -7.02 0.05
C GLY A 27 -8.81 -7.35 1.41
N SER A 28 -7.78 -8.15 1.41
CA SER A 28 -7.10 -8.50 2.68
C SER A 28 -5.67 -8.96 2.39
N LEU A 29 -4.80 -8.84 3.36
CA LEU A 29 -3.38 -9.28 3.17
C LEU A 29 -2.92 -10.10 4.38
N SER A 30 -2.01 -11.01 4.15
CA SER A 30 -1.51 -11.86 5.27
C SER A 30 -0.43 -11.09 6.04
N GLY A 31 -0.12 -9.90 5.60
CA GLY A 31 0.91 -9.07 6.31
C GLY A 31 2.27 -9.19 5.60
N ASN A 32 3.17 -8.30 5.92
CA ASN A 32 4.53 -8.32 5.32
C ASN A 32 4.41 -8.34 3.79
N THR A 33 3.21 -8.24 3.27
CA THR A 33 3.04 -8.26 1.79
C THR A 33 3.38 -6.88 1.20
N LYS A 34 4.01 -6.88 0.05
CA LYS A 34 4.39 -5.60 -0.60
C LYS A 34 3.25 -5.13 -1.50
N VAL A 35 2.89 -3.88 -1.41
CA VAL A 35 1.77 -3.33 -2.26
C VAL A 35 2.26 -2.13 -3.06
N THR A 36 1.95 -2.11 -4.33
CA THR A 36 2.40 -0.99 -5.20
C THR A 36 1.54 0.24 -4.95
N ILE A 37 2.17 1.38 -4.81
CA ILE A 37 1.43 2.65 -4.58
C ILE A 37 1.56 3.56 -5.80
N VAL A 38 0.45 4.05 -6.30
CA VAL A 38 0.47 4.94 -7.50
C VAL A 38 0.07 6.35 -7.07
N GLY A 39 -0.27 6.54 -5.81
CA GLY A 39 -0.65 7.90 -5.36
C GLY A 39 -0.89 7.92 -3.85
N GLU A 40 -1.16 9.09 -3.31
CA GLU A 40 -1.39 9.22 -1.83
C GLU A 40 -2.59 10.13 -1.59
N GLU A 41 -3.27 9.95 -0.49
CA GLU A 41 -4.44 10.82 -0.19
C GLU A 41 -4.69 10.87 1.32
N GLY A 42 -4.49 12.03 1.90
CA GLY A 42 -4.73 12.20 3.37
C GLY A 42 -3.88 11.23 4.18
N ALA A 43 -4.46 10.65 5.20
CA ALA A 43 -3.71 9.69 6.06
C ALA A 43 -3.87 8.28 5.51
N PHE A 44 -4.16 8.17 4.24
CA PHE A 44 -4.33 6.82 3.61
C PHE A 44 -3.54 6.75 2.31
N TYR A 45 -3.04 5.59 1.98
CA TYR A 45 -2.25 5.42 0.72
C TYR A 45 -3.08 4.67 -0.31
N LYS A 46 -2.89 4.96 -1.57
CA LYS A 46 -3.64 4.28 -2.64
C LYS A 46 -2.81 3.11 -3.19
N ILE A 47 -3.36 1.92 -3.17
CA ILE A 47 -2.61 0.74 -3.67
C ILE A 47 -3.47 -0.07 -4.64
N GLU A 48 -2.84 -0.78 -5.53
CA GLU A 48 -3.60 -1.60 -6.51
C GLU A 48 -3.83 -3.02 -5.96
N TYR A 49 -5.05 -3.30 -5.56
CA TYR A 49 -5.37 -4.65 -5.01
C TYR A 49 -6.31 -5.37 -5.98
N LYS A 50 -5.85 -6.45 -6.55
CA LYS A 50 -6.69 -7.22 -7.51
C LYS A 50 -7.24 -6.31 -8.61
N GLY A 51 -6.52 -5.27 -8.95
CA GLY A 51 -6.98 -4.35 -10.02
C GLY A 51 -7.92 -3.29 -9.43
N SER A 52 -8.33 -3.47 -8.20
CA SER A 52 -9.24 -2.48 -7.56
C SER A 52 -8.43 -1.40 -6.83
N HIS A 53 -9.08 -0.36 -6.40
CA HIS A 53 -8.37 0.75 -5.68
C HIS A 53 -8.58 0.59 -4.17
N GLY A 54 -7.66 -0.07 -3.52
CA GLY A 54 -7.78 -0.29 -2.05
C GLY A 54 -7.00 0.79 -1.30
N TYR A 55 -7.58 1.34 -0.26
CA TYR A 55 -6.89 2.40 0.53
C TYR A 55 -6.57 1.87 1.93
N VAL A 56 -5.40 2.17 2.44
CA VAL A 56 -5.02 1.69 3.80
C VAL A 56 -4.35 2.82 4.59
N ALA A 57 -4.39 2.74 5.88
CA ALA A 57 -3.80 3.80 6.74
C ALA A 57 -2.27 3.78 6.64
N LYS A 58 -1.66 4.91 6.84
CA LYS A 58 -0.16 4.99 6.76
C LYS A 58 0.46 4.12 7.86
N GLU A 59 -0.14 4.10 9.02
CA GLU A 59 0.41 3.29 10.14
C GLU A 59 0.69 1.87 9.67
N TYR A 60 0.29 1.53 8.47
CA TYR A 60 0.54 0.16 7.94
C TYR A 60 1.67 0.20 6.92
N ILE A 61 1.88 1.33 6.29
CA ILE A 61 2.96 1.45 5.27
C ILE A 61 4.27 1.85 5.95
N LYS A 62 5.32 1.14 5.68
CA LYS A 62 6.65 1.47 6.28
C LYS A 62 7.77 1.12 5.30
N ASP A 63 8.88 1.82 5.39
CA ASP A 63 10.03 1.58 4.49
C ASP A 63 9.59 1.74 3.03
N ILE A 64 9.06 2.88 2.70
CA ILE A 64 8.62 3.12 1.29
C ILE A 64 9.83 3.24 0.38
N LYS A 65 9.82 2.53 -0.72
CA LYS A 65 10.97 2.57 -1.68
C LYS A 65 10.43 2.81 -3.09
N ASP A 66 11.13 3.62 -3.85
CA ASP A 66 10.67 3.92 -5.25
C ASP A 66 11.35 2.98 -6.24
N GLU A 67 10.56 2.17 -6.90
CA GLU A 67 11.10 1.21 -7.90
C GLU A 67 12.18 0.34 -7.26
N VAL A 68 11.81 -0.83 -6.81
CA VAL A 68 12.80 -1.73 -6.17
C VAL A 68 13.49 -2.60 -7.23
N LEU A 69 14.71 -2.27 -7.53
CA LEU A 69 15.50 -3.05 -8.54
C LEU A 69 14.77 -3.12 -9.88
N GLU A 70 15.51 -3.16 -10.95
CA GLU A 70 14.88 -3.24 -12.31
C GLU A 70 15.88 -3.86 -13.28
N HIS A 71 15.56 -5.02 -13.79
CA HIS A 71 16.46 -5.70 -14.75
C HIS A 71 16.34 -5.07 -16.14
N HIS A 72 17.41 -4.54 -16.65
CA HIS A 72 17.39 -3.90 -18.00
C HIS A 72 17.97 -4.88 -19.03
N HIS A 73 18.54 -5.95 -18.56
CA HIS A 73 19.12 -6.96 -19.49
C HIS A 73 18.00 -7.61 -20.30
N HIS A 74 16.86 -7.83 -19.70
CA HIS A 74 15.73 -8.46 -20.42
C HIS A 74 15.33 -7.59 -21.61
N HIS A 75 15.25 -6.31 -21.42
CA HIS A 75 14.87 -5.40 -22.55
C HIS A 75 15.63 -4.08 -22.43
N HIS A 76 16.03 -3.53 -23.56
CA HIS A 76 16.79 -2.24 -23.54
C HIS A 76 15.80 -1.07 -23.46
N ALA A 1 8.17 7.81 -11.06
CA ALA A 1 8.01 7.76 -9.58
C ALA A 1 7.83 6.31 -9.14
N GLU A 2 6.62 5.86 -9.06
CA GLU A 2 6.34 4.46 -8.64
C GLU A 2 6.93 4.19 -7.26
N LYS A 3 6.09 3.80 -6.32
CA LYS A 3 6.58 3.52 -4.93
C LYS A 3 5.92 2.25 -4.42
N THR A 4 6.55 1.57 -3.48
CA THR A 4 5.97 0.30 -2.93
C THR A 4 5.89 0.40 -1.41
N GLY A 5 4.72 0.17 -0.86
CA GLY A 5 4.54 0.25 0.62
C GLY A 5 4.70 -1.14 1.24
N ILE A 6 5.51 -1.25 2.27
CA ILE A 6 5.72 -2.57 2.92
C ILE A 6 4.75 -2.73 4.09
N VAL A 7 3.91 -3.72 4.05
CA VAL A 7 2.94 -3.94 5.16
C VAL A 7 3.68 -4.55 6.36
N ASN A 8 3.46 -4.02 7.53
CA ASN A 8 4.13 -4.57 8.75
C ASN A 8 3.11 -4.70 9.88
N VAL A 9 2.40 -5.81 9.92
CA VAL A 9 1.38 -6.02 10.99
C VAL A 9 1.58 -7.40 11.62
N SER A 10 1.58 -7.47 12.93
CA SER A 10 1.76 -8.77 13.62
C SER A 10 0.62 -9.73 13.26
N SER A 11 -0.59 -9.22 13.21
CA SER A 11 -1.76 -10.10 12.89
C SER A 11 -2.01 -10.07 11.38
N SER A 12 -2.69 -9.06 10.91
CA SER A 12 -2.97 -8.98 9.45
C SER A 12 -3.47 -7.58 9.13
N LEU A 13 -3.52 -7.22 7.86
CA LEU A 13 -4.00 -5.86 7.46
C LEU A 13 -5.23 -5.99 6.57
N ASN A 14 -6.25 -5.23 6.86
CA ASN A 14 -7.50 -5.29 6.05
C ASN A 14 -7.42 -4.25 4.92
N VAL A 15 -8.11 -4.50 3.83
CA VAL A 15 -8.10 -3.53 2.69
C VAL A 15 -9.41 -2.76 2.69
N ARG A 16 -9.33 -1.45 2.58
CA ARG A 16 -10.57 -0.62 2.59
C ARG A 16 -10.79 -0.01 1.20
N GLU A 17 -12.01 -0.07 0.73
CA GLU A 17 -12.33 0.50 -0.60
C GLU A 17 -12.28 2.04 -0.53
N GLY A 18 -12.70 2.60 0.58
CA GLY A 18 -12.70 4.08 0.72
C GLY A 18 -11.48 4.54 1.52
N ALA A 19 -11.39 5.82 1.80
CA ALA A 19 -10.23 6.36 2.58
C ALA A 19 -10.74 6.78 3.97
N SER A 20 -11.81 6.19 4.42
CA SER A 20 -12.37 6.54 5.76
C SER A 20 -11.64 5.76 6.86
N THR A 21 -11.89 6.09 8.10
CA THR A 21 -11.24 5.37 9.22
C THR A 21 -11.67 3.90 9.20
N SER A 22 -12.93 3.63 8.99
CA SER A 22 -13.43 2.22 8.95
C SER A 22 -14.38 2.06 7.77
N SER A 23 -13.86 2.18 6.56
CA SER A 23 -14.72 2.03 5.35
C SER A 23 -15.03 0.56 5.08
N LYS A 24 -15.74 0.29 4.02
CA LYS A 24 -16.10 -1.10 3.67
C LYS A 24 -14.85 -1.92 3.37
N VAL A 25 -14.82 -3.14 3.83
CA VAL A 25 -13.65 -4.03 3.57
C VAL A 25 -13.97 -4.94 2.38
N ILE A 26 -13.14 -4.93 1.38
CA ILE A 26 -13.36 -5.79 0.18
C ILE A 26 -12.40 -6.98 0.22
N GLY A 27 -11.52 -7.00 1.17
CA GLY A 27 -10.56 -8.13 1.26
C GLY A 27 -9.52 -7.87 2.35
N SER A 28 -8.47 -8.66 2.38
CA SER A 28 -7.41 -8.46 3.40
C SER A 28 -6.09 -9.00 2.87
N LEU A 29 -4.98 -8.48 3.37
CA LEU A 29 -3.63 -8.95 2.91
C LEU A 29 -2.82 -9.43 4.10
N SER A 30 -1.93 -10.36 3.87
CA SER A 30 -1.10 -10.90 4.97
C SER A 30 0.04 -9.94 5.32
N GLY A 31 0.68 -10.16 6.43
CA GLY A 31 1.80 -9.28 6.87
C GLY A 31 2.99 -9.37 5.89
N ASN A 32 3.83 -8.36 5.90
CA ASN A 32 5.01 -8.33 5.00
C ASN A 32 4.55 -8.46 3.54
N THR A 33 3.40 -7.93 3.23
CA THR A 33 2.90 -8.02 1.82
C THR A 33 3.29 -6.75 1.06
N LYS A 34 3.88 -6.90 -0.09
CA LYS A 34 4.31 -5.72 -0.89
C LYS A 34 3.12 -5.20 -1.70
N VAL A 35 2.90 -3.91 -1.68
CA VAL A 35 1.75 -3.31 -2.46
C VAL A 35 2.28 -2.18 -3.34
N THR A 36 1.86 -2.15 -4.58
CA THR A 36 2.33 -1.10 -5.51
C THR A 36 1.57 0.20 -5.24
N ILE A 37 2.28 1.29 -5.08
CA ILE A 37 1.61 2.60 -4.81
C ILE A 37 1.70 3.47 -6.06
N VAL A 38 0.56 3.96 -6.52
CA VAL A 38 0.53 4.84 -7.72
C VAL A 38 -0.05 6.19 -7.31
N GLY A 39 -0.22 6.41 -6.03
CA GLY A 39 -0.77 7.70 -5.56
C GLY A 39 -0.72 7.76 -4.04
N GLU A 40 -1.06 8.88 -3.45
CA GLU A 40 -1.02 9.01 -1.96
C GLU A 40 -2.30 9.70 -1.46
N GLU A 41 -2.66 9.47 -0.22
CA GLU A 41 -3.89 10.08 0.34
C GLU A 41 -3.61 10.55 1.78
N GLY A 42 -4.34 11.53 2.23
CA GLY A 42 -4.13 12.07 3.61
C GLY A 42 -4.47 11.00 4.65
N ALA A 43 -3.47 10.46 5.30
CA ALA A 43 -3.69 9.41 6.35
C ALA A 43 -3.90 8.07 5.67
N PHE A 44 -3.77 8.01 4.37
CA PHE A 44 -3.96 6.73 3.64
C PHE A 44 -3.09 6.71 2.39
N TYR A 45 -2.82 5.54 1.88
CA TYR A 45 -1.98 5.41 0.64
C TYR A 45 -2.80 4.77 -0.46
N LYS A 46 -2.54 5.15 -1.68
CA LYS A 46 -3.30 4.57 -2.83
C LYS A 46 -2.54 3.34 -3.35
N ILE A 47 -3.15 2.18 -3.28
CA ILE A 47 -2.49 0.95 -3.78
C ILE A 47 -3.40 0.24 -4.78
N GLU A 48 -2.82 -0.51 -5.68
CA GLU A 48 -3.65 -1.22 -6.69
C GLU A 48 -4.10 -2.57 -6.12
N TYR A 49 -5.39 -2.76 -6.00
CA TYR A 49 -5.93 -4.04 -5.46
C TYR A 49 -6.65 -4.78 -6.60
N LYS A 50 -6.22 -5.99 -6.89
CA LYS A 50 -6.85 -6.79 -7.99
C LYS A 50 -7.20 -5.88 -9.18
N GLY A 51 -8.39 -5.33 -9.18
CA GLY A 51 -8.82 -4.43 -10.30
C GLY A 51 -9.39 -3.15 -9.70
N SER A 52 -9.84 -3.19 -8.47
CA SER A 52 -10.42 -1.97 -7.82
C SER A 52 -9.33 -1.17 -7.09
N HIS A 53 -9.61 0.06 -6.77
CA HIS A 53 -8.61 0.90 -6.06
C HIS A 53 -8.70 0.62 -4.56
N GLY A 54 -7.67 0.03 -4.00
CA GLY A 54 -7.67 -0.29 -2.54
C GLY A 54 -6.90 0.79 -1.77
N TYR A 55 -7.37 1.15 -0.60
CA TYR A 55 -6.68 2.18 0.22
C TYR A 55 -6.29 1.59 1.57
N VAL A 56 -5.11 1.91 2.05
CA VAL A 56 -4.65 1.37 3.37
C VAL A 56 -4.09 2.51 4.22
N ALA A 57 -4.41 2.51 5.50
CA ALA A 57 -3.93 3.60 6.39
C ALA A 57 -2.40 3.61 6.46
N LYS A 58 -1.82 4.77 6.54
CA LYS A 58 -0.33 4.88 6.62
C LYS A 58 0.17 4.28 7.94
N GLU A 59 -0.72 4.03 8.86
CA GLU A 59 -0.31 3.46 10.17
C GLU A 59 0.23 2.03 9.98
N TYR A 60 -0.35 1.28 9.09
CA TYR A 60 0.10 -0.13 8.90
C TYR A 60 1.10 -0.19 7.73
N ILE A 61 1.31 0.92 7.06
CA ILE A 61 2.27 0.94 5.91
C ILE A 61 3.50 1.75 6.29
N LYS A 62 4.68 1.20 6.09
CA LYS A 62 5.93 1.93 6.46
C LYS A 62 7.00 1.69 5.40
N ASP A 63 8.10 2.39 5.53
CA ASP A 63 9.24 2.23 4.56
C ASP A 63 8.92 2.97 3.26
N ILE A 64 8.01 2.46 2.48
CA ILE A 64 7.65 3.11 1.20
C ILE A 64 8.87 3.16 0.29
N LYS A 65 9.42 2.01 -0.04
CA LYS A 65 10.61 1.97 -0.93
C LYS A 65 10.52 0.76 -1.87
N ASP A 66 10.82 0.95 -3.12
CA ASP A 66 10.74 -0.18 -4.08
C ASP A 66 11.83 -1.21 -3.76
N GLU A 67 11.49 -2.47 -3.73
CA GLU A 67 12.49 -3.52 -3.42
C GLU A 67 13.45 -3.69 -4.61
N VAL A 68 14.59 -3.02 -4.55
CA VAL A 68 15.60 -3.13 -5.66
C VAL A 68 16.93 -3.63 -5.09
N LEU A 69 17.51 -4.61 -5.72
CA LEU A 69 18.79 -5.16 -5.23
C LEU A 69 19.95 -4.25 -5.63
N GLU A 70 20.92 -4.12 -4.76
CA GLU A 70 22.08 -3.25 -5.07
C GLU A 70 23.28 -3.70 -4.21
N HIS A 71 24.27 -4.27 -4.82
CA HIS A 71 25.46 -4.75 -4.07
C HIS A 71 26.34 -3.55 -3.68
N HIS A 72 27.04 -2.98 -4.63
CA HIS A 72 27.92 -1.82 -4.32
C HIS A 72 27.11 -0.53 -4.30
N HIS A 73 27.30 0.27 -3.29
CA HIS A 73 26.55 1.55 -3.19
C HIS A 73 27.01 2.49 -4.30
N HIS A 74 28.28 2.51 -4.60
CA HIS A 74 28.79 3.42 -5.68
C HIS A 74 30.13 2.91 -6.20
N HIS A 75 31.13 3.75 -6.22
CA HIS A 75 32.47 3.35 -6.72
C HIS A 75 33.07 2.29 -5.79
N HIS A 76 32.88 2.43 -4.51
CA HIS A 76 33.45 1.42 -3.56
C HIS A 76 32.97 0.02 -3.94
N ALA A 1 8.09 6.22 -10.62
CA ALA A 1 7.02 7.02 -9.95
C ALA A 1 6.29 6.11 -8.96
N GLU A 2 6.30 4.83 -9.22
CA GLU A 2 5.60 3.87 -8.32
C GLU A 2 6.48 3.54 -7.12
N LYS A 3 5.84 3.26 -6.01
CA LYS A 3 6.58 2.93 -4.76
C LYS A 3 5.99 1.67 -4.13
N THR A 4 6.79 0.96 -3.38
CA THR A 4 6.33 -0.30 -2.71
C THR A 4 6.38 -0.13 -1.20
N GLY A 5 5.26 -0.29 -0.56
CA GLY A 5 5.18 -0.14 0.93
C GLY A 5 5.18 -1.51 1.60
N ILE A 6 5.84 -1.61 2.72
CA ILE A 6 5.90 -2.90 3.48
C ILE A 6 4.78 -2.94 4.51
N VAL A 7 3.93 -3.93 4.39
CA VAL A 7 2.79 -4.06 5.35
C VAL A 7 3.27 -4.70 6.65
N ASN A 8 3.41 -3.91 7.67
CA ASN A 8 3.88 -4.44 8.99
C ASN A 8 2.68 -4.65 9.91
N VAL A 9 2.29 -5.89 10.07
CA VAL A 9 1.13 -6.23 10.96
C VAL A 9 1.46 -7.47 11.79
N SER A 10 0.74 -7.65 12.86
CA SER A 10 0.97 -8.84 13.74
C SER A 10 0.17 -10.02 13.21
N SER A 11 -0.73 -9.77 12.30
CA SER A 11 -1.56 -10.87 11.70
C SER A 11 -1.76 -10.61 10.21
N SER A 12 -2.64 -9.69 9.89
CA SER A 12 -2.90 -9.37 8.45
C SER A 12 -3.44 -7.95 8.33
N LEU A 13 -3.47 -7.44 7.13
CA LEU A 13 -3.97 -6.04 6.91
C LEU A 13 -5.26 -6.06 6.09
N ASN A 14 -6.23 -5.31 6.53
CA ASN A 14 -7.54 -5.24 5.83
C ASN A 14 -7.53 -4.10 4.82
N VAL A 15 -8.14 -4.31 3.68
CA VAL A 15 -8.18 -3.26 2.62
C VAL A 15 -9.52 -2.53 2.67
N ARG A 16 -9.46 -1.23 2.69
CA ARG A 16 -10.71 -0.40 2.75
C ARG A 16 -11.15 -0.03 1.34
N GLU A 17 -12.43 0.20 1.18
CA GLU A 17 -12.97 0.56 -0.16
C GLU A 17 -12.41 1.92 -0.59
N GLY A 18 -12.37 2.86 0.30
CA GLY A 18 -11.83 4.21 -0.05
C GLY A 18 -11.39 4.94 1.22
N ALA A 19 -10.10 4.98 1.46
CA ALA A 19 -9.55 5.67 2.66
C ALA A 19 -10.44 5.43 3.87
N SER A 20 -11.05 6.47 4.36
CA SER A 20 -11.95 6.37 5.53
C SER A 20 -11.22 5.74 6.72
N THR A 21 -11.65 6.06 7.91
CA THR A 21 -11.01 5.51 9.13
C THR A 21 -11.28 4.01 9.23
N SER A 22 -12.50 3.61 9.02
CA SER A 22 -12.85 2.17 9.10
C SER A 22 -14.05 1.88 8.19
N SER A 23 -13.90 2.12 6.92
CA SER A 23 -15.00 1.88 5.94
C SER A 23 -15.16 0.38 5.68
N LYS A 24 -15.97 0.05 4.71
CA LYS A 24 -16.23 -1.38 4.37
C LYS A 24 -14.96 -2.03 3.83
N VAL A 25 -14.76 -3.27 4.19
CA VAL A 25 -13.56 -4.01 3.71
C VAL A 25 -13.93 -4.88 2.51
N ILE A 26 -13.20 -4.74 1.45
CA ILE A 26 -13.48 -5.54 0.22
C ILE A 26 -12.45 -6.66 0.11
N GLY A 27 -11.50 -6.69 1.01
CA GLY A 27 -10.46 -7.77 0.97
C GLY A 27 -9.38 -7.50 2.02
N SER A 28 -8.36 -8.30 2.00
CA SER A 28 -7.23 -8.13 2.98
C SER A 28 -5.95 -8.71 2.39
N LEU A 29 -4.83 -8.32 2.93
CA LEU A 29 -3.51 -8.81 2.44
C LEU A 29 -2.70 -9.39 3.60
N SER A 30 -1.85 -10.32 3.29
CA SER A 30 -1.01 -10.97 4.33
C SER A 30 0.08 -10.02 4.80
N GLY A 31 0.71 -10.35 5.89
CA GLY A 31 1.78 -9.49 6.45
C GLY A 31 3.00 -9.49 5.53
N ASN A 32 3.88 -8.55 5.75
CA ASN A 32 5.13 -8.44 4.93
C ASN A 32 4.78 -8.32 3.44
N THR A 33 3.51 -8.28 3.12
CA THR A 33 3.10 -8.17 1.70
C THR A 33 3.42 -6.77 1.16
N LYS A 34 3.95 -6.72 -0.03
CA LYS A 34 4.30 -5.42 -0.66
C LYS A 34 3.11 -4.89 -1.44
N VAL A 35 2.91 -3.60 -1.43
CA VAL A 35 1.77 -2.97 -2.16
C VAL A 35 2.27 -1.87 -3.09
N THR A 36 1.85 -1.92 -4.32
CA THR A 36 2.29 -0.89 -5.33
C THR A 36 1.47 0.38 -5.15
N ILE A 37 2.14 1.48 -4.99
CA ILE A 37 1.45 2.79 -4.80
C ILE A 37 1.56 3.61 -6.08
N VAL A 38 0.43 4.08 -6.56
CA VAL A 38 0.40 4.91 -7.80
C VAL A 38 -0.27 6.24 -7.47
N GLY A 39 -0.54 6.49 -6.22
CA GLY A 39 -1.19 7.78 -5.83
C GLY A 39 -1.25 7.90 -4.30
N GLU A 40 -1.60 9.07 -3.84
CA GLU A 40 -1.70 9.32 -2.36
C GLU A 40 -3.04 9.96 -2.04
N GLU A 41 -3.52 9.75 -0.83
CA GLU A 41 -4.83 10.34 -0.44
C GLU A 41 -4.87 10.54 1.09
N GLY A 42 -4.81 11.77 1.50
CA GLY A 42 -4.86 12.10 2.95
C GLY A 42 -3.87 11.27 3.76
N ALA A 43 -4.32 10.81 4.89
CA ALA A 43 -3.43 9.98 5.78
C ALA A 43 -3.49 8.52 5.32
N PHE A 44 -3.91 8.29 4.11
CA PHE A 44 -4.00 6.89 3.59
C PHE A 44 -3.25 6.79 2.25
N TYR A 45 -2.73 5.64 1.96
CA TYR A 45 -1.98 5.43 0.68
C TYR A 45 -2.85 4.69 -0.33
N LYS A 46 -2.74 5.07 -1.57
CA LYS A 46 -3.56 4.42 -2.65
C LYS A 46 -2.74 3.31 -3.29
N ILE A 47 -3.27 2.12 -3.27
CA ILE A 47 -2.56 0.95 -3.87
C ILE A 47 -3.50 0.19 -4.82
N GLU A 48 -2.93 -0.50 -5.77
CA GLU A 48 -3.74 -1.26 -6.75
C GLU A 48 -4.12 -2.62 -6.17
N TYR A 49 -5.40 -2.82 -5.95
CA TYR A 49 -5.88 -4.12 -5.38
C TYR A 49 -6.57 -4.93 -6.47
N LYS A 50 -5.98 -6.05 -6.81
CA LYS A 50 -6.54 -6.95 -7.86
C LYS A 50 -7.06 -6.13 -9.04
N GLY A 51 -8.28 -5.70 -8.96
CA GLY A 51 -8.89 -4.88 -10.06
C GLY A 51 -9.22 -3.49 -9.52
N SER A 52 -9.70 -3.43 -8.31
CA SER A 52 -10.07 -2.11 -7.69
C SER A 52 -8.87 -1.51 -6.96
N HIS A 53 -9.00 -0.27 -6.56
CA HIS A 53 -7.88 0.42 -5.85
C HIS A 53 -8.10 0.33 -4.34
N GLY A 54 -7.27 -0.41 -3.67
CA GLY A 54 -7.39 -0.57 -2.20
C GLY A 54 -6.75 0.60 -1.48
N TYR A 55 -7.33 1.00 -0.39
CA TYR A 55 -6.77 2.14 0.40
C TYR A 55 -6.40 1.66 1.80
N VAL A 56 -5.25 2.07 2.28
CA VAL A 56 -4.80 1.65 3.63
C VAL A 56 -4.18 2.85 4.37
N ALA A 57 -4.17 2.77 5.67
CA ALA A 57 -3.61 3.88 6.50
C ALA A 57 -2.08 3.79 6.50
N LYS A 58 -1.44 4.90 6.72
CA LYS A 58 0.05 4.93 6.74
C LYS A 58 0.56 4.20 7.98
N GLU A 59 -0.29 4.00 8.95
CA GLU A 59 0.12 3.32 10.20
C GLU A 59 0.51 1.87 9.91
N TYR A 60 -0.16 1.24 8.98
CA TYR A 60 0.15 -0.18 8.64
C TYR A 60 1.17 -0.20 7.51
N ILE A 61 1.45 0.92 6.91
CA ILE A 61 2.45 0.99 5.80
C ILE A 61 3.69 1.75 6.25
N LYS A 62 4.82 1.09 6.21
CA LYS A 62 6.10 1.74 6.62
C LYS A 62 7.27 1.15 5.83
N ASP A 63 8.43 1.72 6.00
CA ASP A 63 9.65 1.25 5.29
C ASP A 63 9.42 1.29 3.78
N ILE A 64 8.90 2.39 3.29
CA ILE A 64 8.63 2.52 1.83
C ILE A 64 9.93 2.66 1.06
N LYS A 65 10.10 1.87 0.03
CA LYS A 65 11.35 1.90 -0.77
C LYS A 65 11.12 2.64 -2.09
N ASP A 66 12.08 3.42 -2.49
CA ASP A 66 11.97 4.20 -3.76
C ASP A 66 12.68 3.46 -4.88
N GLU A 67 11.94 3.00 -5.85
CA GLU A 67 12.52 2.26 -6.99
C GLU A 67 13.03 3.25 -8.05
N VAL A 68 12.75 4.51 -7.85
CA VAL A 68 13.19 5.56 -8.82
C VAL A 68 14.63 5.99 -8.53
N LEU A 69 15.44 6.08 -9.55
CA LEU A 69 16.87 6.47 -9.37
C LEU A 69 16.96 7.91 -8.84
N GLU A 70 17.80 8.10 -7.86
CA GLU A 70 17.96 9.46 -7.26
C GLU A 70 18.76 10.36 -8.20
N HIS A 71 18.38 11.60 -8.27
CA HIS A 71 19.07 12.57 -9.17
C HIS A 71 20.46 12.91 -8.62
N HIS A 72 21.37 13.20 -9.51
CA HIS A 72 22.76 13.54 -9.10
C HIS A 72 22.80 14.89 -8.39
N HIS A 73 23.57 14.96 -7.34
CA HIS A 73 23.71 16.22 -6.55
C HIS A 73 22.32 16.80 -6.29
N HIS A 74 21.62 16.23 -5.36
CA HIS A 74 20.24 16.72 -5.02
C HIS A 74 20.33 18.16 -4.53
N HIS A 75 21.30 18.45 -3.69
CA HIS A 75 21.45 19.83 -3.16
C HIS A 75 22.93 20.14 -2.93
N HIS A 76 23.33 21.34 -3.25
CA HIS A 76 24.75 21.75 -3.07
C HIS A 76 24.86 23.27 -3.27
N ALA A 1 6.33 9.64 -8.85
CA ALA A 1 6.86 8.40 -9.50
C ALA A 1 6.33 7.16 -8.77
N GLU A 2 6.65 6.00 -9.26
CA GLU A 2 6.17 4.74 -8.61
C GLU A 2 6.79 4.58 -7.21
N LYS A 3 6.01 4.09 -6.28
CA LYS A 3 6.52 3.89 -4.88
C LYS A 3 6.06 2.54 -4.36
N THR A 4 6.83 1.95 -3.48
CA THR A 4 6.45 0.62 -2.91
C THR A 4 6.49 0.70 -1.38
N GLY A 5 5.44 0.24 -0.73
CA GLY A 5 5.38 0.28 0.77
C GLY A 5 5.23 -1.14 1.32
N ILE A 6 5.98 -1.47 2.34
CA ILE A 6 5.89 -2.83 2.93
C ILE A 6 4.77 -2.87 3.98
N VAL A 7 3.89 -3.82 3.87
CA VAL A 7 2.78 -3.92 4.87
C VAL A 7 3.27 -4.62 6.13
N ASN A 8 3.50 -3.88 7.17
CA ASN A 8 3.97 -4.48 8.46
C ASN A 8 2.84 -4.45 9.49
N VAL A 9 2.25 -5.59 9.76
CA VAL A 9 1.12 -5.62 10.75
C VAL A 9 1.26 -6.84 11.65
N SER A 10 0.58 -6.83 12.76
CA SER A 10 0.65 -7.98 13.70
C SER A 10 0.11 -9.24 13.01
N SER A 11 -0.98 -9.12 12.30
CA SER A 11 -1.54 -10.32 11.61
C SER A 11 -2.50 -9.88 10.50
N SER A 12 -2.08 -10.06 9.27
CA SER A 12 -2.95 -9.69 8.09
C SER A 12 -3.42 -8.23 8.19
N LEU A 13 -3.81 -7.67 7.07
CA LEU A 13 -4.29 -6.26 7.02
C LEU A 13 -5.58 -6.17 6.22
N ASN A 14 -6.56 -5.49 6.74
CA ASN A 14 -7.85 -5.37 6.00
C ASN A 14 -7.75 -4.27 4.94
N VAL A 15 -8.35 -4.48 3.80
CA VAL A 15 -8.27 -3.47 2.70
C VAL A 15 -9.48 -2.54 2.78
N ARG A 16 -9.26 -1.26 2.69
CA ARG A 16 -10.40 -0.28 2.77
C ARG A 16 -10.74 0.22 1.37
N GLU A 17 -12.01 0.19 1.03
CA GLU A 17 -12.44 0.66 -0.32
C GLU A 17 -12.36 2.19 -0.37
N GLY A 18 -12.79 2.85 0.67
CA GLY A 18 -12.78 4.35 0.70
C GLY A 18 -11.51 4.85 1.38
N ALA A 19 -11.65 5.74 2.33
CA ALA A 19 -10.46 6.29 3.05
C ALA A 19 -10.77 6.36 4.55
N SER A 20 -12.02 6.20 4.91
CA SER A 20 -12.39 6.28 6.35
C SER A 20 -11.90 5.03 7.11
N THR A 21 -11.65 5.16 8.37
CA THR A 21 -11.18 4.00 9.18
C THR A 21 -12.27 2.92 9.20
N SER A 22 -13.49 3.32 9.44
CA SER A 22 -14.60 2.32 9.48
C SER A 22 -15.16 2.16 8.07
N SER A 23 -14.31 2.25 7.08
CA SER A 23 -14.78 2.12 5.67
C SER A 23 -15.12 0.67 5.35
N LYS A 24 -15.87 0.45 4.30
CA LYS A 24 -16.26 -0.94 3.93
C LYS A 24 -15.03 -1.73 3.50
N VAL A 25 -14.92 -2.95 3.95
CA VAL A 25 -13.75 -3.80 3.58
C VAL A 25 -14.17 -4.77 2.47
N ILE A 26 -13.42 -4.81 1.40
CA ILE A 26 -13.74 -5.72 0.27
C ILE A 26 -12.82 -6.95 0.35
N GLY A 27 -11.91 -6.96 1.28
CA GLY A 27 -10.99 -8.13 1.39
C GLY A 27 -9.86 -7.83 2.37
N SER A 28 -8.81 -8.61 2.34
CA SER A 28 -7.67 -8.38 3.28
C SER A 28 -6.39 -8.96 2.68
N LEU A 29 -5.25 -8.50 3.13
CA LEU A 29 -3.95 -9.01 2.59
C LEU A 29 -3.10 -9.57 3.72
N SER A 30 -2.29 -10.55 3.42
CA SER A 30 -1.42 -11.17 4.47
C SER A 30 -0.34 -10.20 4.95
N GLY A 31 0.12 -10.39 6.16
CA GLY A 31 1.18 -9.51 6.72
C GLY A 31 2.48 -9.56 5.91
N ASN A 32 3.28 -8.55 6.00
CA ASN A 32 4.57 -8.50 5.26
C ASN A 32 4.30 -8.63 3.76
N THR A 33 3.21 -8.10 3.29
CA THR A 33 2.89 -8.17 1.83
C THR A 33 3.33 -6.88 1.14
N LYS A 34 4.06 -6.99 0.07
CA LYS A 34 4.52 -5.77 -0.66
C LYS A 34 3.38 -5.24 -1.53
N VAL A 35 3.11 -3.97 -1.46
CA VAL A 35 2.01 -3.38 -2.29
C VAL A 35 2.52 -2.16 -3.05
N THR A 36 2.18 -2.06 -4.30
CA THR A 36 2.65 -0.90 -5.12
C THR A 36 1.79 0.32 -4.83
N ILE A 37 2.40 1.44 -4.54
CA ILE A 37 1.64 2.69 -4.26
C ILE A 37 1.86 3.68 -5.40
N VAL A 38 0.78 4.22 -5.92
CA VAL A 38 0.87 5.21 -7.05
C VAL A 38 0.07 6.45 -6.68
N GLY A 39 -1.15 6.26 -6.26
CA GLY A 39 -2.02 7.43 -5.90
C GLY A 39 -1.87 7.77 -4.42
N GLU A 40 -2.36 8.92 -4.03
CA GLU A 40 -2.27 9.33 -2.59
C GLU A 40 -3.58 9.99 -2.16
N GLU A 41 -3.97 9.81 -0.93
CA GLU A 41 -5.22 10.44 -0.44
C GLU A 41 -5.12 10.64 1.08
N GLY A 42 -5.02 11.87 1.50
CA GLY A 42 -4.94 12.16 2.96
C GLY A 42 -3.82 11.35 3.63
N ALA A 43 -4.09 10.84 4.80
CA ALA A 43 -3.06 10.05 5.53
C ALA A 43 -3.13 8.60 5.06
N PHE A 44 -3.87 8.33 4.01
CA PHE A 44 -3.99 6.93 3.50
C PHE A 44 -3.29 6.82 2.14
N TYR A 45 -2.69 5.69 1.87
CA TYR A 45 -1.98 5.51 0.57
C TYR A 45 -2.82 4.61 -0.34
N LYS A 46 -2.85 4.92 -1.61
CA LYS A 46 -3.64 4.10 -2.56
C LYS A 46 -2.75 2.98 -3.11
N ILE A 47 -3.28 1.79 -3.21
CA ILE A 47 -2.46 0.64 -3.74
C ILE A 47 -3.20 -0.05 -4.88
N GLU A 48 -2.47 -0.69 -5.74
CA GLU A 48 -3.11 -1.39 -6.89
C GLU A 48 -3.59 -2.76 -6.43
N TYR A 49 -4.87 -2.93 -6.28
CA TYR A 49 -5.43 -4.25 -5.83
C TYR A 49 -6.17 -4.94 -6.98
N LYS A 50 -5.78 -6.15 -7.29
CA LYS A 50 -6.42 -6.93 -8.39
C LYS A 50 -6.89 -6.01 -9.53
N GLY A 51 -8.09 -5.50 -9.45
CA GLY A 51 -8.62 -4.61 -10.53
C GLY A 51 -8.96 -3.24 -9.94
N SER A 52 -9.33 -3.18 -8.68
CA SER A 52 -9.69 -1.87 -8.06
C SER A 52 -8.52 -1.34 -7.22
N HIS A 53 -8.68 -0.16 -6.66
CA HIS A 53 -7.59 0.45 -5.84
C HIS A 53 -7.98 0.41 -4.35
N GLY A 54 -7.20 -0.26 -3.55
CA GLY A 54 -7.51 -0.36 -2.10
C GLY A 54 -6.82 0.78 -1.34
N TYR A 55 -7.30 1.11 -0.16
CA TYR A 55 -6.69 2.20 0.66
C TYR A 55 -6.12 1.62 1.94
N VAL A 56 -4.94 2.05 2.33
CA VAL A 56 -4.31 1.55 3.58
C VAL A 56 -3.70 2.72 4.35
N ALA A 57 -3.88 2.73 5.64
CA ALA A 57 -3.34 3.84 6.48
C ALA A 57 -1.81 3.80 6.51
N LYS A 58 -1.19 4.94 6.60
CA LYS A 58 0.30 4.99 6.66
C LYS A 58 0.79 4.26 7.91
N GLU A 59 -0.08 4.03 8.85
CA GLU A 59 0.31 3.34 10.11
C GLU A 59 0.66 1.88 9.81
N TYR A 60 -0.02 1.27 8.89
CA TYR A 60 0.28 -0.16 8.56
C TYR A 60 1.29 -0.21 7.42
N ILE A 61 1.64 0.93 6.86
CA ILE A 61 2.62 0.95 5.73
C ILE A 61 3.91 1.63 6.20
N LYS A 62 5.02 0.95 6.09
CA LYS A 62 6.31 1.54 6.53
C LYS A 62 7.43 1.16 5.57
N ASP A 63 8.58 1.76 5.73
CA ASP A 63 9.74 1.45 4.83
C ASP A 63 9.37 1.76 3.39
N ILE A 64 8.67 2.84 3.16
CA ILE A 64 8.27 3.20 1.77
C ILE A 64 9.46 3.77 1.00
N LYS A 65 9.71 3.25 -0.18
CA LYS A 65 10.87 3.75 -0.99
C LYS A 65 10.45 3.95 -2.44
N ASP A 66 11.02 4.92 -3.10
CA ASP A 66 10.67 5.19 -4.51
C ASP A 66 11.46 4.27 -5.44
N GLU A 67 10.77 3.51 -6.25
CA GLU A 67 11.47 2.56 -7.18
C GLU A 67 12.62 3.27 -7.92
N VAL A 68 13.62 2.53 -8.30
CA VAL A 68 14.79 3.15 -9.00
C VAL A 68 14.37 3.67 -10.37
N LEU A 69 14.73 4.89 -10.66
CA LEU A 69 14.37 5.51 -11.97
C LEU A 69 15.61 5.54 -12.87
N GLU A 70 16.77 5.41 -12.30
CA GLU A 70 18.03 5.43 -13.11
C GLU A 70 18.14 6.75 -13.88
N HIS A 71 19.18 7.49 -13.62
CA HIS A 71 19.39 8.80 -14.31
C HIS A 71 19.86 8.59 -15.75
N HIS A 72 19.46 9.47 -16.64
CA HIS A 72 19.87 9.38 -18.07
C HIS A 72 19.39 8.05 -18.67
N HIS A 73 18.63 8.12 -19.73
CA HIS A 73 18.12 6.88 -20.37
C HIS A 73 19.20 6.27 -21.25
N HIS A 74 19.78 5.19 -20.82
CA HIS A 74 20.84 4.52 -21.62
C HIS A 74 20.85 3.03 -21.30
N HIS A 75 19.77 2.35 -21.61
CA HIS A 75 19.69 0.89 -21.32
C HIS A 75 20.77 0.15 -22.12
N HIS A 76 20.97 0.54 -23.35
CA HIS A 76 22.01 -0.13 -24.19
C HIS A 76 23.40 0.30 -23.72
N ALA A 1 6.29 8.39 -10.14
CA ALA A 1 7.29 8.19 -9.04
C ALA A 1 7.34 6.70 -8.69
N GLU A 2 6.27 6.01 -8.93
CA GLU A 2 6.22 4.54 -8.62
C GLU A 2 6.83 4.27 -7.25
N LYS A 3 6.00 4.16 -6.25
CA LYS A 3 6.50 3.88 -4.87
C LYS A 3 5.91 2.56 -4.38
N THR A 4 6.58 1.92 -3.45
CA THR A 4 6.08 0.62 -2.90
C THR A 4 6.07 0.68 -1.38
N GLY A 5 4.92 0.42 -0.81
CA GLY A 5 4.78 0.46 0.69
C GLY A 5 4.84 -0.96 1.25
N ILE A 6 5.56 -1.13 2.34
CA ILE A 6 5.67 -2.48 2.96
C ILE A 6 4.62 -2.64 4.06
N VAL A 7 3.76 -3.60 3.89
CA VAL A 7 2.68 -3.84 4.90
C VAL A 7 3.25 -4.59 6.10
N ASN A 8 2.96 -4.14 7.28
CA ASN A 8 3.47 -4.82 8.51
C ASN A 8 2.39 -4.86 9.59
N VAL A 9 1.83 -6.02 9.82
CA VAL A 9 0.76 -6.16 10.85
C VAL A 9 0.98 -7.44 11.65
N SER A 10 0.55 -7.45 12.88
CA SER A 10 0.71 -8.66 13.73
C SER A 10 -0.25 -9.77 13.26
N SER A 11 -1.47 -9.40 12.96
CA SER A 11 -2.47 -10.40 12.50
C SER A 11 -2.67 -10.28 10.99
N SER A 12 -3.39 -9.29 10.56
CA SER A 12 -3.62 -9.11 9.09
C SER A 12 -4.04 -7.68 8.81
N LEU A 13 -4.05 -7.31 7.55
CA LEU A 13 -4.44 -5.91 7.16
C LEU A 13 -5.71 -5.93 6.32
N ASN A 14 -6.68 -5.13 6.67
CA ASN A 14 -7.95 -5.08 5.92
C ASN A 14 -7.88 -4.00 4.83
N VAL A 15 -8.40 -4.32 3.66
CA VAL A 15 -8.37 -3.34 2.54
C VAL A 15 -9.63 -2.48 2.57
N ARG A 16 -9.47 -1.19 2.50
CA ARG A 16 -10.63 -0.26 2.53
C ARG A 16 -10.86 0.33 1.13
N GLU A 17 -12.07 0.28 0.68
CA GLU A 17 -12.41 0.83 -0.67
C GLU A 17 -12.33 2.36 -0.62
N GLY A 18 -12.80 2.96 0.44
CA GLY A 18 -12.79 4.45 0.54
C GLY A 18 -11.53 4.92 1.28
N ALA A 19 -11.38 6.21 1.39
CA ALA A 19 -10.19 6.77 2.09
C ALA A 19 -10.48 6.89 3.58
N SER A 20 -11.16 5.91 4.12
CA SER A 20 -11.50 5.94 5.57
C SER A 20 -11.63 4.52 6.12
N THR A 21 -11.42 4.34 7.39
CA THR A 21 -11.53 2.98 8.00
C THR A 21 -12.99 2.57 8.05
N SER A 22 -13.87 3.53 8.13
CA SER A 22 -15.34 3.21 8.17
C SER A 22 -15.84 2.98 6.74
N SER A 23 -14.98 3.16 5.78
CA SER A 23 -15.39 2.96 4.36
C SER A 23 -16.06 1.59 4.19
N LYS A 24 -15.31 0.62 3.75
CA LYS A 24 -15.90 -0.74 3.54
C LYS A 24 -14.79 -1.76 3.30
N VAL A 25 -14.84 -2.86 3.98
CA VAL A 25 -13.80 -3.92 3.82
C VAL A 25 -14.13 -4.77 2.59
N ILE A 26 -13.15 -5.00 1.75
CA ILE A 26 -13.37 -5.84 0.53
C ILE A 26 -12.48 -7.08 0.60
N GLY A 27 -11.57 -7.12 1.53
CA GLY A 27 -10.68 -8.31 1.65
C GLY A 27 -9.57 -8.05 2.67
N SER A 28 -8.65 -8.98 2.79
CA SER A 28 -7.53 -8.82 3.78
C SER A 28 -6.20 -9.16 3.09
N LEU A 29 -5.12 -8.64 3.62
CA LEU A 29 -3.77 -8.91 3.03
C LEU A 29 -2.85 -9.52 4.08
N SER A 30 -1.96 -10.36 3.65
CA SER A 30 -1.03 -11.03 4.60
C SER A 30 0.06 -10.05 5.06
N GLY A 31 0.65 -10.34 6.18
CA GLY A 31 1.72 -9.46 6.73
C GLY A 31 2.96 -9.47 5.84
N ASN A 32 3.75 -8.43 5.91
CA ASN A 32 4.99 -8.33 5.09
C ASN A 32 4.62 -8.43 3.61
N THR A 33 3.47 -7.94 3.25
CA THR A 33 3.04 -8.01 1.81
C THR A 33 3.41 -6.70 1.08
N LYS A 34 4.14 -6.84 0.00
CA LYS A 34 4.56 -5.65 -0.79
C LYS A 34 3.39 -5.18 -1.66
N VAL A 35 3.11 -3.90 -1.64
CA VAL A 35 1.99 -3.34 -2.47
C VAL A 35 2.49 -2.16 -3.28
N THR A 36 2.14 -2.12 -4.55
CA THR A 36 2.58 -1.01 -5.43
C THR A 36 1.71 0.21 -5.19
N ILE A 37 2.33 1.33 -4.94
CA ILE A 37 1.58 2.59 -4.70
C ILE A 37 1.63 3.47 -5.95
N VAL A 38 0.49 3.84 -6.45
CA VAL A 38 0.43 4.71 -7.67
C VAL A 38 -0.12 6.08 -7.27
N GLY A 39 -0.43 6.25 -6.00
CA GLY A 39 -0.97 7.57 -5.55
C GLY A 39 -1.11 7.60 -4.02
N GLU A 40 -1.50 8.71 -3.48
CA GLU A 40 -1.68 8.84 -2.01
C GLU A 40 -2.87 9.75 -1.71
N GLU A 41 -3.47 9.59 -0.56
CA GLU A 41 -4.64 10.44 -0.19
C GLU A 41 -4.73 10.57 1.34
N GLY A 42 -4.40 11.72 1.84
CA GLY A 42 -4.48 11.96 3.31
C GLY A 42 -3.58 11.00 4.09
N ALA A 43 -4.08 10.46 5.17
CA ALA A 43 -3.28 9.53 6.00
C ALA A 43 -3.46 8.10 5.45
N PHE A 44 -3.72 7.97 4.18
CA PHE A 44 -3.90 6.62 3.57
C PHE A 44 -3.16 6.55 2.25
N TYR A 45 -2.71 5.38 1.89
CA TYR A 45 -1.96 5.21 0.61
C TYR A 45 -2.83 4.48 -0.42
N LYS A 46 -2.66 4.83 -1.65
CA LYS A 46 -3.45 4.19 -2.74
C LYS A 46 -2.62 3.10 -3.40
N ILE A 47 -3.13 1.90 -3.45
CA ILE A 47 -2.38 0.76 -4.06
C ILE A 47 -3.27 0.04 -5.08
N GLU A 48 -2.66 -0.65 -5.99
CA GLU A 48 -3.44 -1.40 -7.02
C GLU A 48 -3.80 -2.80 -6.50
N TYR A 49 -5.01 -2.97 -6.07
CA TYR A 49 -5.45 -4.30 -5.54
C TYR A 49 -6.45 -4.93 -6.52
N LYS A 50 -6.10 -6.07 -7.05
CA LYS A 50 -6.99 -6.76 -8.03
C LYS A 50 -7.41 -5.80 -9.14
N GLY A 51 -6.56 -4.85 -9.43
CA GLY A 51 -6.88 -3.87 -10.52
C GLY A 51 -7.59 -2.65 -9.91
N SER A 52 -8.21 -2.81 -8.78
CA SER A 52 -8.93 -1.68 -8.14
C SER A 52 -7.98 -0.86 -7.27
N HIS A 53 -8.40 0.32 -6.88
CA HIS A 53 -7.54 1.19 -6.02
C HIS A 53 -7.90 0.99 -4.56
N GLY A 54 -7.10 0.22 -3.85
CA GLY A 54 -7.37 -0.04 -2.41
C GLY A 54 -6.70 1.03 -1.54
N TYR A 55 -7.31 1.34 -0.42
CA TYR A 55 -6.74 2.37 0.49
C TYR A 55 -6.36 1.72 1.83
N VAL A 56 -5.19 2.02 2.32
CA VAL A 56 -4.72 1.42 3.61
C VAL A 56 -4.09 2.50 4.49
N ALA A 57 -4.36 2.45 5.76
CA ALA A 57 -3.80 3.46 6.70
C ALA A 57 -2.26 3.38 6.72
N LYS A 58 -1.63 4.50 6.86
CA LYS A 58 -0.13 4.54 6.88
C LYS A 58 0.40 3.77 8.10
N GLU A 59 -0.27 3.86 9.21
CA GLU A 59 0.20 3.16 10.45
C GLU A 59 0.61 1.71 10.13
N TYR A 60 0.19 1.19 9.00
CA TYR A 60 0.56 -0.21 8.63
C TYR A 60 1.59 -0.17 7.49
N ILE A 61 1.51 0.83 6.66
CA ILE A 61 2.47 0.94 5.52
C ILE A 61 3.66 1.81 5.93
N LYS A 62 4.85 1.27 5.82
CA LYS A 62 6.08 2.03 6.19
C LYS A 62 7.26 1.58 5.33
N ASP A 63 8.36 2.25 5.47
CA ASP A 63 9.59 1.92 4.68
C ASP A 63 9.29 2.00 3.18
N ILE A 64 8.73 3.10 2.76
CA ILE A 64 8.40 3.27 1.31
C ILE A 64 9.69 3.44 0.51
N LYS A 65 9.81 2.74 -0.58
CA LYS A 65 11.04 2.84 -1.43
C LYS A 65 10.71 3.48 -2.78
N ASP A 66 11.51 4.44 -3.17
CA ASP A 66 11.27 5.14 -4.47
C ASP A 66 11.94 4.36 -5.60
N GLU A 67 11.16 3.90 -6.53
CA GLU A 67 11.72 3.11 -7.67
C GLU A 67 12.71 3.96 -8.45
N VAL A 68 13.83 3.39 -8.80
CA VAL A 68 14.87 4.12 -9.56
C VAL A 68 14.77 3.77 -11.05
N LEU A 69 14.64 4.76 -11.89
CA LEU A 69 14.54 4.52 -13.36
C LEU A 69 15.93 4.60 -13.98
N GLU A 70 16.91 4.98 -13.20
CA GLU A 70 18.29 5.09 -13.74
C GLU A 70 18.75 3.74 -14.31
N HIS A 71 19.38 3.77 -15.45
CA HIS A 71 19.87 2.50 -16.07
C HIS A 71 21.00 1.92 -15.23
N HIS A 72 21.86 2.78 -14.74
CA HIS A 72 23.01 2.30 -13.92
C HIS A 72 22.50 1.74 -12.59
N HIS A 73 23.16 0.73 -12.09
CA HIS A 73 22.75 0.10 -10.80
C HIS A 73 23.97 -0.09 -9.90
N HIS A 74 23.74 -0.32 -8.65
CA HIS A 74 24.85 -0.54 -7.67
C HIS A 74 25.97 0.46 -7.92
N HIS A 75 27.16 0.16 -7.46
CA HIS A 75 28.31 1.09 -7.65
C HIS A 75 29.57 0.30 -8.01
N HIS A 76 30.43 0.88 -8.80
CA HIS A 76 31.68 0.19 -9.20
C HIS A 76 32.69 1.23 -9.68
N ALA A 1 5.94 7.97 -10.49
CA ALA A 1 6.92 7.42 -9.51
C ALA A 1 6.25 6.34 -8.67
N GLU A 2 6.17 5.14 -9.20
CA GLU A 2 5.52 4.03 -8.44
C GLU A 2 6.38 3.63 -7.24
N LYS A 3 5.75 3.34 -6.13
CA LYS A 3 6.50 2.94 -4.90
C LYS A 3 5.79 1.77 -4.23
N THR A 4 6.52 0.95 -3.51
CA THR A 4 5.90 -0.22 -2.82
C THR A 4 6.02 -0.04 -1.31
N GLY A 5 4.91 -0.08 -0.61
CA GLY A 5 4.92 0.09 0.87
C GLY A 5 4.91 -1.27 1.54
N ILE A 6 5.78 -1.48 2.49
CA ILE A 6 5.84 -2.80 3.19
C ILE A 6 4.74 -2.83 4.27
N VAL A 7 3.91 -3.84 4.22
CA VAL A 7 2.82 -3.95 5.24
C VAL A 7 3.38 -4.53 6.53
N ASN A 8 3.06 -3.93 7.66
CA ASN A 8 3.56 -4.43 8.97
C ASN A 8 2.40 -4.53 9.95
N VAL A 9 1.92 -5.73 10.19
CA VAL A 9 0.78 -5.91 11.14
C VAL A 9 1.07 -7.09 12.07
N SER A 10 0.45 -7.12 13.21
CA SER A 10 0.68 -8.24 14.17
C SER A 10 -0.22 -9.41 13.80
N SER A 11 -1.16 -9.19 12.91
CA SER A 11 -2.10 -10.28 12.49
C SER A 11 -2.30 -10.20 10.98
N SER A 12 -3.04 -9.23 10.52
CA SER A 12 -3.28 -9.09 9.06
C SER A 12 -3.70 -7.65 8.75
N LEU A 13 -3.66 -7.26 7.50
CA LEU A 13 -4.04 -5.87 7.11
C LEU A 13 -5.32 -5.93 6.26
N ASN A 14 -6.28 -5.11 6.59
CA ASN A 14 -7.57 -5.10 5.82
C ASN A 14 -7.48 -4.08 4.68
N VAL A 15 -8.12 -4.37 3.58
CA VAL A 15 -8.09 -3.43 2.42
C VAL A 15 -9.39 -2.62 2.42
N ARG A 16 -9.28 -1.32 2.32
CA ARG A 16 -10.50 -0.45 2.34
C ARG A 16 -10.71 0.17 0.95
N GLU A 17 -11.93 0.20 0.48
CA GLU A 17 -12.21 0.79 -0.85
C GLU A 17 -12.30 2.31 -0.73
N GLY A 18 -12.83 2.80 0.37
CA GLY A 18 -12.96 4.27 0.55
C GLY A 18 -11.76 4.80 1.36
N ALA A 19 -11.70 6.09 1.56
CA ALA A 19 -10.58 6.69 2.34
C ALA A 19 -11.01 6.86 3.79
N SER A 20 -12.26 6.59 4.07
CA SER A 20 -12.76 6.75 5.47
C SER A 20 -12.49 5.47 6.27
N THR A 21 -12.36 5.59 7.56
CA THR A 21 -12.10 4.39 8.41
C THR A 21 -13.29 3.42 8.32
N SER A 22 -14.49 3.93 8.40
CA SER A 22 -15.69 3.04 8.32
C SER A 22 -15.88 2.58 6.88
N SER A 23 -14.86 2.68 6.07
CA SER A 23 -14.97 2.25 4.65
C SER A 23 -15.21 0.73 4.60
N LYS A 24 -15.91 0.28 3.59
CA LYS A 24 -16.20 -1.17 3.45
C LYS A 24 -14.92 -1.93 3.08
N VAL A 25 -14.76 -3.13 3.62
CA VAL A 25 -13.55 -3.95 3.31
C VAL A 25 -13.90 -5.04 2.30
N ILE A 26 -13.12 -5.18 1.27
CA ILE A 26 -13.39 -6.23 0.24
C ILE A 26 -12.49 -7.44 0.50
N GLY A 27 -11.59 -7.35 1.44
CA GLY A 27 -10.69 -8.50 1.73
C GLY A 27 -9.53 -8.05 2.62
N SER A 28 -8.46 -8.80 2.64
CA SER A 28 -7.29 -8.42 3.48
C SER A 28 -6.01 -9.00 2.87
N LEU A 29 -4.87 -8.55 3.33
CA LEU A 29 -3.56 -9.06 2.79
C LEU A 29 -2.68 -9.54 3.95
N SER A 30 -1.78 -10.45 3.67
CA SER A 30 -0.89 -11.00 4.74
C SER A 30 0.16 -9.97 5.14
N GLY A 31 0.76 -10.15 6.29
CA GLY A 31 1.80 -9.20 6.77
C GLY A 31 3.07 -9.29 5.91
N ASN A 32 3.92 -8.30 6.00
CA ASN A 32 5.18 -8.29 5.21
C ASN A 32 4.87 -8.18 3.71
N THR A 33 3.63 -8.39 3.35
CA THR A 33 3.27 -8.29 1.91
C THR A 33 3.38 -6.84 1.45
N LYS A 34 3.99 -6.60 0.32
CA LYS A 34 4.13 -5.20 -0.19
C LYS A 34 2.98 -4.88 -1.14
N VAL A 35 2.54 -3.64 -1.15
CA VAL A 35 1.41 -3.23 -2.05
C VAL A 35 1.87 -2.08 -2.95
N THR A 36 1.63 -2.20 -4.23
CA THR A 36 2.05 -1.13 -5.18
C THR A 36 1.29 0.17 -4.91
N ILE A 37 1.99 1.26 -4.77
CA ILE A 37 1.34 2.58 -4.52
C ILE A 37 1.44 3.44 -5.77
N VAL A 38 0.33 3.98 -6.23
CA VAL A 38 0.34 4.83 -7.46
C VAL A 38 0.02 6.28 -7.06
N GLY A 39 -0.23 6.52 -5.80
CA GLY A 39 -0.55 7.91 -5.36
C GLY A 39 -0.83 7.92 -3.85
N GLU A 40 -1.23 9.05 -3.32
CA GLU A 40 -1.51 9.14 -1.85
C GLU A 40 -2.75 10.02 -1.63
N GLU A 41 -3.46 9.81 -0.55
CA GLU A 41 -4.66 10.63 -0.26
C GLU A 41 -4.88 10.71 1.25
N GLY A 42 -4.71 11.87 1.81
CA GLY A 42 -4.92 12.04 3.29
C GLY A 42 -3.96 11.14 4.07
N ALA A 43 -4.41 10.61 5.16
CA ALA A 43 -3.56 9.73 6.02
C ALA A 43 -3.61 8.29 5.49
N PHE A 44 -4.06 8.11 4.27
CA PHE A 44 -4.15 6.73 3.69
C PHE A 44 -3.43 6.70 2.35
N TYR A 45 -2.86 5.57 2.00
CA TYR A 45 -2.13 5.47 0.70
C TYR A 45 -3.03 4.79 -0.33
N LYS A 46 -2.88 5.17 -1.57
CA LYS A 46 -3.70 4.56 -2.65
C LYS A 46 -2.90 3.44 -3.31
N ILE A 47 -3.46 2.26 -3.39
CA ILE A 47 -2.74 1.11 -4.02
C ILE A 47 -3.63 0.45 -5.07
N GLU A 48 -3.03 -0.23 -6.01
CA GLU A 48 -3.81 -0.90 -7.08
C GLU A 48 -4.16 -2.32 -6.64
N TYR A 49 -5.43 -2.62 -6.51
CA TYR A 49 -5.85 -3.99 -6.07
C TYR A 49 -6.43 -4.73 -7.27
N LYS A 50 -5.66 -5.62 -7.85
CA LYS A 50 -6.14 -6.40 -9.03
C LYS A 50 -6.89 -5.50 -10.02
N GLY A 51 -8.18 -5.33 -9.84
CA GLY A 51 -8.98 -4.47 -10.78
C GLY A 51 -9.79 -3.45 -9.97
N SER A 52 -9.19 -2.86 -8.97
CA SER A 52 -9.93 -1.87 -8.15
C SER A 52 -8.92 -1.01 -7.38
N HIS A 53 -9.35 0.11 -6.88
CA HIS A 53 -8.42 1.01 -6.12
C HIS A 53 -8.54 0.71 -4.62
N GLY A 54 -7.50 0.14 -4.05
CA GLY A 54 -7.52 -0.19 -2.59
C GLY A 54 -6.84 0.93 -1.81
N TYR A 55 -7.26 1.14 -0.58
CA TYR A 55 -6.65 2.22 0.27
C TYR A 55 -6.24 1.62 1.62
N VAL A 56 -5.10 2.02 2.13
CA VAL A 56 -4.62 1.49 3.44
C VAL A 56 -4.07 2.63 4.30
N ALA A 57 -4.07 2.44 5.60
CA ALA A 57 -3.55 3.50 6.51
C ALA A 57 -2.02 3.54 6.47
N LYS A 58 -1.46 4.71 6.64
CA LYS A 58 0.03 4.85 6.63
C LYS A 58 0.60 4.18 7.89
N GLU A 59 -0.22 3.86 8.83
CA GLU A 59 0.27 3.23 10.09
C GLU A 59 0.80 1.82 9.80
N TYR A 60 0.19 1.10 8.89
CA TYR A 60 0.65 -0.29 8.59
C TYR A 60 1.62 -0.28 7.42
N ILE A 61 1.84 0.85 6.81
CA ILE A 61 2.79 0.94 5.64
C ILE A 61 4.05 1.68 6.09
N LYS A 62 5.20 1.11 5.81
CA LYS A 62 6.48 1.76 6.20
C LYS A 62 7.51 1.55 5.09
N ASP A 63 8.76 1.83 5.37
CA ASP A 63 9.85 1.65 4.35
C ASP A 63 9.52 2.43 3.08
N ILE A 64 8.61 1.95 2.29
CA ILE A 64 8.24 2.65 1.02
C ILE A 64 9.48 2.81 0.16
N LYS A 65 9.85 1.78 -0.55
CA LYS A 65 11.06 1.84 -1.43
C LYS A 65 10.76 1.13 -2.75
N ASP A 66 11.45 1.49 -3.80
CA ASP A 66 11.20 0.84 -5.12
C ASP A 66 11.93 -0.50 -5.18
N GLU A 67 11.20 -1.58 -5.14
CA GLU A 67 11.84 -2.94 -5.20
C GLU A 67 11.62 -3.52 -6.61
N VAL A 68 10.78 -2.90 -7.39
CA VAL A 68 10.52 -3.41 -8.78
C VAL A 68 11.47 -2.73 -9.76
N LEU A 69 12.00 -1.61 -9.39
CA LEU A 69 12.94 -0.88 -10.29
C LEU A 69 14.38 -1.33 -10.03
N GLU A 70 15.13 -1.54 -11.08
CA GLU A 70 16.57 -1.97 -10.96
C GLU A 70 16.76 -2.91 -9.75
N HIS A 71 17.94 -2.88 -9.18
CA HIS A 71 18.21 -3.76 -8.01
C HIS A 71 17.91 -5.22 -8.38
N HIS A 72 18.90 -5.94 -8.85
CA HIS A 72 18.68 -7.35 -9.24
C HIS A 72 18.45 -8.21 -7.99
N HIS A 73 17.23 -8.62 -7.76
CA HIS A 73 16.91 -9.47 -6.58
C HIS A 73 17.46 -8.84 -5.29
N HIS A 74 18.73 -9.01 -5.03
CA HIS A 74 19.32 -8.43 -3.78
C HIS A 74 20.77 -8.02 -4.04
N HIS A 75 21.36 -7.29 -3.12
CA HIS A 75 22.76 -6.83 -3.32
C HIS A 75 23.72 -8.03 -3.31
N HIS A 76 24.71 -7.99 -4.15
CA HIS A 76 25.71 -9.11 -4.21
C HIS A 76 24.98 -10.44 -4.43
N ALA A 1 6.58 8.28 -9.89
CA ALA A 1 7.00 6.85 -10.05
C ALA A 1 6.32 5.99 -8.97
N GLU A 2 6.05 4.76 -9.30
CA GLU A 2 5.38 3.85 -8.32
C GLU A 2 6.37 3.45 -7.21
N LYS A 3 5.86 3.10 -6.07
CA LYS A 3 6.76 2.70 -4.94
C LYS A 3 6.19 1.45 -4.24
N THR A 4 7.04 0.68 -3.61
CA THR A 4 6.57 -0.56 -2.91
C THR A 4 6.59 -0.33 -1.40
N GLY A 5 5.44 -0.34 -0.79
CA GLY A 5 5.35 -0.11 0.69
C GLY A 5 5.23 -1.46 1.42
N ILE A 6 5.96 -1.60 2.49
CA ILE A 6 5.90 -2.87 3.27
C ILE A 6 4.74 -2.81 4.28
N VAL A 7 3.82 -3.72 4.17
CA VAL A 7 2.67 -3.72 5.11
C VAL A 7 3.07 -4.42 6.42
N ASN A 8 3.31 -3.65 7.45
CA ASN A 8 3.72 -4.23 8.76
C ASN A 8 2.52 -4.26 9.71
N VAL A 9 1.94 -5.42 9.90
CA VAL A 9 0.77 -5.54 10.82
C VAL A 9 0.91 -6.80 11.68
N SER A 10 0.14 -6.88 12.73
CA SER A 10 0.21 -8.07 13.63
C SER A 10 -0.23 -9.32 12.87
N SER A 11 -1.23 -9.21 12.04
CA SER A 11 -1.69 -10.39 11.26
C SER A 11 -2.57 -9.93 10.10
N SER A 12 -2.07 -10.05 8.91
CA SER A 12 -2.85 -9.65 7.70
C SER A 12 -3.38 -8.22 7.83
N LEU A 13 -3.84 -7.66 6.74
CA LEU A 13 -4.38 -6.28 6.76
C LEU A 13 -5.63 -6.20 5.89
N ASN A 14 -6.67 -5.62 6.43
CA ASN A 14 -7.94 -5.48 5.66
C ASN A 14 -7.84 -4.30 4.69
N VAL A 15 -8.39 -4.45 3.52
CA VAL A 15 -8.34 -3.36 2.50
C VAL A 15 -9.66 -2.57 2.51
N ARG A 16 -9.57 -1.27 2.57
CA ARG A 16 -10.79 -0.42 2.60
C ARG A 16 -11.01 0.21 1.23
N GLU A 17 -12.21 0.16 0.74
CA GLU A 17 -12.52 0.77 -0.59
C GLU A 17 -12.48 2.30 -0.49
N GLY A 18 -12.98 2.83 0.60
CA GLY A 18 -12.99 4.31 0.78
C GLY A 18 -11.72 4.78 1.47
N ALA A 19 -11.54 6.07 1.58
CA ALA A 19 -10.32 6.61 2.25
C ALA A 19 -10.61 6.81 3.75
N SER A 20 -11.76 6.38 4.20
CA SER A 20 -12.10 6.54 5.64
C SER A 20 -11.41 5.47 6.48
N THR A 21 -11.40 5.65 7.77
CA THR A 21 -10.75 4.66 8.68
C THR A 21 -11.56 3.37 8.70
N SER A 22 -12.81 3.44 8.34
CA SER A 22 -13.67 2.22 8.32
C SER A 22 -14.75 2.37 7.24
N SER A 23 -14.33 2.44 6.00
CA SER A 23 -15.31 2.59 4.88
C SER A 23 -16.00 1.25 4.63
N LYS A 24 -15.33 0.36 3.95
CA LYS A 24 -15.94 -0.98 3.66
C LYS A 24 -14.85 -1.98 3.29
N VAL A 25 -14.74 -3.04 4.04
CA VAL A 25 -13.72 -4.07 3.75
C VAL A 25 -14.14 -4.90 2.53
N ILE A 26 -13.26 -5.03 1.58
CA ILE A 26 -13.57 -5.82 0.35
C ILE A 26 -12.58 -6.98 0.22
N GLY A 27 -11.56 -6.98 1.04
CA GLY A 27 -10.57 -8.09 0.98
C GLY A 27 -9.46 -7.87 2.01
N SER A 28 -8.41 -8.63 1.92
CA SER A 28 -7.28 -8.48 2.89
C SER A 28 -5.97 -8.97 2.26
N LEU A 29 -4.87 -8.45 2.74
CA LEU A 29 -3.54 -8.85 2.18
C LEU A 29 -2.66 -9.41 3.32
N SER A 30 -1.78 -10.30 2.98
CA SER A 30 -0.89 -10.90 4.00
C SER A 30 0.11 -9.87 4.52
N GLY A 31 0.54 -10.03 5.73
CA GLY A 31 1.51 -9.08 6.33
C GLY A 31 2.87 -9.17 5.64
N ASN A 32 3.72 -8.21 5.88
CA ASN A 32 5.08 -8.19 5.27
C ASN A 32 4.95 -8.24 3.74
N THR A 33 3.75 -8.11 3.25
CA THR A 33 3.53 -8.15 1.77
C THR A 33 3.67 -6.74 1.19
N LYS A 34 4.38 -6.62 0.09
CA LYS A 34 4.57 -5.30 -0.55
C LYS A 34 3.32 -4.92 -1.36
N VAL A 35 3.01 -3.64 -1.41
CA VAL A 35 1.81 -3.18 -2.17
C VAL A 35 2.24 -2.10 -3.17
N THR A 36 1.78 -2.23 -4.39
CA THR A 36 2.14 -1.24 -5.46
C THR A 36 1.54 0.12 -5.12
N ILE A 37 2.36 1.13 -5.14
CA ILE A 37 1.89 2.51 -4.83
C ILE A 37 1.72 3.29 -6.12
N VAL A 38 0.55 3.83 -6.32
CA VAL A 38 0.26 4.62 -7.55
C VAL A 38 -0.19 6.02 -7.14
N GLY A 39 -0.48 6.22 -5.87
CA GLY A 39 -0.92 7.58 -5.42
C GLY A 39 -1.21 7.57 -3.92
N GLU A 40 -1.73 8.67 -3.41
CA GLU A 40 -2.03 8.76 -1.96
C GLU A 40 -3.24 9.67 -1.74
N GLU A 41 -3.84 9.59 -0.59
CA GLU A 41 -5.02 10.45 -0.30
C GLU A 41 -5.16 10.63 1.22
N GLY A 42 -4.99 11.84 1.70
CA GLY A 42 -5.11 12.11 3.16
C GLY A 42 -4.09 11.31 3.96
N ALA A 43 -4.51 10.74 5.04
CA ALA A 43 -3.58 9.94 5.90
C ALA A 43 -3.66 8.48 5.45
N PHE A 44 -3.96 8.25 4.20
CA PHE A 44 -4.06 6.85 3.69
C PHE A 44 -3.33 6.75 2.34
N TYR A 45 -2.81 5.59 2.04
CA TYR A 45 -2.08 5.38 0.76
C TYR A 45 -2.95 4.57 -0.20
N LYS A 46 -2.93 4.95 -1.45
CA LYS A 46 -3.73 4.23 -2.48
C LYS A 46 -2.84 3.22 -3.19
N ILE A 47 -3.30 1.99 -3.26
CA ILE A 47 -2.50 0.92 -3.93
C ILE A 47 -3.35 0.18 -4.95
N GLU A 48 -2.72 -0.55 -5.83
CA GLU A 48 -3.47 -1.30 -6.86
C GLU A 48 -4.09 -2.56 -6.26
N TYR A 49 -5.35 -2.50 -5.93
CA TYR A 49 -6.04 -3.69 -5.34
C TYR A 49 -6.64 -4.54 -6.45
N LYS A 50 -6.45 -5.83 -6.36
CA LYS A 50 -6.99 -6.74 -7.41
C LYS A 50 -8.48 -6.48 -7.64
N GLY A 51 -8.79 -5.71 -8.64
CA GLY A 51 -10.22 -5.39 -8.96
C GLY A 51 -10.42 -3.87 -8.92
N SER A 52 -9.75 -3.19 -8.03
CA SER A 52 -9.91 -1.71 -7.95
C SER A 52 -8.76 -1.10 -7.15
N HIS A 53 -8.99 0.04 -6.54
CA HIS A 53 -7.93 0.72 -5.75
C HIS A 53 -8.22 0.58 -4.25
N GLY A 54 -7.34 -0.06 -3.53
CA GLY A 54 -7.54 -0.26 -2.06
C GLY A 54 -6.87 0.87 -1.28
N TYR A 55 -7.47 1.26 -0.19
CA TYR A 55 -6.89 2.36 0.66
C TYR A 55 -6.49 1.80 2.02
N VAL A 56 -5.34 2.20 2.50
CA VAL A 56 -4.86 1.71 3.84
C VAL A 56 -4.23 2.87 4.61
N ALA A 57 -4.24 2.78 5.91
CA ALA A 57 -3.66 3.86 6.75
C ALA A 57 -2.13 3.86 6.67
N LYS A 58 -1.55 5.02 6.81
CA LYS A 58 -0.06 5.14 6.77
C LYS A 58 0.56 4.36 7.93
N GLU A 59 -0.10 4.33 9.06
CA GLU A 59 0.44 3.60 10.24
C GLU A 59 0.78 2.15 9.86
N TYR A 60 0.07 1.60 8.92
CA TYR A 60 0.35 0.19 8.52
C TYR A 60 1.37 0.19 7.38
N ILE A 61 1.79 1.36 6.95
CA ILE A 61 2.78 1.44 5.84
C ILE A 61 4.13 1.89 6.38
N LYS A 62 5.16 1.14 6.09
CA LYS A 62 6.52 1.48 6.58
C LYS A 62 7.56 1.20 5.50
N ASP A 63 8.64 1.95 5.51
CA ASP A 63 9.74 1.76 4.53
C ASP A 63 9.18 1.89 3.10
N ILE A 64 8.60 3.02 2.79
CA ILE A 64 8.04 3.23 1.43
C ILE A 64 9.18 3.47 0.44
N LYS A 65 9.57 2.43 -0.28
CA LYS A 65 10.67 2.56 -1.27
C LYS A 65 10.36 1.74 -2.51
N ASP A 66 10.94 2.11 -3.63
CA ASP A 66 10.72 1.36 -4.89
C ASP A 66 11.64 0.16 -4.94
N GLU A 67 11.10 -1.03 -4.87
CA GLU A 67 11.95 -2.25 -4.91
C GLU A 67 12.40 -2.53 -6.35
N VAL A 68 13.61 -2.13 -6.66
CA VAL A 68 14.14 -2.35 -8.04
C VAL A 68 15.67 -2.45 -7.96
N LEU A 69 16.23 -2.16 -6.80
CA LEU A 69 17.72 -2.23 -6.65
C LEU A 69 18.14 -3.63 -6.18
N GLU A 70 19.35 -4.01 -6.51
CA GLU A 70 19.87 -5.35 -6.10
C GLU A 70 19.82 -5.51 -4.58
N HIS A 71 19.70 -6.74 -4.12
CA HIS A 71 19.64 -6.99 -2.64
C HIS A 71 20.28 -8.34 -2.32
N HIS A 72 20.56 -8.56 -1.06
CA HIS A 72 21.19 -9.84 -0.61
C HIS A 72 22.30 -10.25 -1.58
N HIS A 73 23.51 -9.85 -1.29
CA HIS A 73 24.66 -10.20 -2.17
C HIS A 73 25.00 -11.69 -2.03
N HIS A 74 25.10 -12.38 -3.14
CA HIS A 74 25.42 -13.83 -3.11
C HIS A 74 26.89 -14.04 -3.49
N HIS A 75 27.69 -14.48 -2.56
CA HIS A 75 29.14 -14.71 -2.84
C HIS A 75 29.63 -15.93 -2.06
N HIS A 76 30.58 -16.64 -2.61
CA HIS A 76 31.13 -17.84 -1.94
C HIS A 76 31.97 -17.41 -0.72
N ALA A 1 5.06 8.75 -8.78
CA ALA A 1 6.46 8.29 -8.84
C ALA A 1 6.51 6.79 -8.54
N GLU A 2 5.36 6.21 -8.31
CA GLU A 2 5.28 4.74 -8.02
C GLU A 2 6.14 4.40 -6.81
N LYS A 3 5.52 3.98 -5.73
CA LYS A 3 6.28 3.62 -4.50
C LYS A 3 5.79 2.28 -3.96
N THR A 4 6.65 1.54 -3.29
CA THR A 4 6.24 0.22 -2.74
C THR A 4 6.34 0.26 -1.21
N GLY A 5 5.23 0.07 -0.55
CA GLY A 5 5.20 0.10 0.95
C GLY A 5 5.08 -1.33 1.51
N ILE A 6 5.90 -1.67 2.46
CA ILE A 6 5.83 -3.03 3.06
C ILE A 6 4.79 -3.05 4.18
N VAL A 7 3.85 -3.95 4.10
CA VAL A 7 2.80 -4.02 5.16
C VAL A 7 3.37 -4.63 6.44
N ASN A 8 3.18 -3.97 7.55
CA ASN A 8 3.69 -4.49 8.85
C ASN A 8 2.52 -4.69 9.81
N VAL A 9 2.10 -5.92 9.99
CA VAL A 9 0.95 -6.21 10.91
C VAL A 9 1.27 -7.44 11.76
N SER A 10 0.57 -7.59 12.85
CA SER A 10 0.81 -8.77 13.74
C SER A 10 0.05 -9.98 13.20
N SER A 11 -0.86 -9.75 12.28
CA SER A 11 -1.65 -10.88 11.70
C SER A 11 -1.93 -10.59 10.22
N SER A 12 -2.76 -9.62 9.94
CA SER A 12 -3.08 -9.31 8.52
C SER A 12 -3.57 -7.87 8.41
N LEU A 13 -3.68 -7.37 7.19
CA LEU A 13 -4.16 -5.96 6.99
C LEU A 13 -5.48 -5.97 6.22
N ASN A 14 -6.46 -5.27 6.72
CA ASN A 14 -7.78 -5.21 6.03
C ASN A 14 -7.80 -4.06 5.02
N VAL A 15 -8.05 -4.36 3.77
CA VAL A 15 -8.07 -3.30 2.73
C VAL A 15 -9.38 -2.50 2.83
N ARG A 16 -9.36 -1.26 2.40
CA ARG A 16 -10.59 -0.42 2.45
C ARG A 16 -10.85 0.20 1.08
N GLU A 17 -12.08 0.19 0.65
CA GLU A 17 -12.42 0.79 -0.67
C GLU A 17 -12.28 2.32 -0.59
N GLY A 18 -12.67 2.88 0.52
CA GLY A 18 -12.59 4.37 0.69
C GLY A 18 -11.42 4.73 1.60
N ALA A 19 -11.24 6.00 1.85
CA ALA A 19 -10.14 6.45 2.75
C ALA A 19 -10.70 6.61 4.17
N SER A 20 -11.96 6.36 4.34
CA SER A 20 -12.58 6.49 5.69
C SER A 20 -12.37 5.22 6.50
N THR A 21 -12.30 5.33 7.80
CA THR A 21 -12.12 4.13 8.66
C THR A 21 -13.38 3.25 8.61
N SER A 22 -14.52 3.85 8.40
CA SER A 22 -15.78 3.07 8.35
C SER A 22 -15.99 2.53 6.93
N SER A 23 -15.01 2.69 6.08
CA SER A 23 -15.13 2.21 4.67
C SER A 23 -15.31 0.69 4.63
N LYS A 24 -16.06 0.21 3.68
CA LYS A 24 -16.31 -1.27 3.57
C LYS A 24 -15.03 -2.00 3.15
N VAL A 25 -14.77 -3.12 3.78
CA VAL A 25 -13.56 -3.90 3.43
C VAL A 25 -13.79 -4.73 2.17
N ILE A 26 -12.88 -4.67 1.23
CA ILE A 26 -13.03 -5.45 -0.03
C ILE A 26 -12.13 -6.69 0.04
N GLY A 27 -11.36 -6.82 1.08
CA GLY A 27 -10.48 -8.02 1.20
C GLY A 27 -9.38 -7.75 2.21
N SER A 28 -8.47 -8.69 2.39
CA SER A 28 -7.36 -8.52 3.38
C SER A 28 -6.03 -8.92 2.73
N LEU A 29 -4.93 -8.45 3.27
CA LEU A 29 -3.59 -8.78 2.71
C LEU A 29 -2.74 -9.51 3.77
N SER A 30 -1.87 -10.37 3.32
CA SER A 30 -1.02 -11.14 4.26
C SER A 30 0.08 -10.25 4.86
N GLY A 31 0.64 -10.68 5.95
CA GLY A 31 1.71 -9.88 6.62
C GLY A 31 2.94 -9.72 5.73
N ASN A 32 3.64 -8.63 5.88
CA ASN A 32 4.87 -8.38 5.05
C ASN A 32 4.51 -8.44 3.57
N THR A 33 3.31 -8.03 3.21
CA THR A 33 2.91 -8.06 1.77
C THR A 33 3.27 -6.72 1.11
N LYS A 34 3.99 -6.77 0.03
CA LYS A 34 4.38 -5.51 -0.68
C LYS A 34 3.21 -5.01 -1.53
N VAL A 35 2.89 -3.74 -1.44
CA VAL A 35 1.77 -3.17 -2.26
C VAL A 35 2.27 -2.01 -3.10
N THR A 36 1.95 -2.01 -4.36
CA THR A 36 2.41 -0.92 -5.26
C THR A 36 1.52 0.32 -5.09
N ILE A 37 2.13 1.45 -4.86
CA ILE A 37 1.35 2.71 -4.66
C ILE A 37 1.29 3.49 -5.98
N VAL A 38 0.10 3.80 -6.43
CA VAL A 38 -0.07 4.58 -7.69
C VAL A 38 -0.58 5.97 -7.35
N GLY A 39 -0.80 6.25 -6.08
CA GLY A 39 -1.30 7.59 -5.70
C GLY A 39 -1.36 7.72 -4.17
N GLU A 40 -1.75 8.88 -3.67
CA GLU A 40 -1.83 9.07 -2.19
C GLU A 40 -3.04 9.93 -1.85
N GLU A 41 -3.59 9.79 -0.68
CA GLU A 41 -4.76 10.62 -0.28
C GLU A 41 -4.77 10.80 1.24
N GLY A 42 -4.46 11.98 1.69
CA GLY A 42 -4.46 12.26 3.17
C GLY A 42 -3.56 11.27 3.92
N ALA A 43 -4.03 10.79 5.04
CA ALA A 43 -3.23 9.83 5.85
C ALA A 43 -3.45 8.42 5.32
N PHE A 44 -3.80 8.30 4.06
CA PHE A 44 -4.02 6.94 3.46
C PHE A 44 -3.28 6.84 2.13
N TYR A 45 -2.78 5.67 1.83
CA TYR A 45 -2.03 5.47 0.55
C TYR A 45 -2.89 4.66 -0.41
N LYS A 46 -2.88 5.03 -1.67
CA LYS A 46 -3.69 4.29 -2.69
C LYS A 46 -2.83 3.21 -3.33
N ILE A 47 -3.33 2.01 -3.39
CA ILE A 47 -2.55 0.88 -4.01
C ILE A 47 -3.43 0.14 -5.00
N GLU A 48 -2.82 -0.49 -5.97
CA GLU A 48 -3.60 -1.26 -6.99
C GLU A 48 -3.76 -2.70 -6.51
N TYR A 49 -4.87 -3.01 -5.89
CA TYR A 49 -5.11 -4.40 -5.38
C TYR A 49 -6.15 -5.11 -6.26
N LYS A 50 -5.78 -6.24 -6.81
CA LYS A 50 -6.72 -7.00 -7.68
C LYS A 50 -7.31 -6.09 -8.75
N GLY A 51 -6.54 -5.16 -9.23
CA GLY A 51 -7.03 -4.24 -10.30
C GLY A 51 -7.97 -3.20 -9.69
N SER A 52 -8.36 -3.40 -8.46
CA SER A 52 -9.30 -2.41 -7.81
C SER A 52 -8.49 -1.35 -7.06
N HIS A 53 -9.17 -0.36 -6.54
CA HIS A 53 -8.48 0.73 -5.79
C HIS A 53 -8.55 0.44 -4.28
N GLY A 54 -7.48 -0.06 -3.72
CA GLY A 54 -7.46 -0.37 -2.26
C GLY A 54 -6.81 0.78 -1.49
N TYR A 55 -7.38 1.15 -0.37
CA TYR A 55 -6.81 2.27 0.44
C TYR A 55 -6.43 1.75 1.83
N VAL A 56 -5.28 2.14 2.33
CA VAL A 56 -4.85 1.68 3.68
C VAL A 56 -4.20 2.85 4.44
N ALA A 57 -4.23 2.79 5.74
CA ALA A 57 -3.63 3.88 6.57
C ALA A 57 -2.10 3.80 6.53
N LYS A 58 -1.46 4.94 6.59
CA LYS A 58 0.03 4.98 6.58
C LYS A 58 0.58 4.32 7.85
N GLU A 59 -0.27 4.07 8.82
CA GLU A 59 0.19 3.45 10.08
C GLU A 59 0.65 2.01 9.82
N TYR A 60 0.01 1.34 8.91
CA TYR A 60 0.40 -0.08 8.61
C TYR A 60 1.44 -0.09 7.50
N ILE A 61 1.87 1.06 7.05
CA ILE A 61 2.89 1.11 5.95
C ILE A 61 4.26 1.46 6.54
N LYS A 62 5.26 0.69 6.19
CA LYS A 62 6.63 0.95 6.71
C LYS A 62 7.67 0.57 5.66
N ASP A 63 8.83 1.18 5.72
CA ASP A 63 9.93 0.88 4.75
C ASP A 63 9.46 1.28 3.35
N ILE A 64 9.01 2.49 3.19
CA ILE A 64 8.56 2.95 1.85
C ILE A 64 9.76 3.28 0.98
N LYS A 65 9.86 2.66 -0.17
CA LYS A 65 11.01 2.93 -1.08
C LYS A 65 10.53 2.95 -2.52
N ASP A 66 11.08 3.83 -3.32
CA ASP A 66 10.65 3.92 -4.74
C ASP A 66 11.43 2.92 -5.60
N GLU A 67 10.74 1.99 -6.21
CA GLU A 67 11.42 0.98 -7.08
C GLU A 67 11.39 1.46 -8.52
N VAL A 68 10.57 2.44 -8.80
CA VAL A 68 10.47 2.98 -10.18
C VAL A 68 10.23 1.87 -11.19
N LEU A 69 9.92 2.24 -12.41
CA LEU A 69 9.65 1.21 -13.46
C LEU A 69 10.96 0.48 -13.81
N GLU A 70 11.10 -0.74 -13.36
CA GLU A 70 12.32 -1.53 -13.65
C GLU A 70 13.57 -0.65 -13.56
N HIS A 71 14.11 -0.48 -12.39
CA HIS A 71 15.32 0.37 -12.22
C HIS A 71 16.58 -0.49 -12.37
N HIS A 72 17.71 0.14 -12.56
CA HIS A 72 18.98 -0.62 -12.70
C HIS A 72 20.12 0.19 -12.09
N HIS A 73 20.96 -0.43 -11.29
CA HIS A 73 22.10 0.30 -10.66
C HIS A 73 23.42 -0.23 -11.24
N HIS A 74 24.08 0.57 -12.03
CA HIS A 74 25.37 0.14 -12.64
C HIS A 74 25.19 -1.20 -13.36
N HIS A 75 23.98 -1.68 -13.44
CA HIS A 75 23.73 -2.98 -14.14
C HIS A 75 23.46 -2.73 -15.62
N HIS A 76 24.05 -3.52 -16.47
CA HIS A 76 23.85 -3.35 -17.93
C HIS A 76 22.36 -3.46 -18.28
N ALA A 1 7.75 7.54 -10.93
CA ALA A 1 6.60 8.02 -10.10
C ALA A 1 6.02 6.83 -9.33
N GLU A 2 6.54 5.66 -9.56
CA GLU A 2 6.02 4.45 -8.86
C GLU A 2 6.51 4.43 -7.42
N LYS A 3 5.64 4.08 -6.50
CA LYS A 3 6.02 4.02 -5.06
C LYS A 3 5.57 2.70 -4.47
N THR A 4 6.32 2.15 -3.55
CA THR A 4 5.93 0.83 -2.95
C THR A 4 6.04 0.92 -1.43
N GLY A 5 5.03 0.44 -0.73
CA GLY A 5 5.03 0.47 0.76
C GLY A 5 4.89 -0.94 1.30
N ILE A 6 5.72 -1.32 2.24
CA ILE A 6 5.64 -2.71 2.80
C ILE A 6 4.62 -2.75 3.94
N VAL A 7 3.69 -3.67 3.88
CA VAL A 7 2.67 -3.78 4.95
C VAL A 7 3.26 -4.41 6.20
N ASN A 8 3.06 -3.82 7.34
CA ASN A 8 3.60 -4.38 8.62
C ASN A 8 2.45 -4.58 9.61
N VAL A 9 2.09 -5.81 9.85
CA VAL A 9 0.98 -6.10 10.82
C VAL A 9 1.20 -7.48 11.42
N SER A 10 2.00 -8.30 10.77
CA SER A 10 2.26 -9.68 11.28
C SER A 10 0.99 -10.52 11.18
N SER A 11 -0.09 -10.04 11.73
CA SER A 11 -1.37 -10.80 11.67
C SER A 11 -2.00 -10.65 10.29
N SER A 12 -2.65 -9.56 10.04
CA SER A 12 -3.30 -9.36 8.71
C SER A 12 -3.74 -7.90 8.58
N LEU A 13 -3.88 -7.41 7.37
CA LEU A 13 -4.31 -5.98 7.16
C LEU A 13 -5.56 -5.97 6.29
N ASN A 14 -6.57 -5.26 6.71
CA ASN A 14 -7.84 -5.19 5.91
C ASN A 14 -7.71 -4.10 4.84
N VAL A 15 -8.45 -4.24 3.77
CA VAL A 15 -8.37 -3.22 2.66
C VAL A 15 -9.64 -2.36 2.69
N ARG A 16 -9.46 -1.06 2.66
CA ARG A 16 -10.64 -0.14 2.68
C ARG A 16 -10.87 0.44 1.29
N GLU A 17 -12.08 0.33 0.79
CA GLU A 17 -12.38 0.88 -0.56
C GLU A 17 -12.41 2.41 -0.50
N GLY A 18 -13.01 2.96 0.52
CA GLY A 18 -13.08 4.45 0.65
C GLY A 18 -12.02 4.96 1.62
N ALA A 19 -12.05 6.24 1.89
CA ALA A 19 -11.05 6.84 2.84
C ALA A 19 -11.70 6.94 4.22
N SER A 20 -12.47 5.96 4.61
CA SER A 20 -13.15 5.98 5.95
C SER A 20 -12.92 4.65 6.67
N THR A 21 -12.89 4.68 7.97
CA THR A 21 -12.67 3.42 8.75
C THR A 21 -13.86 2.48 8.55
N SER A 22 -15.03 3.03 8.34
CA SER A 22 -16.24 2.18 8.15
C SER A 22 -16.34 1.83 6.66
N SER A 23 -15.30 2.06 5.90
CA SER A 23 -15.33 1.75 4.45
C SER A 23 -15.54 0.26 4.22
N LYS A 24 -16.15 -0.09 3.12
CA LYS A 24 -16.42 -1.52 2.82
C LYS A 24 -15.12 -2.30 2.62
N VAL A 25 -15.03 -3.48 3.17
CA VAL A 25 -13.81 -4.31 3.03
C VAL A 25 -13.96 -5.21 1.79
N ILE A 26 -13.11 -5.02 0.81
CA ILE A 26 -13.18 -5.84 -0.43
C ILE A 26 -12.07 -6.89 -0.41
N GLY A 27 -11.21 -6.87 0.57
CA GLY A 27 -10.12 -7.88 0.62
C GLY A 27 -9.24 -7.68 1.86
N SER A 28 -8.19 -8.44 1.98
CA SER A 28 -7.29 -8.31 3.16
C SER A 28 -5.92 -8.89 2.81
N LEU A 29 -4.91 -8.62 3.60
CA LEU A 29 -3.54 -9.15 3.32
C LEU A 29 -3.03 -9.96 4.51
N SER A 30 -2.15 -10.89 4.25
CA SER A 30 -1.61 -11.74 5.35
C SER A 30 -0.51 -10.97 6.09
N GLY A 31 -0.18 -9.79 5.63
CA GLY A 31 0.86 -8.97 6.31
C GLY A 31 2.23 -9.17 5.66
N ASN A 32 3.16 -8.28 5.95
CA ASN A 32 4.53 -8.38 5.36
C ASN A 32 4.44 -8.42 3.84
N THR A 33 3.26 -8.32 3.29
CA THR A 33 3.14 -8.35 1.79
C THR A 33 3.34 -6.95 1.23
N LYS A 34 4.14 -6.83 0.20
CA LYS A 34 4.41 -5.49 -0.39
C LYS A 34 3.26 -5.10 -1.31
N VAL A 35 2.81 -3.85 -1.24
CA VAL A 35 1.69 -3.39 -2.11
C VAL A 35 2.16 -2.21 -2.96
N THR A 36 1.91 -2.28 -4.24
CA THR A 36 2.34 -1.18 -5.15
C THR A 36 1.46 0.06 -4.94
N ILE A 37 2.08 1.21 -4.81
CA ILE A 37 1.30 2.47 -4.62
C ILE A 37 1.39 3.33 -5.89
N VAL A 38 0.26 3.75 -6.39
CA VAL A 38 0.23 4.59 -7.63
C VAL A 38 -0.24 5.99 -7.26
N GLY A 39 -0.55 6.22 -6.01
CA GLY A 39 -1.03 7.58 -5.60
C GLY A 39 -1.15 7.66 -4.08
N GLU A 40 -1.48 8.81 -3.56
CA GLU A 40 -1.62 8.97 -2.08
C GLU A 40 -2.82 9.87 -1.76
N GLU A 41 -3.42 9.69 -0.61
CA GLU A 41 -4.60 10.54 -0.24
C GLU A 41 -4.66 10.70 1.28
N GLY A 42 -4.32 11.85 1.79
CA GLY A 42 -4.37 12.08 3.25
C GLY A 42 -3.47 11.10 4.00
N ALA A 43 -3.93 10.59 5.10
CA ALA A 43 -3.12 9.61 5.89
C ALA A 43 -3.30 8.22 5.30
N PHE A 44 -4.00 8.11 4.21
CA PHE A 44 -4.23 6.78 3.56
C PHE A 44 -3.54 6.74 2.20
N TYR A 45 -2.96 5.62 1.85
CA TYR A 45 -2.27 5.49 0.54
C TYR A 45 -3.09 4.61 -0.39
N LYS A 46 -2.98 4.85 -1.67
CA LYS A 46 -3.75 4.03 -2.66
C LYS A 46 -2.89 2.84 -3.09
N ILE A 47 -3.50 1.69 -3.21
CA ILE A 47 -2.74 0.47 -3.64
C ILE A 47 -3.51 -0.27 -4.72
N GLU A 48 -2.81 -0.95 -5.60
CA GLU A 48 -3.50 -1.70 -6.67
C GLU A 48 -3.84 -3.09 -6.15
N TYR A 49 -5.04 -3.28 -5.66
CA TYR A 49 -5.45 -4.62 -5.13
C TYR A 49 -6.38 -5.29 -6.15
N LYS A 50 -5.96 -6.40 -6.70
CA LYS A 50 -6.78 -7.11 -7.70
C LYS A 50 -7.22 -6.15 -8.81
N GLY A 51 -6.39 -5.18 -9.11
CA GLY A 51 -6.74 -4.21 -10.19
C GLY A 51 -7.53 -3.03 -9.60
N SER A 52 -8.13 -3.22 -8.46
CA SER A 52 -8.92 -2.12 -7.84
C SER A 52 -8.00 -1.19 -7.06
N HIS A 53 -8.49 -0.03 -6.69
CA HIS A 53 -7.67 0.96 -5.92
C HIS A 53 -8.06 0.89 -4.46
N GLY A 54 -7.34 0.13 -3.67
CA GLY A 54 -7.67 0.00 -2.23
C GLY A 54 -6.97 1.09 -1.42
N TYR A 55 -7.43 1.32 -0.21
CA TYR A 55 -6.82 2.36 0.67
C TYR A 55 -6.34 1.72 1.97
N VAL A 56 -5.18 2.09 2.45
CA VAL A 56 -4.66 1.49 3.72
C VAL A 56 -4.05 2.59 4.59
N ALA A 57 -4.03 2.38 5.87
CA ALA A 57 -3.46 3.40 6.79
C ALA A 57 -1.93 3.42 6.68
N LYS A 58 -1.34 4.59 6.70
CA LYS A 58 0.14 4.69 6.62
C LYS A 58 0.78 4.15 7.90
N GLU A 59 -0.03 3.95 8.92
CA GLU A 59 0.50 3.44 10.21
C GLU A 59 1.10 2.03 10.02
N TYR A 60 0.56 1.25 9.13
CA TYR A 60 1.10 -0.13 8.91
C TYR A 60 2.02 -0.14 7.69
N ILE A 61 2.30 1.01 7.13
CA ILE A 61 3.21 1.07 5.94
C ILE A 61 4.57 1.61 6.36
N LYS A 62 5.63 0.91 6.01
CA LYS A 62 7.00 1.35 6.39
C LYS A 62 7.98 1.07 5.25
N ASP A 63 9.14 1.69 5.31
CA ASP A 63 10.17 1.48 4.25
C ASP A 63 9.58 1.83 2.87
N ILE A 64 9.01 2.99 2.73
CA ILE A 64 8.44 3.39 1.42
C ILE A 64 9.57 3.86 0.51
N LYS A 65 9.73 3.23 -0.63
CA LYS A 65 10.81 3.66 -1.58
C LYS A 65 10.32 3.54 -3.02
N ASP A 66 10.85 4.36 -3.89
CA ASP A 66 10.41 4.32 -5.31
C ASP A 66 10.90 3.04 -5.98
N GLU A 67 10.09 2.44 -6.82
CA GLU A 67 10.49 1.19 -7.51
C GLU A 67 11.40 1.54 -8.70
N VAL A 68 12.52 2.14 -8.43
CA VAL A 68 13.48 2.52 -9.52
C VAL A 68 12.81 3.46 -10.52
N LEU A 69 13.42 4.57 -10.80
CA LEU A 69 12.83 5.54 -11.77
C LEU A 69 12.98 4.98 -13.19
N GLU A 70 12.00 5.18 -14.02
CA GLU A 70 12.07 4.68 -15.41
C GLU A 70 11.13 5.51 -16.29
N HIS A 71 11.62 6.62 -16.79
CA HIS A 71 10.79 7.51 -17.66
C HIS A 71 9.37 7.62 -17.08
N HIS A 72 9.14 8.60 -16.23
CA HIS A 72 7.80 8.78 -15.62
C HIS A 72 6.79 9.20 -16.68
N HIS A 73 5.61 8.65 -16.64
CA HIS A 73 4.57 8.99 -17.64
C HIS A 73 3.99 10.39 -17.36
N HIS A 74 3.91 11.21 -18.37
CA HIS A 74 3.35 12.58 -18.19
C HIS A 74 2.72 13.04 -19.50
N HIS A 75 1.59 13.69 -19.45
CA HIS A 75 0.91 14.17 -20.69
C HIS A 75 1.06 15.68 -20.82
N HIS A 76 1.37 16.15 -22.00
CA HIS A 76 1.53 17.62 -22.22
C HIS A 76 0.16 18.29 -22.23
N ALA A 1 7.26 8.18 -11.24
CA ALA A 1 7.93 7.01 -10.62
C ALA A 1 6.96 6.29 -9.69
N GLU A 2 6.94 4.98 -9.74
CA GLU A 2 6.02 4.20 -8.88
C GLU A 2 6.66 3.94 -7.51
N LYS A 3 5.85 3.74 -6.50
CA LYS A 3 6.38 3.48 -5.13
C LYS A 3 5.81 2.16 -4.62
N THR A 4 6.49 1.54 -3.67
CA THR A 4 6.01 0.25 -3.11
C THR A 4 6.04 0.32 -1.58
N GLY A 5 4.89 0.25 -0.96
CA GLY A 5 4.82 0.32 0.52
C GLY A 5 4.88 -1.07 1.12
N ILE A 6 5.63 -1.23 2.18
CA ILE A 6 5.75 -2.57 2.82
C ILE A 6 4.69 -2.70 3.92
N VAL A 7 3.85 -3.69 3.83
CA VAL A 7 2.79 -3.88 4.86
C VAL A 7 3.39 -4.53 6.11
N ASN A 8 3.09 -3.99 7.26
CA ASN A 8 3.63 -4.56 8.54
C ASN A 8 2.52 -4.57 9.59
N VAL A 9 2.06 -5.74 9.94
CA VAL A 9 0.97 -5.84 10.96
C VAL A 9 1.18 -7.09 11.81
N SER A 10 0.76 -7.05 13.05
CA SER A 10 0.92 -8.22 13.95
C SER A 10 0.11 -9.40 13.42
N SER A 11 -1.11 -9.15 13.00
CA SER A 11 -1.99 -10.25 12.48
C SER A 11 -2.16 -10.10 10.98
N SER A 12 -2.98 -9.18 10.55
CA SER A 12 -3.21 -9.00 9.10
C SER A 12 -3.70 -7.58 8.82
N LEU A 13 -3.67 -7.16 7.57
CA LEU A 13 -4.11 -5.78 7.22
C LEU A 13 -5.36 -5.85 6.34
N ASN A 14 -6.39 -5.12 6.71
CA ASN A 14 -7.64 -5.12 5.91
C ASN A 14 -7.53 -4.11 4.78
N VAL A 15 -8.22 -4.37 3.69
CA VAL A 15 -8.16 -3.42 2.52
C VAL A 15 -9.42 -2.55 2.53
N ARG A 16 -9.25 -1.26 2.39
CA ARG A 16 -10.42 -0.34 2.40
C ARG A 16 -10.74 0.13 0.98
N GLU A 17 -11.99 0.12 0.63
CA GLU A 17 -12.41 0.55 -0.73
C GLU A 17 -12.23 2.07 -0.86
N GLY A 18 -12.66 2.81 0.14
CA GLY A 18 -12.54 4.29 0.09
C GLY A 18 -11.32 4.76 0.88
N ALA A 19 -11.02 6.03 0.81
CA ALA A 19 -9.85 6.57 1.56
C ALA A 19 -10.35 7.07 2.93
N SER A 20 -11.55 6.73 3.28
CA SER A 20 -12.11 7.19 4.60
C SER A 20 -11.48 6.38 5.74
N THR A 21 -11.73 6.80 6.95
CA THR A 21 -11.17 6.08 8.14
C THR A 21 -11.71 4.65 8.19
N SER A 22 -12.99 4.48 7.98
CA SER A 22 -13.59 3.11 8.02
C SER A 22 -14.47 2.90 6.78
N SER A 23 -13.85 2.78 5.64
CA SER A 23 -14.61 2.58 4.37
C SER A 23 -14.99 1.11 4.20
N LYS A 24 -15.72 0.80 3.16
CA LYS A 24 -16.14 -0.60 2.91
C LYS A 24 -14.92 -1.49 2.64
N VAL A 25 -14.89 -2.63 3.26
CA VAL A 25 -13.74 -3.57 3.06
C VAL A 25 -14.13 -4.63 2.03
N ILE A 26 -13.30 -4.82 1.04
CA ILE A 26 -13.58 -5.83 -0.02
C ILE A 26 -12.68 -7.05 0.18
N GLY A 27 -11.79 -6.98 1.14
CA GLY A 27 -10.88 -8.14 1.38
C GLY A 27 -9.78 -7.77 2.38
N SER A 28 -8.68 -8.48 2.34
CA SER A 28 -7.56 -8.18 3.28
C SER A 28 -6.25 -8.72 2.70
N LEU A 29 -5.13 -8.28 3.25
CA LEU A 29 -3.79 -8.75 2.73
C LEU A 29 -2.96 -9.30 3.89
N SER A 30 -2.13 -10.26 3.59
CA SER A 30 -1.27 -10.88 4.64
C SER A 30 -0.15 -9.93 5.06
N GLY A 31 0.37 -10.11 6.23
CA GLY A 31 1.47 -9.24 6.73
C GLY A 31 2.71 -9.37 5.85
N ASN A 32 3.54 -8.35 5.87
CA ASN A 32 4.79 -8.37 5.05
C ASN A 32 4.45 -8.55 3.58
N THR A 33 3.34 -8.02 3.14
CA THR A 33 2.94 -8.15 1.71
C THR A 33 3.33 -6.88 0.95
N LYS A 34 3.97 -7.05 -0.19
CA LYS A 34 4.40 -5.88 -0.99
C LYS A 34 3.22 -5.32 -1.81
N VAL A 35 2.97 -4.05 -1.71
CA VAL A 35 1.84 -3.42 -2.48
C VAL A 35 2.37 -2.22 -3.27
N THR A 36 1.99 -2.11 -4.51
CA THR A 36 2.46 -0.96 -5.34
C THR A 36 1.58 0.25 -5.07
N ILE A 37 2.20 1.35 -4.70
CA ILE A 37 1.45 2.60 -4.39
C ILE A 37 1.50 3.55 -5.60
N VAL A 38 0.37 4.14 -5.90
CA VAL A 38 0.30 5.11 -7.04
C VAL A 38 0.07 6.51 -6.46
N GLY A 39 -0.15 6.59 -5.16
CA GLY A 39 -0.38 7.92 -4.55
C GLY A 39 -0.96 7.75 -3.13
N GLU A 40 -1.31 8.85 -2.50
CA GLU A 40 -1.88 8.79 -1.13
C GLU A 40 -3.00 9.82 -1.01
N GLU A 41 -4.01 9.53 -0.23
CA GLU A 41 -5.15 10.51 -0.09
C GLU A 41 -5.70 10.44 1.33
N GLY A 42 -5.67 11.56 2.03
CA GLY A 42 -6.21 11.61 3.42
C GLY A 42 -5.30 10.81 4.35
N ALA A 43 -4.03 10.78 4.07
CA ALA A 43 -3.08 10.02 4.95
C ALA A 43 -3.21 8.52 4.65
N PHE A 44 -3.90 8.18 3.60
CA PHE A 44 -4.08 6.74 3.24
C PHE A 44 -3.37 6.47 1.91
N TYR A 45 -2.60 5.42 1.87
CA TYR A 45 -1.86 5.09 0.62
C TYR A 45 -2.80 4.39 -0.36
N LYS A 46 -2.70 4.71 -1.62
CA LYS A 46 -3.57 4.06 -2.64
C LYS A 46 -2.76 2.98 -3.34
N ILE A 47 -3.22 1.75 -3.27
CA ILE A 47 -2.49 0.62 -3.90
C ILE A 47 -3.40 -0.15 -4.84
N GLU A 48 -2.83 -0.91 -5.73
CA GLU A 48 -3.64 -1.69 -6.71
C GLU A 48 -3.95 -3.08 -6.11
N TYR A 49 -5.22 -3.42 -6.05
CA TYR A 49 -5.62 -4.75 -5.49
C TYR A 49 -6.64 -5.41 -6.43
N LYS A 50 -6.32 -6.57 -6.92
CA LYS A 50 -7.24 -7.32 -7.83
C LYS A 50 -7.95 -6.35 -8.78
N GLY A 51 -7.21 -5.46 -9.39
CA GLY A 51 -7.82 -4.48 -10.33
C GLY A 51 -8.32 -3.26 -9.57
N SER A 52 -9.09 -3.48 -8.52
CA SER A 52 -9.63 -2.33 -7.74
C SER A 52 -8.54 -1.71 -6.88
N HIS A 53 -8.58 -0.41 -6.71
CA HIS A 53 -7.55 0.28 -5.89
C HIS A 53 -7.92 0.21 -4.41
N GLY A 54 -7.07 -0.38 -3.62
CA GLY A 54 -7.33 -0.51 -2.16
C GLY A 54 -6.63 0.61 -1.39
N TYR A 55 -7.21 1.04 -0.30
CA TYR A 55 -6.59 2.14 0.51
C TYR A 55 -6.19 1.60 1.89
N VAL A 56 -5.09 2.06 2.40
CA VAL A 56 -4.63 1.60 3.75
C VAL A 56 -4.03 2.78 4.52
N ALA A 57 -4.07 2.71 5.82
CA ALA A 57 -3.51 3.81 6.64
C ALA A 57 -1.99 3.76 6.64
N LYS A 58 -1.35 4.91 6.56
CA LYS A 58 0.13 4.96 6.56
C LYS A 58 0.68 4.46 7.90
N GLU A 59 -0.18 4.26 8.85
CA GLU A 59 0.26 3.78 10.19
C GLU A 59 0.71 2.31 10.10
N TYR A 60 0.27 1.61 9.09
CA TYR A 60 0.65 0.17 8.93
C TYR A 60 1.69 0.04 7.82
N ILE A 61 1.73 0.98 6.92
CA ILE A 61 2.72 0.92 5.80
C ILE A 61 3.95 1.75 6.14
N LYS A 62 5.11 1.20 5.97
CA LYS A 62 6.37 1.94 6.26
C LYS A 62 7.38 1.72 5.13
N ASP A 63 8.61 2.06 5.39
CA ASP A 63 9.70 1.90 4.37
C ASP A 63 9.36 2.71 3.12
N ILE A 64 8.49 2.19 2.30
CA ILE A 64 8.11 2.89 1.04
C ILE A 64 9.36 3.15 0.19
N LYS A 65 9.73 2.19 -0.64
CA LYS A 65 10.93 2.37 -1.51
C LYS A 65 10.65 1.81 -2.91
N ASP A 66 11.00 2.57 -3.92
CA ASP A 66 10.76 2.11 -5.33
C ASP A 66 11.64 0.89 -5.64
N GLU A 67 11.03 -0.19 -6.03
CA GLU A 67 11.80 -1.42 -6.37
C GLU A 67 11.96 -1.51 -7.90
N VAL A 68 11.21 -0.73 -8.61
CA VAL A 68 11.31 -0.76 -10.11
C VAL A 68 12.39 0.23 -10.57
N LEU A 69 13.57 -0.26 -10.85
CA LEU A 69 14.68 0.62 -11.31
C LEU A 69 14.81 0.53 -12.83
N GLU A 70 13.84 -0.07 -13.48
CA GLU A 70 13.88 -0.20 -14.97
C GLU A 70 15.16 -0.94 -15.38
N HIS A 71 15.06 -2.24 -15.53
CA HIS A 71 16.25 -3.04 -15.92
C HIS A 71 16.66 -2.74 -17.36
N HIS A 72 17.94 -2.66 -17.62
CA HIS A 72 18.41 -2.38 -19.00
C HIS A 72 19.88 -2.85 -19.13
N HIS A 73 20.62 -2.83 -18.05
CA HIS A 73 22.04 -3.27 -18.11
C HIS A 73 22.49 -3.84 -16.76
N HIS A 74 23.54 -4.62 -16.77
CA HIS A 74 24.03 -5.22 -15.49
C HIS A 74 25.54 -5.46 -15.57
N HIS A 75 26.17 -5.64 -14.44
CA HIS A 75 27.65 -5.88 -14.43
C HIS A 75 27.98 -7.00 -13.44
N HIS A 76 27.98 -8.22 -13.89
CA HIS A 76 28.28 -9.38 -13.01
C HIS A 76 27.48 -9.29 -11.70
N ALA A 1 7.60 6.68 -10.82
CA ALA A 1 6.56 7.21 -9.88
C ALA A 1 6.02 6.06 -9.03
N GLU A 2 6.19 4.85 -9.51
CA GLU A 2 5.68 3.68 -8.73
C GLU A 2 6.45 3.51 -7.43
N LYS A 3 5.77 3.23 -6.35
CA LYS A 3 6.44 3.04 -5.04
C LYS A 3 5.83 1.83 -4.33
N THR A 4 6.60 1.15 -3.50
CA THR A 4 6.06 -0.05 -2.80
C THR A 4 6.22 0.12 -1.28
N GLY A 5 5.14 -0.07 -0.55
CA GLY A 5 5.19 0.08 0.93
C GLY A 5 5.11 -1.30 1.60
N ILE A 6 6.00 -1.58 2.51
CA ILE A 6 5.97 -2.91 3.18
C ILE A 6 4.91 -2.90 4.29
N VAL A 7 4.01 -3.85 4.25
CA VAL A 7 2.93 -3.88 5.29
C VAL A 7 3.46 -4.55 6.57
N ASN A 8 3.23 -3.92 7.70
CA ASN A 8 3.69 -4.50 9.00
C ASN A 8 2.48 -4.74 9.90
N VAL A 9 2.01 -5.95 9.98
CA VAL A 9 0.83 -6.25 10.85
C VAL A 9 1.03 -7.60 11.54
N SER A 10 0.72 -7.66 12.81
CA SER A 10 0.89 -8.94 13.56
C SER A 10 -0.01 -10.02 12.95
N SER A 11 -1.24 -9.67 12.67
CA SER A 11 -2.19 -10.67 12.07
C SER A 11 -2.27 -10.46 10.57
N SER A 12 -3.02 -9.49 10.12
CA SER A 12 -3.14 -9.23 8.67
C SER A 12 -3.61 -7.81 8.44
N LEU A 13 -3.63 -7.36 7.21
CA LEU A 13 -4.08 -5.96 6.90
C LEU A 13 -5.34 -6.01 6.04
N ASN A 14 -6.35 -5.26 6.42
CA ASN A 14 -7.61 -5.24 5.62
C ASN A 14 -7.54 -4.14 4.56
N VAL A 15 -8.27 -4.29 3.49
CA VAL A 15 -8.26 -3.26 2.40
C VAL A 15 -9.56 -2.47 2.46
N ARG A 16 -9.48 -1.17 2.44
CA ARG A 16 -10.70 -0.31 2.51
C ARG A 16 -10.89 0.42 1.19
N GLU A 17 -12.10 0.48 0.70
CA GLU A 17 -12.37 1.18 -0.58
C GLU A 17 -12.59 2.67 -0.31
N GLY A 18 -13.10 2.99 0.85
CA GLY A 18 -13.35 4.42 1.20
C GLY A 18 -12.21 4.96 2.06
N ALA A 19 -11.91 6.23 1.93
CA ALA A 19 -10.81 6.81 2.74
C ALA A 19 -11.33 7.17 4.13
N SER A 20 -11.56 6.18 4.96
CA SER A 20 -12.07 6.46 6.34
C SER A 20 -11.77 5.26 7.25
N THR A 21 -12.33 5.25 8.43
CA THR A 21 -12.09 4.12 9.36
C THR A 21 -12.98 2.94 8.98
N SER A 22 -12.43 1.96 8.32
CA SER A 22 -13.22 0.75 7.92
C SER A 22 -14.43 1.17 7.09
N SER A 23 -14.21 1.95 6.06
CA SER A 23 -15.35 2.39 5.20
C SER A 23 -16.00 1.17 4.56
N LYS A 24 -15.21 0.24 4.08
CA LYS A 24 -15.79 -0.98 3.45
C LYS A 24 -14.68 -1.99 3.19
N VAL A 25 -14.74 -3.12 3.85
CA VAL A 25 -13.69 -4.16 3.64
C VAL A 25 -14.09 -5.11 2.51
N ILE A 26 -13.20 -5.33 1.57
CA ILE A 26 -13.50 -6.24 0.43
C ILE A 26 -12.53 -7.43 0.48
N GLY A 27 -11.52 -7.35 1.30
CA GLY A 27 -10.55 -8.48 1.38
C GLY A 27 -9.39 -8.13 2.33
N SER A 28 -8.31 -8.83 2.25
CA SER A 28 -7.14 -8.54 3.15
C SER A 28 -5.85 -9.04 2.50
N LEU A 29 -4.72 -8.66 3.05
CA LEU A 29 -3.41 -9.08 2.49
C LEU A 29 -2.55 -9.71 3.59
N SER A 30 -1.66 -10.60 3.23
CA SER A 30 -0.80 -11.26 4.25
C SER A 30 0.23 -10.28 4.79
N GLY A 31 0.68 -10.49 6.00
CA GLY A 31 1.68 -9.57 6.62
C GLY A 31 2.99 -9.55 5.83
N ASN A 32 3.78 -8.51 6.03
CA ASN A 32 5.08 -8.38 5.32
C ASN A 32 4.84 -8.30 3.81
N THR A 33 3.61 -8.25 3.39
CA THR A 33 3.32 -8.17 1.92
C THR A 33 3.43 -6.71 1.45
N LYS A 34 4.15 -6.48 0.39
CA LYS A 34 4.30 -5.09 -0.14
C LYS A 34 3.14 -4.77 -1.09
N VAL A 35 2.71 -3.53 -1.13
CA VAL A 35 1.58 -3.13 -2.04
C VAL A 35 2.04 -2.01 -2.97
N THR A 36 1.75 -2.14 -4.23
CA THR A 36 2.17 -1.11 -5.22
C THR A 36 1.36 0.17 -5.00
N ILE A 37 2.04 1.28 -4.93
CA ILE A 37 1.35 2.60 -4.72
C ILE A 37 1.43 3.42 -6.00
N VAL A 38 0.31 3.92 -6.46
CA VAL A 38 0.28 4.75 -7.70
C VAL A 38 -0.27 6.13 -7.37
N GLY A 39 -0.52 6.40 -6.11
CA GLY A 39 -1.07 7.74 -5.74
C GLY A 39 -1.11 7.88 -4.21
N GLU A 40 -1.52 9.04 -3.74
CA GLU A 40 -1.60 9.30 -2.27
C GLU A 40 -3.00 9.79 -1.91
N GLU A 41 -3.44 9.57 -0.70
CA GLU A 41 -4.79 10.03 -0.31
C GLU A 41 -4.83 10.34 1.19
N GLY A 42 -4.60 11.58 1.55
CA GLY A 42 -4.64 11.98 2.99
C GLY A 42 -3.74 11.07 3.84
N ALA A 43 -4.26 10.61 4.94
CA ALA A 43 -3.45 9.72 5.83
C ALA A 43 -3.60 8.28 5.35
N PHE A 44 -3.90 8.10 4.09
CA PHE A 44 -4.05 6.72 3.53
C PHE A 44 -3.37 6.66 2.16
N TYR A 45 -2.61 5.63 1.90
CA TYR A 45 -1.92 5.52 0.59
C TYR A 45 -2.83 4.80 -0.41
N LYS A 46 -2.77 5.19 -1.65
CA LYS A 46 -3.60 4.53 -2.69
C LYS A 46 -2.82 3.38 -3.31
N ILE A 47 -3.43 2.21 -3.37
CA ILE A 47 -2.73 1.02 -3.94
C ILE A 47 -3.61 0.36 -5.01
N GLU A 48 -3.00 -0.32 -5.94
CA GLU A 48 -3.79 -0.98 -7.01
C GLU A 48 -4.20 -2.37 -6.54
N TYR A 49 -5.37 -2.50 -5.97
CA TYR A 49 -5.84 -3.84 -5.48
C TYR A 49 -6.65 -4.54 -6.56
N LYS A 50 -6.66 -5.85 -6.53
CA LYS A 50 -7.43 -6.62 -7.56
C LYS A 50 -8.89 -6.17 -7.59
N GLY A 51 -9.34 -5.68 -8.72
CA GLY A 51 -10.76 -5.22 -8.85
C GLY A 51 -10.81 -3.69 -8.82
N SER A 52 -10.11 -3.08 -7.90
CA SER A 52 -10.13 -1.59 -7.85
C SER A 52 -8.97 -1.08 -6.99
N HIS A 53 -8.82 0.22 -6.87
CA HIS A 53 -7.71 0.77 -6.05
C HIS A 53 -8.10 0.74 -4.57
N GLY A 54 -7.35 0.03 -3.76
CA GLY A 54 -7.68 -0.06 -2.30
C GLY A 54 -6.99 1.08 -1.53
N TYR A 55 -7.40 1.31 -0.31
CA TYR A 55 -6.79 2.38 0.53
C TYR A 55 -6.27 1.78 1.84
N VAL A 56 -5.11 2.19 2.28
CA VAL A 56 -4.53 1.65 3.55
C VAL A 56 -3.92 2.79 4.36
N ALA A 57 -4.08 2.75 5.65
CA ALA A 57 -3.54 3.83 6.52
C ALA A 57 -2.00 3.79 6.53
N LYS A 58 -1.38 4.93 6.73
CA LYS A 58 0.11 4.98 6.78
C LYS A 58 0.60 4.15 7.96
N GLU A 59 -0.18 4.03 9.00
CA GLU A 59 0.24 3.26 10.19
C GLU A 59 0.54 1.81 9.81
N TYR A 60 -0.18 1.27 8.86
CA TYR A 60 0.07 -0.15 8.47
C TYR A 60 1.11 -0.19 7.35
N ILE A 61 1.58 0.95 6.91
CA ILE A 61 2.60 1.00 5.82
C ILE A 61 3.92 1.52 6.37
N LYS A 62 5.00 0.84 6.10
CA LYS A 62 6.34 1.27 6.60
C LYS A 62 7.38 1.12 5.49
N ASP A 63 8.29 2.06 5.41
CA ASP A 63 9.35 2.02 4.37
C ASP A 63 8.72 2.10 2.98
N ILE A 64 8.33 3.29 2.57
CA ILE A 64 7.71 3.45 1.23
C ILE A 64 8.82 3.54 0.17
N LYS A 65 9.40 2.42 -0.20
CA LYS A 65 10.49 2.44 -1.22
C LYS A 65 10.37 1.20 -2.11
N ASP A 66 10.92 1.26 -3.30
CA ASP A 66 10.86 0.08 -4.21
C ASP A 66 12.02 -0.86 -3.91
N GLU A 67 11.74 -2.01 -3.34
CA GLU A 67 12.83 -2.99 -3.01
C GLU A 67 13.04 -3.92 -4.20
N VAL A 68 12.18 -4.89 -4.38
CA VAL A 68 12.35 -5.84 -5.51
C VAL A 68 11.12 -6.75 -5.61
N LEU A 69 10.83 -7.24 -6.79
CA LEU A 69 9.63 -8.12 -6.97
C LEU A 69 9.83 -9.44 -6.23
N GLU A 70 8.77 -9.98 -5.69
CA GLU A 70 8.86 -11.26 -4.94
C GLU A 70 9.51 -12.34 -5.81
N HIS A 71 10.40 -13.10 -5.24
CA HIS A 71 11.08 -14.18 -6.01
C HIS A 71 10.19 -15.42 -6.10
N HIS A 72 10.53 -16.32 -6.99
CA HIS A 72 9.72 -17.55 -7.15
C HIS A 72 9.82 -18.41 -5.88
N HIS A 73 10.98 -18.49 -5.29
CA HIS A 73 11.17 -19.33 -4.06
C HIS A 73 11.27 -18.41 -2.83
N HIS A 74 10.62 -18.78 -1.76
CA HIS A 74 10.63 -17.96 -0.52
C HIS A 74 12.07 -17.54 -0.14
N HIS A 75 12.18 -16.69 0.85
CA HIS A 75 13.52 -16.21 1.29
C HIS A 75 14.36 -17.41 1.76
N HIS A 76 13.77 -18.33 2.47
CA HIS A 76 14.54 -19.51 2.93
C HIS A 76 13.56 -20.65 3.25
N ALA A 1 9.27 7.02 -10.40
CA ALA A 1 7.79 6.93 -10.32
C ALA A 1 7.36 5.67 -9.57
N GLU A 2 6.12 5.61 -9.19
CA GLU A 2 5.58 4.44 -8.44
C GLU A 2 6.38 4.24 -7.14
N LYS A 3 5.71 3.76 -6.13
CA LYS A 3 6.39 3.54 -4.82
C LYS A 3 5.94 2.20 -4.23
N THR A 4 6.80 1.58 -3.44
CA THR A 4 6.45 0.26 -2.82
C THR A 4 6.43 0.39 -1.31
N GLY A 5 5.26 0.23 -0.74
CA GLY A 5 5.10 0.32 0.74
C GLY A 5 4.97 -1.08 1.33
N ILE A 6 5.73 -1.37 2.36
CA ILE A 6 5.67 -2.71 3.00
C ILE A 6 4.59 -2.72 4.08
N VAL A 7 3.72 -3.70 4.01
CA VAL A 7 2.61 -3.81 5.01
C VAL A 7 3.17 -4.26 6.35
N ASN A 8 2.82 -3.56 7.41
CA ASN A 8 3.31 -3.91 8.77
C ASN A 8 2.12 -4.15 9.70
N VAL A 9 1.81 -5.39 9.96
CA VAL A 9 0.67 -5.72 10.88
C VAL A 9 0.96 -7.02 11.63
N SER A 10 0.32 -7.20 12.76
CA SER A 10 0.52 -8.43 13.57
C SER A 10 -0.43 -9.53 13.10
N SER A 11 -1.45 -9.19 12.36
CA SER A 11 -2.41 -10.23 11.87
C SER A 11 -3.11 -9.75 10.60
N SER A 12 -2.51 -10.01 9.47
CA SER A 12 -3.09 -9.62 8.16
C SER A 12 -3.58 -8.16 8.19
N LEU A 13 -4.12 -7.71 7.09
CA LEU A 13 -4.63 -6.31 7.01
C LEU A 13 -5.88 -6.26 6.14
N ASN A 14 -6.90 -5.64 6.62
CA ASN A 14 -8.17 -5.52 5.85
C ASN A 14 -8.08 -4.35 4.88
N VAL A 15 -8.45 -4.58 3.65
CA VAL A 15 -8.41 -3.51 2.62
C VAL A 15 -9.64 -2.62 2.74
N ARG A 16 -9.41 -1.33 2.74
CA ARG A 16 -10.55 -0.36 2.87
C ARG A 16 -10.80 0.31 1.52
N GLU A 17 -12.04 0.41 1.15
CA GLU A 17 -12.41 1.05 -0.14
C GLU A 17 -12.86 2.49 0.13
N GLY A 18 -11.91 3.36 0.35
CA GLY A 18 -12.23 4.79 0.63
C GLY A 18 -11.20 5.39 1.56
N ALA A 19 -11.25 6.68 1.74
CA ALA A 19 -10.27 7.38 2.64
C ALA A 19 -10.83 7.39 4.07
N SER A 20 -11.96 6.75 4.28
CA SER A 20 -12.57 6.70 5.63
C SER A 20 -11.79 5.75 6.53
N THR A 21 -11.88 5.96 7.82
CA THR A 21 -11.15 5.09 8.80
C THR A 21 -11.74 3.69 8.75
N SER A 22 -13.00 3.57 8.44
CA SER A 22 -13.66 2.22 8.39
C SER A 22 -14.55 2.15 7.13
N SER A 23 -13.95 2.14 5.98
CA SER A 23 -14.72 2.06 4.69
C SER A 23 -15.08 0.61 4.38
N LYS A 24 -15.82 0.44 3.30
CA LYS A 24 -16.26 -0.93 2.89
C LYS A 24 -15.07 -1.85 2.66
N VAL A 25 -15.12 -3.01 3.24
CA VAL A 25 -14.03 -4.00 3.09
C VAL A 25 -14.25 -4.79 1.80
N ILE A 26 -13.23 -4.88 0.99
CA ILE A 26 -13.33 -5.63 -0.30
C ILE A 26 -12.38 -6.82 -0.26
N GLY A 27 -11.58 -6.92 0.76
CA GLY A 27 -10.62 -8.07 0.86
C GLY A 27 -9.61 -7.83 1.97
N SER A 28 -8.56 -8.61 1.97
CA SER A 28 -7.51 -8.49 3.02
C SER A 28 -6.17 -8.95 2.46
N LEU A 29 -5.11 -8.44 3.02
CA LEU A 29 -3.73 -8.81 2.56
C LEU A 29 -2.93 -9.34 3.73
N SER A 30 -2.01 -10.23 3.45
CA SER A 30 -1.18 -10.84 4.52
C SER A 30 -0.13 -9.84 5.01
N GLY A 31 0.40 -10.09 6.18
CA GLY A 31 1.42 -9.19 6.76
C GLY A 31 2.73 -9.27 5.96
N ASN A 32 3.51 -8.23 6.03
CA ASN A 32 4.81 -8.19 5.30
C ASN A 32 4.58 -8.39 3.80
N THR A 33 3.48 -7.88 3.30
CA THR A 33 3.18 -8.02 1.83
C THR A 33 3.49 -6.70 1.11
N LYS A 34 4.27 -6.79 0.09
CA LYS A 34 4.65 -5.60 -0.71
C LYS A 34 3.50 -5.18 -1.61
N VAL A 35 3.15 -3.91 -1.57
CA VAL A 35 2.04 -3.40 -2.42
C VAL A 35 2.49 -2.15 -3.18
N THR A 36 2.25 -2.14 -4.46
CA THR A 36 2.65 -0.97 -5.30
C THR A 36 1.69 0.18 -5.08
N ILE A 37 2.22 1.36 -4.91
CA ILE A 37 1.37 2.57 -4.70
C ILE A 37 1.38 3.43 -5.96
N VAL A 38 0.20 3.77 -6.43
CA VAL A 38 0.08 4.60 -7.66
C VAL A 38 -0.49 5.97 -7.29
N GLY A 39 -0.79 6.18 -6.03
CA GLY A 39 -1.35 7.49 -5.60
C GLY A 39 -1.46 7.57 -4.07
N GLU A 40 -1.78 8.74 -3.57
CA GLU A 40 -1.91 8.93 -2.09
C GLU A 40 -3.14 9.79 -1.79
N GLU A 41 -3.78 9.54 -0.68
CA GLU A 41 -4.99 10.32 -0.29
C GLU A 41 -5.01 10.51 1.23
N GLY A 42 -4.77 11.71 1.66
CA GLY A 42 -4.78 12.04 3.11
C GLY A 42 -3.80 11.13 3.86
N ALA A 43 -4.24 10.61 4.98
CA ALA A 43 -3.36 9.71 5.78
C ALA A 43 -3.57 8.27 5.31
N PHE A 44 -3.88 8.10 4.04
CA PHE A 44 -4.10 6.74 3.48
C PHE A 44 -3.37 6.61 2.15
N TYR A 45 -2.82 5.45 1.90
CA TYR A 45 -2.10 5.20 0.61
C TYR A 45 -2.91 4.27 -0.26
N LYS A 46 -2.92 4.55 -1.53
CA LYS A 46 -3.69 3.71 -2.50
C LYS A 46 -2.77 2.64 -3.08
N ILE A 47 -3.31 1.48 -3.30
CA ILE A 47 -2.52 0.35 -3.88
C ILE A 47 -3.28 -0.31 -5.02
N GLU A 48 -2.56 -0.89 -5.94
CA GLU A 48 -3.21 -1.56 -7.10
C GLU A 48 -3.79 -2.89 -6.67
N TYR A 49 -5.06 -2.88 -6.31
CA TYR A 49 -5.73 -4.14 -5.88
C TYR A 49 -6.72 -4.59 -6.96
N LYS A 50 -6.82 -5.87 -7.16
CA LYS A 50 -7.73 -6.42 -8.17
C LYS A 50 -9.16 -5.92 -7.94
N GLY A 51 -9.69 -5.23 -8.90
CA GLY A 51 -11.08 -4.70 -8.80
C GLY A 51 -11.03 -3.17 -8.69
N SER A 52 -10.19 -2.67 -7.82
CA SER A 52 -10.07 -1.19 -7.65
C SER A 52 -8.83 -0.84 -6.81
N HIS A 53 -8.79 0.35 -6.28
CA HIS A 53 -7.62 0.81 -5.47
C HIS A 53 -7.94 0.69 -3.98
N GLY A 54 -7.17 -0.11 -3.30
CA GLY A 54 -7.39 -0.32 -1.84
C GLY A 54 -6.74 0.80 -1.04
N TYR A 55 -7.36 1.17 0.05
CA TYR A 55 -6.81 2.26 0.92
C TYR A 55 -6.28 1.65 2.21
N VAL A 56 -5.13 2.13 2.64
CA VAL A 56 -4.52 1.62 3.90
C VAL A 56 -3.89 2.76 4.69
N ALA A 57 -3.98 2.68 5.99
CA ALA A 57 -3.40 3.74 6.87
C ALA A 57 -1.88 3.76 6.76
N LYS A 58 -1.30 4.92 6.88
CA LYS A 58 0.18 5.05 6.78
C LYS A 58 0.83 4.28 7.92
N GLU A 59 0.20 4.25 9.07
CA GLU A 59 0.76 3.54 10.25
C GLU A 59 1.15 2.11 9.87
N TYR A 60 0.42 1.51 8.98
CA TYR A 60 0.73 0.11 8.57
C TYR A 60 1.71 0.11 7.40
N ILE A 61 2.12 1.28 6.95
CA ILE A 61 3.07 1.37 5.81
C ILE A 61 4.44 1.83 6.29
N LYS A 62 5.46 1.07 5.98
CA LYS A 62 6.84 1.41 6.41
C LYS A 62 7.85 0.98 5.35
N ASP A 63 9.05 1.52 5.44
CA ASP A 63 10.15 1.19 4.49
C ASP A 63 9.70 1.53 3.07
N ILE A 64 9.28 2.75 2.84
CA ILE A 64 8.82 3.16 1.49
C ILE A 64 10.03 3.38 0.59
N LYS A 65 10.03 2.73 -0.54
CA LYS A 65 11.17 2.85 -1.51
C LYS A 65 10.64 3.17 -2.90
N ASP A 66 11.39 3.95 -3.64
CA ASP A 66 10.98 4.33 -5.01
C ASP A 66 11.50 3.31 -6.02
N GLU A 67 10.61 2.49 -6.53
CA GLU A 67 10.99 1.44 -7.53
C GLU A 67 12.40 0.92 -7.24
N VAL A 68 12.52 0.05 -6.28
CA VAL A 68 13.86 -0.52 -5.91
C VAL A 68 13.99 -1.95 -6.44
N LEU A 69 14.89 -2.15 -7.37
CA LEU A 69 15.11 -3.51 -7.95
C LEU A 69 16.30 -4.17 -7.25
N GLU A 70 16.97 -3.45 -6.42
CA GLU A 70 18.15 -4.00 -5.68
C GLU A 70 19.19 -4.51 -6.68
N HIS A 71 19.93 -3.60 -7.26
CA HIS A 71 20.97 -3.98 -8.24
C HIS A 71 22.24 -4.45 -7.53
N HIS A 72 22.90 -5.40 -8.11
CA HIS A 72 24.16 -5.96 -7.53
C HIS A 72 24.02 -6.09 -6.02
N HIS A 73 23.42 -7.17 -5.58
CA HIS A 73 23.22 -7.40 -4.12
C HIS A 73 24.47 -8.09 -3.55
N HIS A 74 25.30 -8.63 -4.42
CA HIS A 74 26.54 -9.32 -3.96
C HIS A 74 27.49 -8.30 -3.34
N HIS A 75 27.65 -7.18 -3.97
CA HIS A 75 28.58 -6.13 -3.44
C HIS A 75 27.89 -5.35 -2.32
N HIS A 76 28.64 -5.00 -1.32
CA HIS A 76 28.10 -4.24 -0.17
C HIS A 76 27.29 -3.04 -0.68
N ALA A 1 5.23 2.79 -13.05
CA ALA A 1 4.04 3.00 -12.18
C ALA A 1 4.11 2.04 -11.02
N GLU A 2 5.10 2.20 -10.23
CA GLU A 2 5.27 1.32 -9.04
C GLU A 2 6.13 2.00 -8.01
N LYS A 3 5.49 2.50 -7.03
CA LYS A 3 6.17 3.11 -5.87
C LYS A 3 5.75 2.11 -4.81
N THR A 4 6.45 1.92 -3.70
CA THR A 4 5.96 0.79 -2.84
C THR A 4 6.01 1.01 -1.33
N GLY A 5 4.89 0.61 -0.74
CA GLY A 5 4.66 0.65 0.74
C GLY A 5 4.79 -0.79 1.23
N ILE A 6 5.47 -1.00 2.31
CA ILE A 6 5.64 -2.38 2.85
C ILE A 6 4.61 -2.60 3.95
N VAL A 7 3.77 -3.59 3.80
CA VAL A 7 2.74 -3.85 4.83
C VAL A 7 3.35 -4.63 5.99
N ASN A 8 3.10 -4.20 7.20
CA ASN A 8 3.66 -4.92 8.39
C ASN A 8 2.65 -4.86 9.54
N VAL A 9 2.02 -5.97 9.85
CA VAL A 9 1.01 -5.97 10.97
C VAL A 9 1.22 -7.20 11.85
N SER A 10 0.67 -7.16 13.04
CA SER A 10 0.81 -8.32 13.97
C SER A 10 0.18 -9.57 13.36
N SER A 11 -0.99 -9.44 12.76
CA SER A 11 -1.67 -10.62 12.16
C SER A 11 -1.97 -10.35 10.67
N SER A 12 -3.13 -9.80 10.38
CA SER A 12 -3.50 -9.52 8.96
C SER A 12 -3.98 -8.08 8.83
N LEU A 13 -3.91 -7.53 7.63
CA LEU A 13 -4.36 -6.12 7.40
C LEU A 13 -5.59 -6.12 6.49
N ASN A 14 -6.62 -5.42 6.87
CA ASN A 14 -7.85 -5.38 6.04
C ASN A 14 -7.75 -4.26 5.01
N VAL A 15 -8.28 -4.46 3.83
CA VAL A 15 -8.22 -3.41 2.78
C VAL A 15 -9.47 -2.54 2.86
N ARG A 16 -9.30 -1.24 2.86
CA ARG A 16 -10.47 -0.31 2.96
C ARG A 16 -10.70 0.36 1.61
N GLU A 17 -11.94 0.45 1.18
CA GLU A 17 -12.23 1.09 -0.15
C GLU A 17 -12.55 2.57 0.06
N GLY A 18 -11.56 3.43 0.01
CA GLY A 18 -11.80 4.89 0.17
C GLY A 18 -10.84 5.45 1.21
N ALA A 19 -11.01 6.71 1.55
CA ALA A 19 -10.11 7.36 2.57
C ALA A 19 -10.88 7.49 3.89
N SER A 20 -11.77 6.59 4.17
CA SER A 20 -12.57 6.66 5.44
C SER A 20 -12.61 5.28 6.10
N THR A 21 -12.67 5.24 7.40
CA THR A 21 -12.71 3.94 8.13
C THR A 21 -14.03 3.21 7.84
N SER A 22 -15.09 3.94 7.62
CA SER A 22 -16.40 3.30 7.35
C SER A 22 -16.42 2.74 5.92
N SER A 23 -15.30 2.79 5.25
CA SER A 23 -15.24 2.27 3.85
C SER A 23 -15.50 0.76 3.83
N LYS A 24 -16.09 0.27 2.77
CA LYS A 24 -16.39 -1.18 2.66
C LYS A 24 -15.11 -1.98 2.46
N VAL A 25 -15.02 -3.14 3.05
CA VAL A 25 -13.80 -3.98 2.90
C VAL A 25 -13.94 -4.82 1.62
N ILE A 26 -12.94 -4.78 0.77
CA ILE A 26 -13.00 -5.58 -0.50
C ILE A 26 -12.03 -6.75 -0.42
N GLY A 27 -11.29 -6.86 0.65
CA GLY A 27 -10.34 -8.01 0.77
C GLY A 27 -9.36 -7.75 1.93
N SER A 28 -8.47 -8.69 2.17
CA SER A 28 -7.46 -8.52 3.27
C SER A 28 -6.08 -8.92 2.75
N LEU A 29 -5.04 -8.37 3.33
CA LEU A 29 -3.64 -8.71 2.88
C LEU A 29 -2.83 -9.23 4.07
N SER A 30 -1.94 -10.15 3.82
CA SER A 30 -1.11 -10.71 4.93
C SER A 30 0.03 -9.77 5.29
N GLY A 31 0.63 -9.97 6.45
CA GLY A 31 1.75 -9.09 6.89
C GLY A 31 2.97 -9.27 5.98
N ASN A 32 3.88 -8.33 6.00
CA ASN A 32 5.09 -8.41 5.14
C ASN A 32 4.68 -8.59 3.68
N THR A 33 3.55 -8.04 3.31
CA THR A 33 3.07 -8.15 1.90
C THR A 33 3.41 -6.87 1.14
N LYS A 34 4.08 -6.98 0.04
CA LYS A 34 4.45 -5.77 -0.75
C LYS A 34 3.25 -5.30 -1.56
N VAL A 35 2.94 -4.02 -1.52
CA VAL A 35 1.77 -3.49 -2.30
C VAL A 35 2.25 -2.32 -3.15
N THR A 36 1.88 -2.33 -4.41
CA THR A 36 2.32 -1.23 -5.33
C THR A 36 1.48 0.03 -5.06
N ILE A 37 2.14 1.15 -4.98
CA ILE A 37 1.41 2.44 -4.73
C ILE A 37 1.48 3.31 -5.99
N VAL A 38 0.34 3.79 -6.43
CA VAL A 38 0.30 4.65 -7.65
C VAL A 38 -0.12 6.07 -7.25
N GLY A 39 -0.39 6.29 -5.98
CA GLY A 39 -0.79 7.65 -5.53
C GLY A 39 -1.04 7.65 -4.02
N GLU A 40 -1.43 8.78 -3.47
CA GLU A 40 -1.69 8.85 -2.00
C GLU A 40 -2.89 9.76 -1.74
N GLU A 41 -3.52 9.63 -0.59
CA GLU A 41 -4.69 10.50 -0.28
C GLU A 41 -4.84 10.63 1.24
N GLY A 42 -4.63 11.81 1.77
CA GLY A 42 -4.77 12.02 3.24
C GLY A 42 -3.81 11.11 4.00
N ALA A 43 -4.24 10.59 5.11
CA ALA A 43 -3.37 9.69 5.93
C ALA A 43 -3.50 8.25 5.44
N PHE A 44 -3.87 8.09 4.20
CA PHE A 44 -4.04 6.71 3.63
C PHE A 44 -3.29 6.63 2.30
N TYR A 45 -2.76 5.48 1.98
CA TYR A 45 -2.01 5.31 0.70
C TYR A 45 -2.87 4.57 -0.32
N LYS A 46 -2.78 4.94 -1.56
CA LYS A 46 -3.58 4.27 -2.61
C LYS A 46 -2.76 3.12 -3.20
N ILE A 47 -3.31 1.94 -3.25
CA ILE A 47 -2.57 0.77 -3.82
C ILE A 47 -3.43 0.06 -4.85
N GLU A 48 -2.82 -0.60 -5.79
CA GLU A 48 -3.60 -1.32 -6.83
C GLU A 48 -4.05 -2.68 -6.29
N TYR A 49 -5.33 -2.85 -6.05
CA TYR A 49 -5.84 -4.14 -5.52
C TYR A 49 -6.59 -4.90 -6.63
N LYS A 50 -6.11 -6.05 -7.02
CA LYS A 50 -6.78 -6.85 -8.08
C LYS A 50 -7.17 -5.93 -9.26
N GLY A 51 -8.34 -5.33 -9.19
CA GLY A 51 -8.80 -4.43 -10.29
C GLY A 51 -9.12 -3.05 -9.71
N SER A 52 -9.62 -3.01 -8.50
CA SER A 52 -9.97 -1.70 -7.87
C SER A 52 -8.75 -1.16 -7.11
N HIS A 53 -8.83 0.08 -6.69
CA HIS A 53 -7.68 0.68 -5.93
C HIS A 53 -7.96 0.56 -4.43
N GLY A 54 -7.14 -0.18 -3.72
CA GLY A 54 -7.35 -0.36 -2.26
C GLY A 54 -6.69 0.79 -1.49
N TYR A 55 -7.18 1.10 -0.32
CA TYR A 55 -6.60 2.20 0.51
C TYR A 55 -6.16 1.63 1.86
N VAL A 56 -5.02 2.04 2.35
CA VAL A 56 -4.54 1.51 3.67
C VAL A 56 -3.98 2.67 4.50
N ALA A 57 -4.02 2.53 5.79
CA ALA A 57 -3.52 3.62 6.68
C ALA A 57 -1.98 3.64 6.70
N LYS A 58 -1.40 4.80 6.83
CA LYS A 58 0.09 4.89 6.87
C LYS A 58 0.60 4.31 8.19
N GLU A 59 -0.28 4.11 9.13
CA GLU A 59 0.14 3.55 10.45
C GLU A 59 0.66 2.13 10.29
N TYR A 60 0.05 1.35 9.43
CA TYR A 60 0.49 -0.06 9.25
C TYR A 60 1.43 -0.18 8.04
N ILE A 61 1.58 0.89 7.29
CA ILE A 61 2.47 0.85 6.08
C ILE A 61 3.73 1.68 6.36
N LYS A 62 4.89 1.11 6.13
CA LYS A 62 6.15 1.86 6.39
C LYS A 62 7.21 1.46 5.35
N ASP A 63 8.38 2.02 5.46
CA ASP A 63 9.47 1.69 4.50
C ASP A 63 9.03 2.08 3.08
N ILE A 64 8.49 3.26 2.94
CA ILE A 64 8.04 3.71 1.59
C ILE A 64 9.27 4.09 0.75
N LYS A 65 9.36 3.59 -0.46
CA LYS A 65 10.54 3.91 -1.33
C LYS A 65 10.12 4.88 -2.44
N ASP A 66 11.03 5.74 -2.82
CA ASP A 66 10.72 6.72 -3.91
C ASP A 66 10.68 6.02 -5.26
N GLU A 67 9.88 6.51 -6.17
CA GLU A 67 9.79 5.87 -7.51
C GLU A 67 11.16 5.91 -8.20
N VAL A 68 11.51 7.03 -8.79
CA VAL A 68 12.82 7.12 -9.49
C VAL A 68 13.93 7.46 -8.50
N LEU A 69 15.02 6.75 -8.57
CA LEU A 69 16.16 7.01 -7.63
C LEU A 69 17.08 8.09 -8.24
N GLU A 70 16.77 8.54 -9.43
CA GLU A 70 17.63 9.57 -10.08
C GLU A 70 17.34 10.93 -9.45
N HIS A 71 18.39 11.67 -9.16
CA HIS A 71 18.22 13.03 -8.56
C HIS A 71 18.50 14.09 -9.63
N HIS A 72 18.56 13.68 -10.87
CA HIS A 72 18.84 14.63 -11.97
C HIS A 72 20.14 15.39 -11.70
N HIS A 73 20.83 15.02 -10.65
CA HIS A 73 22.12 15.71 -10.33
C HIS A 73 23.12 14.69 -9.79
N HIS A 74 24.20 14.48 -10.48
CA HIS A 74 25.21 13.50 -10.00
C HIS A 74 26.50 13.67 -10.80
N HIS A 75 27.33 14.59 -10.38
CA HIS A 75 28.61 14.84 -11.12
C HIS A 75 29.52 13.61 -11.02
N HIS A 76 29.61 13.04 -9.86
CA HIS A 76 30.48 11.84 -9.67
C HIS A 76 30.08 10.74 -10.66
N ALA A 1 4.80 6.87 -11.76
CA ALA A 1 5.57 6.86 -10.48
C ALA A 1 5.20 5.60 -9.69
N GLU A 2 5.98 4.56 -9.82
CA GLU A 2 5.69 3.30 -9.09
C GLU A 2 6.35 3.32 -7.71
N LYS A 3 5.61 2.96 -6.69
CA LYS A 3 6.19 2.94 -5.31
C LYS A 3 5.72 1.67 -4.60
N THR A 4 6.50 1.18 -3.67
CA THR A 4 6.12 -0.06 -2.93
C THR A 4 6.07 0.22 -1.43
N GLY A 5 5.06 -0.31 -0.77
CA GLY A 5 4.92 -0.10 0.70
C GLY A 5 4.96 -1.44 1.41
N ILE A 6 5.76 -1.56 2.45
CA ILE A 6 5.85 -2.85 3.19
C ILE A 6 4.76 -2.89 4.26
N VAL A 7 3.92 -3.89 4.21
CA VAL A 7 2.82 -4.00 5.22
C VAL A 7 3.37 -4.57 6.52
N ASN A 8 3.06 -3.94 7.63
CA ASN A 8 3.53 -4.43 8.96
C ASN A 8 2.33 -4.72 9.86
N VAL A 9 1.98 -5.97 9.99
CA VAL A 9 0.81 -6.34 10.86
C VAL A 9 1.12 -7.60 11.65
N SER A 10 0.38 -7.83 12.71
CA SER A 10 0.61 -9.04 13.54
C SER A 10 -0.09 -10.23 12.89
N SER A 11 -0.92 -9.99 11.90
CA SER A 11 -1.62 -11.11 11.21
C SER A 11 -1.87 -10.72 9.74
N SER A 12 -2.74 -9.79 9.51
CA SER A 12 -3.03 -9.37 8.10
C SER A 12 -3.54 -7.93 8.07
N LEU A 13 -3.62 -7.35 6.89
CA LEU A 13 -4.10 -5.94 6.76
C LEU A 13 -5.41 -5.92 5.97
N ASN A 14 -6.39 -5.24 6.48
CA ASN A 14 -7.71 -5.17 5.78
C ASN A 14 -7.68 -4.08 4.71
N VAL A 15 -8.19 -4.38 3.54
CA VAL A 15 -8.20 -3.38 2.43
C VAL A 15 -9.51 -2.58 2.50
N ARG A 16 -9.43 -1.27 2.43
CA ARG A 16 -10.66 -0.42 2.50
C ARG A 16 -11.00 0.13 1.11
N GLU A 17 -12.23 0.05 0.73
CA GLU A 17 -12.66 0.55 -0.60
C GLU A 17 -12.52 2.08 -0.64
N GLY A 18 -13.00 2.74 0.38
CA GLY A 18 -12.93 4.24 0.42
C GLY A 18 -11.75 4.69 1.28
N ALA A 19 -11.55 5.97 1.38
CA ALA A 19 -10.43 6.51 2.21
C ALA A 19 -10.96 6.80 3.62
N SER A 20 -12.06 6.18 3.98
CA SER A 20 -12.65 6.42 5.32
C SER A 20 -11.91 5.62 6.40
N THR A 21 -12.12 5.95 7.64
CA THR A 21 -11.44 5.23 8.75
C THR A 21 -11.87 3.76 8.75
N SER A 22 -13.15 3.51 8.65
CA SER A 22 -13.67 2.11 8.66
C SER A 22 -14.59 1.90 7.46
N SER A 23 -14.03 1.86 6.28
CA SER A 23 -14.85 1.66 5.05
C SER A 23 -15.15 0.18 4.84
N LYS A 24 -15.87 -0.14 3.79
CA LYS A 24 -16.22 -1.56 3.52
C LYS A 24 -14.97 -2.37 3.17
N VAL A 25 -14.82 -3.52 3.77
CA VAL A 25 -13.64 -4.36 3.48
C VAL A 25 -13.87 -5.15 2.19
N ILE A 26 -12.93 -5.09 1.28
CA ILE A 26 -13.07 -5.82 -0.02
C ILE A 26 -12.07 -6.99 -0.05
N GLY A 27 -11.24 -7.10 0.94
CA GLY A 27 -10.27 -8.24 0.95
C GLY A 27 -9.17 -7.98 1.99
N SER A 28 -8.28 -8.92 2.15
CA SER A 28 -7.16 -8.77 3.14
C SER A 28 -5.84 -9.13 2.48
N LEU A 29 -4.75 -8.61 3.01
CA LEU A 29 -3.40 -8.89 2.42
C LEU A 29 -2.49 -9.50 3.49
N SER A 30 -1.57 -10.32 3.08
CA SER A 30 -0.64 -10.96 4.04
C SER A 30 0.36 -9.93 4.58
N GLY A 31 0.85 -10.14 5.78
CA GLY A 31 1.80 -9.19 6.39
C GLY A 31 3.14 -9.20 5.64
N ASN A 32 3.94 -8.19 5.85
CA ASN A 32 5.27 -8.08 5.19
C ASN A 32 5.10 -8.16 3.67
N THR A 33 3.87 -8.19 3.21
CA THR A 33 3.65 -8.26 1.73
C THR A 33 3.77 -6.86 1.11
N LYS A 34 4.42 -6.77 -0.01
CA LYS A 34 4.59 -5.45 -0.69
C LYS A 34 3.37 -5.15 -1.55
N VAL A 35 2.92 -3.91 -1.56
CA VAL A 35 1.74 -3.52 -2.39
C VAL A 35 2.10 -2.33 -3.27
N THR A 36 1.79 -2.40 -4.53
CA THR A 36 2.11 -1.28 -5.45
C THR A 36 1.33 -0.04 -5.07
N ILE A 37 2.00 1.07 -4.91
CA ILE A 37 1.32 2.35 -4.56
C ILE A 37 1.48 3.35 -5.69
N VAL A 38 0.38 3.87 -6.18
CA VAL A 38 0.42 4.87 -7.28
C VAL A 38 -0.07 6.22 -6.73
N GLY A 39 -1.17 6.23 -6.04
CA GLY A 39 -1.71 7.51 -5.48
C GLY A 39 -1.25 7.71 -4.04
N GLU A 40 -1.34 8.91 -3.55
CA GLU A 40 -0.92 9.20 -2.14
C GLU A 40 -1.88 10.20 -1.52
N GLU A 41 -2.44 9.87 -0.39
CA GLU A 41 -3.41 10.80 0.29
C GLU A 41 -2.81 11.25 1.63
N GLY A 42 -3.02 12.48 2.00
CA GLY A 42 -2.46 13.00 3.28
C GLY A 42 -3.11 12.28 4.47
N ALA A 43 -2.96 10.99 4.54
CA ALA A 43 -3.54 10.20 5.67
C ALA A 43 -3.64 8.73 5.25
N PHE A 44 -3.86 8.48 3.97
CA PHE A 44 -3.99 7.07 3.49
C PHE A 44 -3.17 6.87 2.21
N TYR A 45 -2.88 5.64 1.88
CA TYR A 45 -2.09 5.35 0.65
C TYR A 45 -2.96 4.58 -0.35
N LYS A 46 -2.83 4.91 -1.61
CA LYS A 46 -3.64 4.23 -2.65
C LYS A 46 -2.87 3.01 -3.17
N ILE A 47 -3.50 1.87 -3.21
CA ILE A 47 -2.82 0.63 -3.69
C ILE A 47 -3.65 -0.04 -4.78
N GLU A 48 -3.02 -0.83 -5.61
CA GLU A 48 -3.74 -1.51 -6.72
C GLU A 48 -4.32 -2.84 -6.21
N TYR A 49 -5.56 -2.83 -5.78
CA TYR A 49 -6.20 -4.07 -5.28
C TYR A 49 -6.82 -4.83 -6.46
N LYS A 50 -6.71 -6.14 -6.45
CA LYS A 50 -7.27 -6.94 -7.57
C LYS A 50 -8.76 -6.62 -7.75
N GLY A 51 -9.07 -5.79 -8.72
CA GLY A 51 -10.49 -5.41 -8.98
C GLY A 51 -10.63 -3.89 -8.95
N SER A 52 -9.86 -3.24 -8.11
CA SER A 52 -9.96 -1.76 -8.04
C SER A 52 -8.82 -1.21 -7.16
N HIS A 53 -8.89 0.06 -6.81
CA HIS A 53 -7.83 0.67 -5.96
C HIS A 53 -8.31 0.75 -4.51
N GLY A 54 -7.61 0.11 -3.60
CA GLY A 54 -8.01 0.13 -2.17
C GLY A 54 -7.20 1.17 -1.42
N TYR A 55 -7.67 1.58 -0.27
CA TYR A 55 -6.95 2.60 0.55
C TYR A 55 -6.54 2.00 1.89
N VAL A 56 -5.43 2.42 2.42
CA VAL A 56 -4.95 1.88 3.73
C VAL A 56 -4.38 3.01 4.59
N ALA A 57 -4.42 2.85 5.88
CA ALA A 57 -3.89 3.92 6.79
C ALA A 57 -2.36 3.94 6.76
N LYS A 58 -1.78 5.10 6.80
CA LYS A 58 -0.30 5.22 6.79
C LYS A 58 0.30 4.60 8.07
N GLU A 59 -0.54 4.31 9.03
CA GLU A 59 -0.03 3.71 10.30
C GLU A 59 0.47 2.28 10.06
N TYR A 60 -0.17 1.54 9.20
CA TYR A 60 0.27 0.14 8.94
C TYR A 60 1.24 0.09 7.76
N ILE A 61 1.57 1.22 7.19
CA ILE A 61 2.51 1.25 6.03
C ILE A 61 3.87 1.77 6.49
N LYS A 62 4.92 1.06 6.17
CA LYS A 62 6.28 1.49 6.58
C LYS A 62 7.30 1.14 5.49
N ASP A 63 8.40 1.84 5.47
CA ASP A 63 9.46 1.58 4.45
C ASP A 63 8.93 1.91 3.05
N ILE A 64 8.26 3.03 2.93
CA ILE A 64 7.70 3.43 1.61
C ILE A 64 8.83 3.76 0.63
N LYS A 65 8.63 3.48 -0.64
CA LYS A 65 9.70 3.75 -1.65
C LYS A 65 9.71 5.23 -2.04
N ASP A 66 10.88 5.78 -2.20
CA ASP A 66 11.02 7.23 -2.56
C ASP A 66 10.39 7.50 -3.93
N GLU A 67 9.79 8.66 -4.09
CA GLU A 67 9.14 9.03 -5.39
C GLU A 67 9.60 10.44 -5.77
N VAL A 68 8.95 11.45 -5.24
CA VAL A 68 9.34 12.84 -5.57
C VAL A 68 8.65 13.81 -4.60
N LEU A 69 9.40 14.73 -4.04
CA LEU A 69 8.81 15.70 -3.08
C LEU A 69 8.07 16.82 -3.83
N GLU A 70 6.96 17.25 -3.29
CA GLU A 70 6.17 18.33 -3.93
C GLU A 70 5.83 17.96 -5.38
N HIS A 71 4.61 17.56 -5.60
CA HIS A 71 4.19 17.17 -6.98
C HIS A 71 3.98 18.45 -7.81
N HIS A 72 3.99 19.59 -7.16
CA HIS A 72 3.81 20.88 -7.87
C HIS A 72 2.45 20.91 -8.58
N HIS A 73 1.48 21.53 -7.98
CA HIS A 73 0.12 21.61 -8.59
C HIS A 73 0.11 22.73 -9.63
N HIS A 74 1.22 23.40 -9.83
CA HIS A 74 1.27 24.50 -10.84
C HIS A 74 2.66 24.59 -11.45
N HIS A 75 2.77 25.28 -12.55
CA HIS A 75 4.09 25.44 -13.23
C HIS A 75 4.50 26.91 -13.19
N HIS A 76 5.75 27.18 -12.95
CA HIS A 76 6.22 28.59 -12.88
C HIS A 76 7.73 28.63 -13.14
N ALA A 1 6.18 8.24 -10.56
CA ALA A 1 6.83 8.14 -9.23
C ALA A 1 6.28 6.90 -8.50
N GLU A 2 6.51 5.75 -9.05
CA GLU A 2 6.00 4.49 -8.43
C GLU A 2 6.72 4.22 -7.11
N LYS A 3 5.98 3.81 -6.12
CA LYS A 3 6.59 3.51 -4.79
C LYS A 3 5.97 2.23 -4.23
N THR A 4 6.70 1.52 -3.40
CA THR A 4 6.15 0.26 -2.81
C THR A 4 6.19 0.37 -1.28
N GLY A 5 5.06 0.17 -0.66
CA GLY A 5 4.97 0.26 0.83
C GLY A 5 4.94 -1.14 1.44
N ILE A 6 5.73 -1.35 2.46
CA ILE A 6 5.76 -2.69 3.12
C ILE A 6 4.64 -2.79 4.15
N VAL A 7 3.84 -3.82 4.05
CA VAL A 7 2.71 -4.00 5.02
C VAL A 7 3.25 -4.65 6.29
N ASN A 8 3.52 -3.87 7.30
CA ASN A 8 4.05 -4.44 8.58
C ASN A 8 2.93 -4.52 9.61
N VAL A 9 2.47 -5.72 9.89
CA VAL A 9 1.37 -5.88 10.90
C VAL A 9 1.64 -7.14 11.74
N SER A 10 1.30 -7.08 13.00
CA SER A 10 1.52 -8.26 13.89
C SER A 10 0.60 -9.40 13.45
N SER A 11 -0.37 -9.12 12.62
CA SER A 11 -1.31 -10.18 12.16
C SER A 11 -1.65 -10.00 10.68
N SER A 12 -2.82 -9.49 10.39
CA SER A 12 -3.23 -9.28 8.97
C SER A 12 -3.71 -7.85 8.76
N LEU A 13 -3.66 -7.40 7.54
CA LEU A 13 -4.10 -6.00 7.22
C LEU A 13 -5.37 -6.03 6.35
N ASN A 14 -6.37 -5.30 6.76
CA ASN A 14 -7.65 -5.26 5.99
C ASN A 14 -7.55 -4.22 4.87
N VAL A 15 -8.26 -4.44 3.80
CA VAL A 15 -8.22 -3.46 2.66
C VAL A 15 -9.51 -2.65 2.65
N ARG A 16 -9.38 -1.35 2.58
CA ARG A 16 -10.59 -0.46 2.57
C ARG A 16 -10.83 0.08 1.16
N GLU A 17 -12.04 0.01 0.70
CA GLU A 17 -12.37 0.51 -0.66
C GLU A 17 -12.30 2.04 -0.67
N GLY A 18 -12.74 2.65 0.41
CA GLY A 18 -12.72 4.14 0.49
C GLY A 18 -11.52 4.60 1.30
N ALA A 19 -11.37 5.90 1.45
CA ALA A 19 -10.22 6.44 2.25
C ALA A 19 -10.70 6.68 3.69
N SER A 20 -11.95 6.41 3.95
CA SER A 20 -12.48 6.63 5.33
C SER A 20 -12.17 5.41 6.22
N THR A 21 -12.00 5.63 7.49
CA THR A 21 -11.70 4.51 8.42
C THR A 21 -12.89 3.54 8.49
N SER A 22 -14.08 4.06 8.58
CA SER A 22 -15.29 3.19 8.66
C SER A 22 -15.63 2.67 7.26
N SER A 23 -14.72 2.76 6.34
CA SER A 23 -14.98 2.29 4.95
C SER A 23 -15.22 0.78 4.95
N LYS A 24 -16.02 0.32 4.03
CA LYS A 24 -16.32 -1.14 3.95
C LYS A 24 -15.10 -1.91 3.45
N VAL A 25 -14.85 -3.03 4.06
CA VAL A 25 -13.68 -3.87 3.66
C VAL A 25 -14.08 -4.80 2.51
N ILE A 26 -13.30 -4.82 1.47
CA ILE A 26 -13.59 -5.71 0.31
C ILE A 26 -12.62 -6.91 0.35
N GLY A 27 -11.71 -6.90 1.29
CA GLY A 27 -10.74 -8.04 1.37
C GLY A 27 -9.65 -7.73 2.39
N SER A 28 -8.57 -8.47 2.35
CA SER A 28 -7.45 -8.24 3.32
C SER A 28 -6.15 -8.77 2.74
N LEU A 29 -5.02 -8.36 3.28
CA LEU A 29 -3.69 -8.83 2.78
C LEU A 29 -2.89 -9.44 3.92
N SER A 30 -2.03 -10.37 3.60
CA SER A 30 -1.21 -11.04 4.63
C SER A 30 -0.06 -10.13 5.10
N GLY A 31 0.54 -10.47 6.20
CA GLY A 31 1.65 -9.66 6.74
C GLY A 31 2.86 -9.64 5.78
N ASN A 32 3.63 -8.57 5.86
CA ASN A 32 4.83 -8.42 4.99
C ASN A 32 4.42 -8.48 3.51
N THR A 33 3.23 -8.02 3.20
CA THR A 33 2.78 -8.02 1.78
C THR A 33 3.19 -6.71 1.10
N LYS A 34 3.86 -6.80 -0.01
CA LYS A 34 4.30 -5.58 -0.73
C LYS A 34 3.15 -5.05 -1.58
N VAL A 35 2.90 -3.76 -1.52
CA VAL A 35 1.79 -3.16 -2.32
C VAL A 35 2.31 -2.01 -3.17
N THR A 36 1.94 -1.98 -4.42
CA THR A 36 2.41 -0.90 -5.33
C THR A 36 1.57 0.36 -5.10
N ILE A 37 2.21 1.46 -4.88
CA ILE A 37 1.49 2.74 -4.65
C ILE A 37 1.60 3.63 -5.90
N VAL A 38 0.49 4.08 -6.41
CA VAL A 38 0.49 4.96 -7.61
C VAL A 38 0.01 6.35 -7.19
N GLY A 39 -0.35 6.52 -5.95
CA GLY A 39 -0.82 7.85 -5.49
C GLY A 39 -1.04 7.86 -3.97
N GLU A 40 -1.42 8.99 -3.42
CA GLU A 40 -1.63 9.07 -1.95
C GLU A 40 -2.84 9.96 -1.65
N GLU A 41 -3.41 9.82 -0.49
CA GLU A 41 -4.59 10.66 -0.13
C GLU A 41 -4.66 10.78 1.40
N GLY A 42 -4.38 11.95 1.90
CA GLY A 42 -4.43 12.19 3.38
C GLY A 42 -3.54 11.18 4.12
N ALA A 43 -4.04 10.66 5.20
CA ALA A 43 -3.24 9.68 5.99
C ALA A 43 -3.44 8.29 5.40
N PHE A 44 -3.81 8.21 4.15
CA PHE A 44 -4.03 6.88 3.50
C PHE A 44 -3.29 6.82 2.17
N TYR A 45 -2.78 5.66 1.83
CA TYR A 45 -2.05 5.50 0.54
C TYR A 45 -2.89 4.68 -0.43
N LYS A 46 -2.88 5.07 -1.68
CA LYS A 46 -3.67 4.33 -2.70
C LYS A 46 -2.81 3.22 -3.31
N ILE A 47 -3.33 2.03 -3.36
CA ILE A 47 -2.57 0.88 -3.94
C ILE A 47 -3.42 0.16 -4.98
N GLU A 48 -2.78 -0.47 -5.92
CA GLU A 48 -3.53 -1.20 -6.98
C GLU A 48 -3.98 -2.57 -6.45
N TYR A 49 -5.21 -2.67 -6.04
CA TYR A 49 -5.72 -3.97 -5.51
C TYR A 49 -6.11 -4.90 -6.65
N LYS A 50 -5.89 -6.17 -6.50
CA LYS A 50 -6.24 -7.14 -7.57
C LYS A 50 -7.65 -6.87 -8.10
N GLY A 51 -8.59 -6.68 -7.22
CA GLY A 51 -9.99 -6.40 -7.68
C GLY A 51 -10.06 -5.00 -8.31
N SER A 52 -9.38 -4.05 -7.73
CA SER A 52 -9.41 -2.67 -8.29
C SER A 52 -8.36 -1.81 -7.57
N HIS A 53 -8.82 -0.86 -6.77
CA HIS A 53 -7.88 0.02 -6.02
C HIS A 53 -8.24 0.01 -4.53
N GLY A 54 -7.38 -0.55 -3.73
CA GLY A 54 -7.64 -0.62 -2.26
C GLY A 54 -6.89 0.51 -1.55
N TYR A 55 -7.38 0.92 -0.41
CA TYR A 55 -6.71 2.02 0.36
C TYR A 55 -6.31 1.51 1.75
N VAL A 56 -5.16 1.89 2.21
CA VAL A 56 -4.68 1.45 3.56
C VAL A 56 -4.08 2.65 4.29
N ALA A 57 -4.12 2.62 5.60
CA ALA A 57 -3.58 3.74 6.40
C ALA A 57 -2.04 3.70 6.42
N LYS A 58 -1.43 4.84 6.52
CA LYS A 58 0.06 4.90 6.56
C LYS A 58 0.58 4.25 7.84
N GLU A 59 -0.28 4.04 8.79
CA GLU A 59 0.14 3.40 10.08
C GLU A 59 0.56 1.95 9.84
N TYR A 60 -0.10 1.28 8.95
CA TYR A 60 0.24 -0.15 8.68
C TYR A 60 1.27 -0.22 7.55
N ILE A 61 1.65 0.92 7.02
CA ILE A 61 2.66 0.94 5.91
C ILE A 61 3.95 1.57 6.42
N LYS A 62 5.06 0.92 6.16
CA LYS A 62 6.38 1.44 6.63
C LYS A 62 7.36 1.44 5.46
N ASP A 63 8.39 2.24 5.55
CA ASP A 63 9.41 2.32 4.47
C ASP A 63 8.89 3.19 3.34
N ILE A 64 7.79 2.82 2.75
CA ILE A 64 7.21 3.61 1.63
C ILE A 64 8.33 4.02 0.66
N LYS A 65 8.93 3.05 0.01
CA LYS A 65 10.04 3.36 -0.93
C LYS A 65 9.97 2.44 -2.16
N ASP A 66 10.32 2.96 -3.29
CA ASP A 66 10.28 2.15 -4.54
C ASP A 66 11.27 0.98 -4.45
N GLU A 67 10.86 -0.18 -4.89
CA GLU A 67 11.74 -1.38 -4.83
C GLU A 67 13.11 -1.08 -5.44
N VAL A 68 14.15 -1.63 -4.88
CA VAL A 68 15.53 -1.39 -5.39
C VAL A 68 16.02 -2.60 -6.19
N LEU A 69 16.53 -2.36 -7.36
CA LEU A 69 17.03 -3.47 -8.23
C LEU A 69 18.38 -3.97 -7.73
N GLU A 70 18.66 -5.22 -7.93
CA GLU A 70 19.94 -5.82 -7.46
C GLU A 70 21.12 -4.90 -7.80
N HIS A 71 22.12 -4.88 -6.95
CA HIS A 71 23.30 -4.01 -7.20
C HIS A 71 24.16 -4.57 -8.34
N HIS A 72 24.46 -3.75 -9.31
CA HIS A 72 25.29 -4.21 -10.46
C HIS A 72 25.88 -2.99 -11.18
N HIS A 73 26.76 -3.21 -12.13
CA HIS A 73 27.37 -2.09 -12.88
C HIS A 73 26.29 -1.31 -13.62
N HIS A 74 25.30 -2.01 -14.13
CA HIS A 74 24.20 -1.32 -14.86
C HIS A 74 23.42 -0.42 -13.89
N HIS A 75 23.22 -0.87 -12.69
CA HIS A 75 22.46 -0.06 -11.69
C HIS A 75 23.29 1.16 -11.28
N HIS A 76 22.70 2.31 -11.33
CA HIS A 76 23.41 3.56 -10.94
C HIS A 76 23.85 3.47 -9.47
#